data_1NUD
#
_entry.id   1NUD
#
_cell.length_a   57.54
_cell.length_b   115.37
_cell.length_c   121.39
_cell.angle_alpha   90
_cell.angle_beta   92.66
_cell.angle_gamma   90
#
_symmetry.space_group_name_H-M   'P 1 21 1'
#
loop_
_entity.id
_entity.type
_entity.pdbx_description
1 polymer 'Protein-glutamine glutamyltransferase E'
2 non-polymer 'CALCIUM ION'
3 non-polymer 'CHLORIDE ION'
4 non-polymer 'BROMIDE ION'
5 water water
#
_entity_poly.entity_id   1
_entity_poly.type   'polypeptide(L)'
_entity_poly.pdbx_seq_one_letter_code
;AALGVQSINWQTAFNRQAHHTDKFSSQELILRRGQNFQVLMIMNKGLGSNERLEFIVSTGPYPSESAMTKAVFPLSNGSS
GGWSAVLQASNGNTLTISISSPASAPIGRYTMALQIFSQGGISSVKLGTFILLFNPWLNVDSVFMGNHAEREEYVQEDAG
IIFVGSTNRIGMIGWNFGQFEEDILSICLSILDRSLNFRRDAATDVASRNDPKYVGRVLSAMINSNDDNGVLAGNWSGTY
TGGRDPRSWDGSVEILKNWKKSGLSPVRYGQCWVFAGTLNTALRSLGIPSRVITNFNSAHDTDRNLSVDVYYDPMGNPLD
KGSDSVWNFHVWNEGWFVRSDLGPSYGGWQVLDATPQERSQGVFQCGPASVIGVREGDVQLNFDMPFIFAEVNADRITWL
YDNTTGKQWKNSVNSHTIGRYISTKAVGSNARMDVTDKYKYPEGSDQERQVFQKALGKLKPNTPFAATSSMGLETEEQEP
SIIGKLKVAGMLAVGKEVNLVLLLKNLSRDTKTVTVNMTAWTIIYNGTLVHEVWKDSATMSLDPEEEAEHPIKISYAQYE
RYLKSDNMIRITAVCKVPDESEVVVERDIILDNPTLTLEVLNEARVRKPVNVQMLFSNPLDEPVRDCVLMVEGSGLLLGN
LKIDVPTLGPKERSRVRFDILPSRSGTKQLLADFSCNKFPAIKAMLSIDVAE
;
_entity_poly.pdbx_strand_id   A,B
#
loop_
_chem_comp.id
_chem_comp.type
_chem_comp.name
_chem_comp.formula
BR non-polymer 'BROMIDE ION' 'Br -1'
CA non-polymer 'CALCIUM ION' 'Ca 2'
CL non-polymer 'CHLORIDE ION' 'Cl -1'
#
# COMPACT_ATOMS: atom_id res chain seq x y z
N ALA A 1 -10.68 -32.76 -92.37
CA ALA A 1 -11.17 -31.77 -91.37
C ALA A 1 -10.13 -31.48 -90.29
N ALA A 2 -10.20 -30.28 -89.72
CA ALA A 2 -9.27 -29.86 -88.67
C ALA A 2 -9.69 -30.43 -87.32
N LEU A 3 -8.70 -30.80 -86.52
CA LEU A 3 -8.93 -31.40 -85.21
C LEU A 3 -9.60 -30.45 -84.20
N GLY A 4 -10.62 -30.96 -83.52
CA GLY A 4 -11.35 -30.18 -82.53
C GLY A 4 -11.91 -31.06 -81.42
N VAL A 5 -12.31 -30.44 -80.31
CA VAL A 5 -12.87 -31.16 -79.17
C VAL A 5 -14.37 -31.32 -79.31
N GLN A 6 -14.84 -32.56 -79.37
CA GLN A 6 -16.27 -32.81 -79.49
C GLN A 6 -16.93 -32.58 -78.12
N SER A 7 -16.33 -33.11 -77.06
CA SER A 7 -16.86 -32.94 -75.71
C SER A 7 -15.79 -33.28 -74.68
N ILE A 8 -16.06 -32.95 -73.43
CA ILE A 8 -15.10 -33.26 -72.37
C ILE A 8 -15.79 -33.75 -71.12
N ASN A 9 -15.28 -34.85 -70.56
CA ASN A 9 -15.82 -35.47 -69.35
C ASN A 9 -14.85 -35.25 -68.18
N TRP A 10 -15.20 -34.36 -67.26
CA TRP A 10 -14.32 -34.07 -66.13
C TRP A 10 -14.26 -35.17 -65.05
N GLN A 11 -15.12 -36.17 -65.17
CA GLN A 11 -15.16 -37.25 -64.19
C GLN A 11 -15.09 -36.64 -62.78
N THR A 12 -15.93 -35.63 -62.57
CA THR A 12 -16.01 -34.92 -61.30
C THR A 12 -16.08 -35.81 -60.06
N ALA A 13 -16.99 -36.78 -60.07
CA ALA A 13 -17.14 -37.68 -58.93
C ALA A 13 -15.80 -38.31 -58.57
N PHE A 14 -15.24 -39.07 -59.51
CA PHE A 14 -13.97 -39.75 -59.33
C PHE A 14 -12.86 -38.82 -58.81
N ASN A 15 -12.50 -37.81 -59.61
CA ASN A 15 -11.45 -36.88 -59.20
C ASN A 15 -11.70 -36.27 -57.81
N ARG A 16 -12.92 -35.77 -57.58
CA ARG A 16 -13.22 -35.17 -56.30
C ARG A 16 -13.03 -36.14 -55.14
N GLN A 17 -13.47 -37.38 -55.32
CA GLN A 17 -13.33 -38.36 -54.28
C GLN A 17 -11.83 -38.57 -54.04
N ALA A 18 -11.07 -38.70 -55.12
CA ALA A 18 -9.63 -38.90 -55.05
C ALA A 18 -8.91 -37.67 -54.49
N HIS A 19 -9.52 -36.51 -54.67
CA HIS A 19 -8.93 -35.27 -54.18
C HIS A 19 -9.50 -34.86 -52.82
N HIS A 20 -10.26 -35.77 -52.20
CA HIS A 20 -10.85 -35.51 -50.89
C HIS A 20 -11.55 -34.16 -50.86
N THR A 21 -12.36 -33.91 -51.87
CA THR A 21 -13.09 -32.65 -51.96
C THR A 21 -14.54 -32.95 -52.31
N ASP A 22 -14.93 -34.21 -52.13
CA ASP A 22 -16.30 -34.62 -52.43
C ASP A 22 -17.32 -34.18 -51.39
N LYS A 23 -16.89 -33.84 -50.19
CA LYS A 23 -17.84 -33.41 -49.18
C LYS A 23 -18.54 -32.10 -49.52
N PHE A 24 -17.90 -31.26 -50.33
CA PHE A 24 -18.51 -29.97 -50.69
C PHE A 24 -19.81 -30.16 -51.46
N SER A 25 -20.78 -29.29 -51.18
CA SER A 25 -22.07 -29.36 -51.84
C SER A 25 -22.02 -28.88 -53.30
N SER A 26 -21.11 -27.97 -53.60
CA SER A 26 -20.99 -27.46 -54.97
C SER A 26 -21.00 -28.59 -55.98
N GLN A 27 -21.30 -28.24 -57.23
CA GLN A 27 -21.36 -29.19 -58.33
C GLN A 27 -20.09 -29.06 -59.17
N GLU A 28 -19.37 -27.98 -58.95
CA GLU A 28 -18.14 -27.69 -59.69
C GLU A 28 -17.04 -28.72 -59.50
N LEU A 29 -15.96 -28.54 -60.25
CA LEU A 29 -14.82 -29.44 -60.15
C LEU A 29 -13.89 -28.85 -59.09
N ILE A 30 -13.85 -29.46 -57.91
CA ILE A 30 -12.99 -28.98 -56.83
C ILE A 30 -11.77 -29.90 -56.68
N LEU A 31 -10.59 -29.34 -56.89
CA LEU A 31 -9.35 -30.09 -56.80
C LEU A 31 -8.35 -29.43 -55.85
N ARG A 32 -7.28 -30.15 -55.53
CA ARG A 32 -6.23 -29.66 -54.66
C ARG A 32 -4.93 -29.74 -55.45
N ARG A 33 -4.15 -28.66 -55.38
CA ARG A 33 -2.89 -28.57 -56.10
C ARG A 33 -1.89 -29.68 -55.83
N GLY A 34 -1.07 -29.95 -56.84
CA GLY A 34 -0.03 -30.97 -56.75
C GLY A 34 -0.53 -32.39 -56.90
N GLN A 35 -1.76 -32.55 -57.34
CA GLN A 35 -2.31 -33.88 -57.49
C GLN A 35 -2.90 -34.08 -58.89
N ASN A 36 -2.86 -35.31 -59.37
CA ASN A 36 -3.38 -35.60 -60.70
C ASN A 36 -4.88 -35.83 -60.73
N PHE A 37 -5.47 -35.54 -61.87
CA PHE A 37 -6.89 -35.79 -62.08
C PHE A 37 -7.02 -36.17 -63.53
N GLN A 38 -7.84 -37.18 -63.79
CA GLN A 38 -8.01 -37.68 -65.13
C GLN A 38 -9.29 -37.20 -65.80
N VAL A 39 -9.19 -36.84 -67.08
CA VAL A 39 -10.33 -36.36 -67.86
C VAL A 39 -10.44 -37.11 -69.19
N LEU A 40 -11.66 -37.16 -69.73
CA LEU A 40 -11.91 -37.82 -71.01
C LEU A 40 -12.21 -36.77 -72.05
N MET A 41 -11.43 -36.74 -73.11
CA MET A 41 -11.62 -35.75 -74.16
C MET A 41 -11.94 -36.40 -75.50
N ILE A 42 -13.21 -36.40 -75.86
CA ILE A 42 -13.62 -36.97 -77.14
C ILE A 42 -13.40 -35.95 -78.26
N MET A 43 -12.44 -36.25 -79.14
CA MET A 43 -12.13 -35.37 -80.27
C MET A 43 -13.01 -35.75 -81.47
N ASN A 44 -13.14 -34.83 -82.42
CA ASN A 44 -13.94 -35.10 -83.61
C ASN A 44 -13.27 -36.17 -84.48
N LYS A 45 -11.97 -36.36 -84.27
CA LYS A 45 -11.21 -37.35 -85.03
C LYS A 45 -10.07 -37.91 -84.19
N GLY A 46 -9.20 -38.69 -84.84
CA GLY A 46 -8.06 -39.29 -84.17
C GLY A 46 -6.85 -38.37 -84.21
N LEU A 47 -5.95 -38.55 -83.25
CA LEU A 47 -4.76 -37.70 -83.15
C LEU A 47 -3.65 -38.01 -84.15
N GLY A 48 -3.09 -36.97 -84.73
CA GLY A 48 -2.03 -37.12 -85.72
C GLY A 48 -0.63 -36.88 -85.18
N SER A 49 0.33 -37.57 -85.77
CA SER A 49 1.72 -37.46 -85.36
C SER A 49 2.23 -36.03 -85.57
N ASN A 50 1.53 -35.28 -86.41
CA ASN A 50 1.94 -33.93 -86.71
C ASN A 50 0.98 -32.87 -86.14
N GLU A 51 0.14 -33.29 -85.20
CA GLU A 51 -0.80 -32.37 -84.54
C GLU A 51 -0.35 -32.17 -83.10
N ARG A 52 -0.83 -31.11 -82.45
CA ARG A 52 -0.44 -30.84 -81.08
C ARG A 52 -1.53 -30.18 -80.26
N LEU A 53 -1.62 -30.55 -78.98
CA LEU A 53 -2.59 -30.01 -78.06
C LEU A 53 -1.91 -29.33 -76.90
N GLU A 54 -2.14 -28.03 -76.74
CA GLU A 54 -1.57 -27.27 -75.64
C GLU A 54 -2.69 -26.92 -74.65
N PHE A 55 -2.53 -27.34 -73.39
CA PHE A 55 -3.53 -27.01 -72.37
C PHE A 55 -3.19 -25.65 -71.75
N ILE A 56 -4.21 -24.87 -71.47
CA ILE A 56 -4.01 -23.55 -70.89
C ILE A 56 -4.93 -23.30 -69.71
N VAL A 57 -4.33 -23.13 -68.53
CA VAL A 57 -5.10 -22.87 -67.32
C VAL A 57 -4.66 -21.50 -66.82
N SER A 58 -5.60 -20.77 -66.22
CA SER A 58 -5.29 -19.44 -65.73
C SER A 58 -6.18 -19.06 -64.55
N THR A 59 -5.70 -18.14 -63.71
CA THR A 59 -6.48 -17.72 -62.56
C THR A 59 -6.31 -16.23 -62.31
N GLY A 60 -7.33 -15.63 -61.71
CA GLY A 60 -7.26 -14.22 -61.43
C GLY A 60 -7.40 -13.33 -62.65
N PRO A 61 -7.50 -12.02 -62.41
CA PRO A 61 -7.65 -10.98 -63.44
C PRO A 61 -6.43 -10.69 -64.32
N TYR A 62 -5.27 -11.28 -64.00
CA TYR A 62 -4.08 -11.04 -64.82
C TYR A 62 -3.21 -12.28 -64.99
N PRO A 63 -3.80 -13.37 -65.50
CA PRO A 63 -3.07 -14.63 -65.71
C PRO A 63 -1.71 -14.32 -66.28
N SER A 64 -0.69 -14.53 -65.46
CA SER A 64 0.68 -14.28 -65.86
C SER A 64 1.45 -15.59 -65.75
N GLU A 65 2.10 -15.98 -66.84
CA GLU A 65 2.86 -17.23 -66.82
C GLU A 65 3.99 -17.17 -65.80
N SER A 66 4.74 -16.07 -65.80
CA SER A 66 5.85 -15.93 -64.87
C SER A 66 5.42 -15.68 -63.43
N ALA A 67 4.13 -15.45 -63.21
CA ALA A 67 3.63 -15.23 -61.86
C ALA A 67 2.93 -16.50 -61.38
N MET A 68 3.02 -17.57 -62.18
CA MET A 68 2.40 -18.86 -61.88
C MET A 68 0.87 -18.76 -61.86
N THR A 69 0.35 -17.63 -62.30
CA THR A 69 -1.09 -17.43 -62.33
C THR A 69 -1.69 -17.89 -63.66
N LYS A 70 -0.82 -18.35 -64.55
CA LYS A 70 -1.19 -18.86 -65.87
C LYS A 70 -0.21 -19.97 -66.26
N ALA A 71 -0.71 -20.99 -66.95
CA ALA A 71 0.14 -22.08 -67.39
C ALA A 71 -0.31 -22.72 -68.70
N VAL A 72 0.66 -23.04 -69.55
CA VAL A 72 0.41 -23.64 -70.86
C VAL A 72 1.29 -24.87 -71.00
N PHE A 73 0.67 -26.04 -71.01
CA PHE A 73 1.43 -27.28 -71.09
C PHE A 73 0.95 -28.22 -72.19
N PRO A 74 1.89 -28.86 -72.90
CA PRO A 74 1.59 -29.79 -73.99
C PRO A 74 1.12 -31.15 -73.51
N LEU A 75 0.41 -31.86 -74.35
CA LEU A 75 -0.05 -33.20 -74.02
C LEU A 75 1.09 -34.13 -74.45
N SER A 76 1.79 -34.71 -73.47
CA SER A 76 2.91 -35.60 -73.76
C SER A 76 2.63 -37.05 -73.38
N ASN A 77 3.67 -37.88 -73.41
CA ASN A 77 3.57 -39.29 -73.03
C ASN A 77 4.23 -39.44 -71.68
N GLY A 78 5.14 -38.52 -71.40
CA GLY A 78 5.84 -38.52 -70.14
C GLY A 78 5.25 -37.43 -69.27
N SER A 79 5.93 -37.05 -68.20
CA SER A 79 5.43 -36.02 -67.31
C SER A 79 6.49 -34.96 -67.01
N SER A 80 6.04 -33.72 -66.80
CA SER A 80 6.94 -32.61 -66.51
C SER A 80 6.54 -31.92 -65.20
N GLY A 81 7.54 -31.66 -64.35
CA GLY A 81 7.25 -31.00 -63.09
C GLY A 81 6.32 -29.81 -63.31
N GLY A 82 5.47 -29.54 -62.32
CA GLY A 82 4.54 -28.43 -62.43
C GLY A 82 3.34 -28.86 -63.25
N TRP A 83 2.70 -27.92 -63.94
CA TRP A 83 1.54 -28.27 -64.74
C TRP A 83 1.99 -29.15 -65.90
N SER A 84 1.15 -30.13 -66.24
CA SER A 84 1.43 -31.05 -67.32
C SER A 84 0.23 -31.95 -67.63
N ALA A 85 0.15 -32.37 -68.89
CA ALA A 85 -0.92 -33.24 -69.34
C ALA A 85 -0.28 -34.47 -69.97
N VAL A 86 -0.76 -35.65 -69.61
CA VAL A 86 -0.21 -36.89 -70.15
C VAL A 86 -1.24 -37.79 -70.83
N LEU A 87 -1.00 -38.12 -72.09
CA LEU A 87 -1.90 -39.01 -72.81
C LEU A 87 -1.66 -40.43 -72.32
N GLN A 88 -2.48 -40.87 -71.38
CA GLN A 88 -2.38 -42.21 -70.81
C GLN A 88 -2.95 -43.27 -71.74
N ALA A 89 -4.03 -42.95 -72.43
CA ALA A 89 -4.65 -43.89 -73.35
C ALA A 89 -5.45 -43.21 -74.44
N SER A 90 -5.49 -43.84 -75.60
CA SER A 90 -6.23 -43.32 -76.76
C SER A 90 -7.13 -44.41 -77.34
N ASN A 91 -8.44 -44.19 -77.27
CA ASN A 91 -9.39 -45.15 -77.80
C ASN A 91 -10.46 -44.41 -78.58
N GLY A 92 -10.68 -44.83 -79.83
CA GLY A 92 -11.67 -44.15 -80.66
C GLY A 92 -11.17 -42.73 -80.79
N ASN A 93 -12.05 -41.76 -80.62
CA ASN A 93 -11.61 -40.38 -80.71
C ASN A 93 -11.52 -39.81 -79.31
N THR A 94 -11.72 -40.68 -78.33
CA THR A 94 -11.66 -40.28 -76.94
C THR A 94 -10.23 -40.34 -76.40
N LEU A 95 -9.78 -39.25 -75.81
CA LEU A 95 -8.43 -39.21 -75.26
C LEU A 95 -8.49 -39.26 -73.74
N THR A 96 -7.77 -40.22 -73.14
CA THR A 96 -7.71 -40.34 -71.70
C THR A 96 -6.44 -39.60 -71.26
N ILE A 97 -6.63 -38.42 -70.71
CA ILE A 97 -5.53 -37.56 -70.30
C ILE A 97 -5.41 -37.32 -68.79
N SER A 98 -4.19 -37.43 -68.28
CA SER A 98 -3.95 -37.20 -66.86
C SER A 98 -3.29 -35.85 -66.70
N ILE A 99 -3.96 -34.92 -66.02
CA ILE A 99 -3.38 -33.60 -65.83
C ILE A 99 -2.87 -33.46 -64.41
N SER A 100 -1.81 -32.69 -64.25
CA SER A 100 -1.25 -32.48 -62.94
C SER A 100 -0.80 -31.03 -62.75
N SER A 101 -1.01 -30.51 -61.54
CA SER A 101 -0.61 -29.16 -61.21
C SER A 101 0.58 -29.22 -60.28
N PRO A 102 1.25 -28.08 -60.07
CA PRO A 102 2.41 -28.02 -59.18
C PRO A 102 1.98 -27.79 -57.73
N ALA A 103 2.66 -28.45 -56.79
CA ALA A 103 2.33 -28.31 -55.37
C ALA A 103 2.36 -26.85 -54.90
N SER A 104 2.94 -25.98 -55.73
CA SER A 104 3.09 -24.57 -55.41
C SER A 104 2.27 -23.62 -56.26
N ALA A 105 1.22 -24.14 -56.88
CA ALA A 105 0.34 -23.31 -57.69
C ALA A 105 -0.55 -22.51 -56.75
N PRO A 106 -1.06 -21.37 -57.21
CA PRO A 106 -1.93 -20.53 -56.38
C PRO A 106 -3.31 -21.18 -56.27
N ILE A 107 -3.94 -21.12 -55.09
CA ILE A 107 -5.28 -21.70 -54.95
C ILE A 107 -6.28 -20.74 -55.56
N GLY A 108 -7.52 -21.18 -55.73
CA GLY A 108 -8.55 -20.32 -56.30
C GLY A 108 -9.28 -20.85 -57.52
N ARG A 109 -10.09 -20.01 -58.13
CA ARG A 109 -10.86 -20.40 -59.32
C ARG A 109 -10.03 -20.32 -60.59
N TYR A 110 -10.08 -21.38 -61.40
CA TYR A 110 -9.35 -21.42 -62.66
C TYR A 110 -10.22 -21.61 -63.91
N THR A 111 -9.60 -21.42 -65.06
CA THR A 111 -10.26 -21.56 -66.35
C THR A 111 -9.34 -22.41 -67.19
N MET A 112 -9.88 -23.46 -67.80
CA MET A 112 -9.05 -24.30 -68.66
C MET A 112 -9.45 -24.18 -70.13
N ALA A 113 -8.45 -23.96 -70.97
CA ALA A 113 -8.65 -23.81 -72.40
C ALA A 113 -7.74 -24.77 -73.14
N LEU A 114 -8.06 -25.00 -74.41
CA LEU A 114 -7.26 -25.88 -75.24
C LEU A 114 -6.79 -25.18 -76.51
N GLN A 115 -5.52 -25.36 -76.87
CA GLN A 115 -4.95 -24.77 -78.08
C GLN A 115 -4.61 -25.99 -78.94
N ILE A 116 -5.22 -26.07 -80.13
CA ILE A 116 -5.00 -27.21 -81.01
C ILE A 116 -4.21 -26.88 -82.27
N PHE A 117 -3.14 -27.62 -82.50
CA PHE A 117 -2.28 -27.45 -83.67
C PHE A 117 -2.65 -28.52 -84.68
N SER A 118 -3.35 -28.14 -85.74
CA SER A 118 -3.77 -29.11 -86.75
C SER A 118 -3.79 -28.53 -88.16
N GLN A 119 -3.49 -29.40 -89.11
CA GLN A 119 -3.47 -29.06 -90.54
C GLN A 119 -3.03 -27.66 -90.86
N GLY A 120 -1.85 -27.28 -90.37
CA GLY A 120 -1.32 -25.96 -90.65
C GLY A 120 -1.84 -24.79 -89.85
N GLY A 121 -2.97 -24.95 -89.18
CA GLY A 121 -3.53 -23.86 -88.41
C GLY A 121 -3.49 -24.07 -86.90
N ILE A 122 -4.04 -23.11 -86.17
CA ILE A 122 -4.10 -23.15 -84.71
C ILE A 122 -5.45 -22.64 -84.23
N SER A 123 -6.12 -23.43 -83.41
CA SER A 123 -7.41 -23.00 -82.87
C SER A 123 -7.34 -23.02 -81.35
N SER A 124 -8.37 -22.47 -80.70
CA SER A 124 -8.44 -22.42 -79.23
C SER A 124 -9.88 -22.56 -78.81
N VAL A 125 -10.10 -23.22 -77.68
CA VAL A 125 -11.46 -23.40 -77.17
C VAL A 125 -11.47 -23.49 -75.65
N LYS A 126 -12.40 -22.77 -75.04
CA LYS A 126 -12.51 -22.82 -73.60
C LYS A 126 -13.04 -24.21 -73.27
N LEU A 127 -12.40 -24.89 -72.31
CA LEU A 127 -12.80 -26.25 -71.92
C LEU A 127 -13.67 -26.33 -70.68
N GLY A 128 -13.47 -25.39 -69.76
CA GLY A 128 -14.25 -25.38 -68.54
C GLY A 128 -13.54 -24.66 -67.42
N THR A 129 -14.05 -24.86 -66.20
CA THR A 129 -13.48 -24.25 -65.00
C THR A 129 -13.48 -25.24 -63.84
N PHE A 130 -12.55 -25.04 -62.91
CA PHE A 130 -12.45 -25.89 -61.73
C PHE A 130 -11.84 -25.03 -60.66
N ILE A 131 -12.09 -25.40 -59.40
CA ILE A 131 -11.54 -24.65 -58.26
C ILE A 131 -10.32 -25.43 -57.78
N LEU A 132 -9.24 -24.73 -57.43
CA LEU A 132 -8.03 -25.39 -56.96
C LEU A 132 -7.75 -25.01 -55.51
N LEU A 133 -7.50 -26.00 -54.66
CA LEU A 133 -7.27 -25.75 -53.23
C LEU A 133 -5.94 -26.28 -52.68
N PHE A 134 -5.67 -26.00 -51.40
CA PHE A 134 -4.46 -26.45 -50.74
C PHE A 134 -4.60 -27.95 -50.54
N ASN A 135 -3.48 -28.65 -50.42
CA ASN A 135 -3.49 -30.09 -50.30
C ASN A 135 -2.76 -30.69 -49.09
N PRO A 136 -3.42 -30.71 -47.92
CA PRO A 136 -2.83 -31.25 -46.68
C PRO A 136 -2.42 -32.73 -46.82
N TRP A 137 -2.86 -33.36 -47.90
CA TRP A 137 -2.55 -34.76 -48.16
C TRP A 137 -1.23 -34.91 -48.90
N LEU A 138 -0.82 -33.86 -49.62
CA LEU A 138 0.42 -33.88 -50.39
C LEU A 138 1.63 -33.56 -49.52
N ASN A 139 2.52 -34.54 -49.36
CA ASN A 139 3.73 -34.39 -48.55
C ASN A 139 4.61 -33.18 -48.90
N VAL A 140 4.46 -32.64 -50.10
CA VAL A 140 5.25 -31.49 -50.51
C VAL A 140 4.52 -30.17 -50.47
N ASP A 141 3.28 -30.16 -50.01
CA ASP A 141 2.55 -28.90 -49.94
C ASP A 141 2.99 -28.19 -48.65
N SER A 142 2.78 -26.89 -48.58
CA SER A 142 3.16 -26.14 -47.39
C SER A 142 2.29 -26.58 -46.22
N VAL A 143 1.05 -26.95 -46.52
CA VAL A 143 0.10 -27.33 -45.49
C VAL A 143 0.02 -28.81 -45.13
N PHE A 144 0.92 -29.63 -45.69
CA PHE A 144 0.94 -31.07 -45.42
C PHE A 144 0.80 -31.46 -43.94
N MET A 145 -0.08 -32.42 -43.69
CA MET A 145 -0.33 -32.95 -42.35
C MET A 145 -0.38 -34.46 -42.51
N GLY A 146 0.68 -35.14 -42.07
CA GLY A 146 0.75 -36.59 -42.20
C GLY A 146 -0.28 -37.47 -41.54
N ASN A 147 -0.65 -37.17 -40.30
CA ASN A 147 -1.61 -37.99 -39.54
C ASN A 147 -3.07 -37.93 -40.01
N HIS A 148 -3.63 -39.11 -40.32
CA HIS A 148 -5.00 -39.22 -40.79
C HIS A 148 -6.04 -38.64 -39.84
N ALA A 149 -6.06 -39.14 -38.60
CA ALA A 149 -7.01 -38.69 -37.60
C ALA A 149 -6.96 -37.18 -37.38
N GLU A 150 -5.76 -36.63 -37.43
CA GLU A 150 -5.58 -35.20 -37.26
C GLU A 150 -6.11 -34.37 -38.42
N ARG A 151 -5.70 -34.73 -39.64
CA ARG A 151 -6.13 -34.01 -40.84
C ARG A 151 -7.66 -33.99 -40.93
N GLU A 152 -8.27 -35.14 -40.64
CA GLU A 152 -9.72 -35.28 -40.65
C GLU A 152 -10.37 -34.29 -39.68
N GLU A 153 -9.71 -34.11 -38.53
CA GLU A 153 -10.21 -33.19 -37.52
C GLU A 153 -10.04 -31.75 -37.96
N TYR A 154 -8.82 -31.43 -38.38
CA TYR A 154 -8.50 -30.06 -38.74
C TYR A 154 -8.76 -29.63 -40.18
N VAL A 155 -9.41 -30.47 -40.98
CA VAL A 155 -9.71 -30.09 -42.35
C VAL A 155 -11.11 -30.54 -42.78
N GLN A 156 -11.45 -31.78 -42.46
CA GLN A 156 -12.73 -32.39 -42.85
C GLN A 156 -13.90 -32.27 -41.89
N GLU A 157 -13.62 -32.00 -40.61
CA GLU A 157 -14.68 -31.89 -39.62
C GLU A 157 -15.34 -30.53 -39.73
N ASP A 158 -16.65 -30.54 -39.93
CA ASP A 158 -17.43 -29.33 -40.10
C ASP A 158 -18.21 -28.95 -38.83
N ALA A 159 -17.94 -29.64 -37.73
CA ALA A 159 -18.60 -29.35 -36.46
C ALA A 159 -17.52 -29.09 -35.44
N GLY A 160 -17.71 -28.10 -34.57
CA GLY A 160 -16.68 -27.83 -33.59
C GLY A 160 -17.08 -27.56 -32.15
N ILE A 161 -16.06 -27.38 -31.32
CA ILE A 161 -16.23 -27.09 -29.90
C ILE A 161 -15.28 -25.97 -29.53
N ILE A 162 -15.83 -24.91 -28.96
CA ILE A 162 -15.05 -23.77 -28.53
C ILE A 162 -15.19 -23.58 -27.01
N PHE A 163 -14.07 -23.64 -26.30
CA PHE A 163 -14.14 -23.47 -24.85
C PHE A 163 -14.27 -22.00 -24.46
N VAL A 164 -15.08 -21.75 -23.44
CA VAL A 164 -15.30 -20.40 -22.94
C VAL A 164 -15.41 -20.40 -21.43
N GLY A 165 -15.78 -19.26 -20.86
CA GLY A 165 -15.90 -19.16 -19.42
C GLY A 165 -14.78 -18.37 -18.78
N SER A 166 -14.29 -18.86 -17.65
CA SER A 166 -13.23 -18.20 -16.93
C SER A 166 -12.33 -19.25 -16.29
N THR A 167 -11.18 -18.80 -15.79
CA THR A 167 -10.20 -19.68 -15.15
C THR A 167 -10.77 -20.41 -13.92
N ASN A 168 -11.91 -19.96 -13.42
CA ASN A 168 -12.52 -20.59 -12.27
C ASN A 168 -13.54 -21.60 -12.74
N ARG A 169 -13.83 -21.56 -14.04
CA ARG A 169 -14.84 -22.45 -14.56
C ARG A 169 -14.87 -22.45 -16.07
N ILE A 170 -14.38 -23.53 -16.67
CA ILE A 170 -14.34 -23.64 -18.12
C ILE A 170 -15.59 -24.27 -18.69
N GLY A 171 -16.11 -23.63 -19.73
CA GLY A 171 -17.29 -24.12 -20.39
C GLY A 171 -17.02 -24.31 -21.86
N MET A 172 -18.07 -24.59 -22.62
CA MET A 172 -17.95 -24.82 -24.06
C MET A 172 -19.23 -24.48 -24.76
N ILE A 173 -19.12 -24.12 -26.03
CA ILE A 173 -20.29 -23.82 -26.83
C ILE A 173 -20.04 -24.52 -28.15
N GLY A 174 -21.11 -25.06 -28.74
CA GLY A 174 -20.98 -25.74 -30.02
C GLY A 174 -20.92 -24.71 -31.13
N TRP A 175 -20.21 -25.02 -32.20
CA TRP A 175 -20.11 -24.09 -33.31
C TRP A 175 -20.13 -24.84 -34.62
N ASN A 176 -21.01 -24.41 -35.51
CA ASN A 176 -21.17 -25.01 -36.82
C ASN A 176 -20.27 -24.32 -37.85
N PHE A 177 -19.18 -24.99 -38.23
CA PHE A 177 -18.25 -24.44 -39.21
C PHE A 177 -18.91 -24.44 -40.60
N GLY A 178 -19.64 -25.52 -40.89
CA GLY A 178 -20.33 -25.66 -42.17
C GLY A 178 -19.56 -25.33 -43.44
N GLN A 179 -18.28 -25.67 -43.47
CA GLN A 179 -17.44 -25.40 -44.65
C GLN A 179 -17.93 -26.11 -45.91
N PHE A 180 -18.73 -27.15 -45.74
CA PHE A 180 -19.22 -27.91 -46.90
C PHE A 180 -20.61 -27.52 -47.34
N GLU A 181 -21.23 -26.60 -46.61
CA GLU A 181 -22.58 -26.18 -46.97
C GLU A 181 -22.53 -25.32 -48.22
N GLU A 182 -23.67 -25.17 -48.86
CA GLU A 182 -23.79 -24.43 -50.11
C GLU A 182 -23.36 -22.98 -50.11
N ASP A 183 -22.56 -22.64 -51.14
CA ASP A 183 -22.04 -21.29 -51.37
C ASP A 183 -20.92 -20.89 -50.39
N ILE A 184 -20.67 -21.73 -49.40
CA ILE A 184 -19.66 -21.41 -48.42
C ILE A 184 -18.23 -21.43 -48.97
N LEU A 185 -17.88 -22.45 -49.76
CA LEU A 185 -16.53 -22.49 -50.32
C LEU A 185 -16.37 -21.34 -51.28
N SER A 186 -17.41 -21.06 -52.05
CA SER A 186 -17.39 -19.98 -53.03
C SER A 186 -17.20 -18.61 -52.37
N ILE A 187 -17.99 -18.34 -51.33
CA ILE A 187 -17.91 -17.06 -50.59
C ILE A 187 -16.51 -16.86 -50.01
N CYS A 188 -15.98 -17.91 -49.38
CA CYS A 188 -14.64 -17.79 -48.82
C CYS A 188 -13.72 -17.45 -50.00
N LEU A 189 -13.75 -18.26 -51.05
CA LEU A 189 -12.93 -17.98 -52.23
C LEU A 189 -13.11 -16.52 -52.68
N SER A 190 -14.31 -15.98 -52.56
CA SER A 190 -14.55 -14.61 -52.99
C SER A 190 -14.02 -13.56 -52.02
N ILE A 191 -13.68 -13.98 -50.81
CA ILE A 191 -13.13 -13.07 -49.83
C ILE A 191 -11.77 -12.58 -50.32
N LEU A 192 -10.94 -13.52 -50.75
CA LEU A 192 -9.61 -13.18 -51.24
C LEU A 192 -9.66 -12.14 -52.35
N ASP A 193 -10.81 -12.05 -53.02
CA ASP A 193 -10.98 -11.09 -54.11
C ASP A 193 -11.57 -9.79 -53.62
N ARG A 194 -11.77 -9.69 -52.31
CA ARG A 194 -12.32 -8.47 -51.73
C ARG A 194 -11.35 -7.79 -50.77
N SER A 195 -10.29 -8.50 -50.38
CA SER A 195 -9.32 -7.96 -49.44
C SER A 195 -8.71 -6.67 -49.97
N LEU A 196 -8.10 -5.90 -49.07
CA LEU A 196 -7.45 -4.66 -49.46
C LEU A 196 -6.24 -4.97 -50.34
N ASN A 197 -5.62 -6.11 -50.07
CA ASN A 197 -4.45 -6.56 -50.81
C ASN A 197 -4.76 -6.67 -52.29
N PHE A 198 -5.87 -7.31 -52.60
CA PHE A 198 -6.30 -7.53 -53.97
C PHE A 198 -6.60 -6.19 -54.65
N ARG A 199 -7.26 -5.29 -53.92
CA ARG A 199 -7.60 -3.99 -54.48
C ARG A 199 -6.36 -3.13 -54.69
N ARG A 200 -5.31 -3.40 -53.92
CA ARG A 200 -4.08 -2.65 -54.04
C ARG A 200 -3.25 -3.18 -55.20
N ASP A 201 -3.44 -4.45 -55.54
CA ASP A 201 -2.70 -5.05 -56.64
C ASP A 201 -3.20 -6.47 -56.89
N ALA A 202 -4.31 -6.57 -57.62
CA ALA A 202 -4.92 -7.87 -57.91
C ALA A 202 -3.93 -8.87 -58.50
N ALA A 203 -3.06 -8.39 -59.39
CA ALA A 203 -2.09 -9.26 -60.04
C ALA A 203 -1.15 -9.94 -59.05
N THR A 204 -0.54 -9.13 -58.19
CA THR A 204 0.39 -9.66 -57.21
C THR A 204 -0.37 -10.44 -56.13
N ASP A 205 -1.58 -10.01 -55.84
CA ASP A 205 -2.36 -10.72 -54.83
C ASP A 205 -2.66 -12.17 -55.26
N VAL A 206 -3.30 -12.33 -56.41
CA VAL A 206 -3.64 -13.67 -56.90
C VAL A 206 -2.39 -14.53 -56.99
N ALA A 207 -1.25 -13.91 -57.24
CA ALA A 207 0.00 -14.66 -57.35
C ALA A 207 0.50 -15.14 -55.99
N SER A 208 0.09 -14.44 -54.93
CA SER A 208 0.51 -14.80 -53.57
C SER A 208 -0.40 -15.84 -52.90
N ARG A 209 -1.44 -16.26 -53.61
CA ARG A 209 -2.39 -17.22 -53.09
C ARG A 209 -1.88 -18.65 -53.11
N ASN A 210 -0.59 -18.80 -53.36
CA ASN A 210 0.03 -20.12 -53.38
C ASN A 210 0.73 -20.29 -52.04
N ASP A 211 0.58 -19.29 -51.18
CA ASP A 211 1.21 -19.30 -49.88
C ASP A 211 0.22 -19.16 -48.74
N PRO A 212 0.13 -20.19 -47.87
CA PRO A 212 -0.79 -20.20 -46.72
C PRO A 212 -0.53 -19.04 -45.75
N LYS A 213 0.73 -18.61 -45.64
CA LYS A 213 1.07 -17.49 -44.78
C LYS A 213 0.31 -16.28 -45.28
N TYR A 214 0.35 -16.06 -46.59
CA TYR A 214 -0.32 -14.93 -47.20
C TYR A 214 -1.83 -15.05 -47.08
N VAL A 215 -2.36 -16.21 -47.46
CA VAL A 215 -3.79 -16.42 -47.40
C VAL A 215 -4.33 -16.30 -45.98
N GLY A 216 -3.62 -16.86 -45.01
CA GLY A 216 -4.10 -16.78 -43.64
C GLY A 216 -4.06 -15.36 -43.11
N ARG A 217 -2.99 -14.65 -43.43
CA ARG A 217 -2.84 -13.27 -42.98
C ARG A 217 -3.90 -12.39 -43.63
N VAL A 218 -4.29 -12.72 -44.84
CA VAL A 218 -5.30 -11.95 -45.54
C VAL A 218 -6.67 -12.20 -44.91
N LEU A 219 -6.94 -13.44 -44.52
CA LEU A 219 -8.22 -13.77 -43.91
C LEU A 219 -8.35 -13.14 -42.52
N SER A 220 -7.25 -13.14 -41.77
CA SER A 220 -7.25 -12.55 -40.42
C SER A 220 -7.67 -11.10 -40.47
N ALA A 221 -7.56 -10.50 -41.65
CA ALA A 221 -7.93 -9.11 -41.82
C ALA A 221 -9.33 -9.01 -42.41
N MET A 222 -9.64 -9.89 -43.34
CA MET A 222 -10.94 -9.86 -43.99
C MET A 222 -12.12 -10.45 -43.22
N ILE A 223 -11.89 -11.24 -42.17
CA ILE A 223 -13.03 -11.78 -41.44
C ILE A 223 -13.66 -10.72 -40.53
N ASN A 224 -12.94 -9.65 -40.25
CA ASN A 224 -13.50 -8.56 -39.43
C ASN A 224 -13.77 -7.38 -40.38
N SER A 225 -14.90 -6.71 -40.16
CA SER A 225 -15.35 -5.59 -41.00
C SER A 225 -14.43 -4.37 -40.99
N ASN A 226 -13.57 -4.29 -39.99
CA ASN A 226 -12.66 -3.15 -39.90
C ASN A 226 -11.76 -3.00 -41.14
N ASP A 227 -11.54 -1.74 -41.53
CA ASP A 227 -10.67 -1.36 -42.65
C ASP A 227 -10.97 -1.80 -44.08
N ASP A 228 -11.66 -2.92 -44.25
CA ASP A 228 -11.87 -3.45 -45.58
C ASP A 228 -13.25 -3.97 -45.94
N ASN A 229 -14.27 -3.51 -45.22
CA ASN A 229 -15.60 -4.03 -45.52
C ASN A 229 -15.59 -5.55 -45.32
N GLY A 230 -14.87 -5.95 -44.27
CA GLY A 230 -14.77 -7.35 -43.91
C GLY A 230 -16.13 -7.90 -43.49
N VAL A 231 -16.13 -9.14 -43.03
CA VAL A 231 -17.36 -9.81 -42.65
C VAL A 231 -17.99 -9.43 -41.32
N LEU A 232 -17.22 -9.45 -40.24
CA LEU A 232 -17.79 -9.16 -38.93
C LEU A 232 -17.51 -7.84 -38.24
N ALA A 233 -18.59 -7.25 -37.72
CA ALA A 233 -18.51 -6.00 -36.99
C ALA A 233 -18.42 -6.39 -35.51
N GLY A 234 -17.36 -5.98 -34.84
CA GLY A 234 -17.24 -6.33 -33.44
C GLY A 234 -18.04 -5.39 -32.58
N ASN A 235 -18.39 -5.84 -31.37
CA ASN A 235 -19.14 -5.05 -30.40
C ASN A 235 -19.05 -5.71 -29.02
N TRP A 236 -18.43 -5.03 -28.06
CA TRP A 236 -18.30 -5.55 -26.71
C TRP A 236 -18.90 -4.58 -25.71
N SER A 237 -19.94 -3.86 -26.15
CA SER A 237 -20.61 -2.86 -25.33
C SER A 237 -21.69 -3.42 -24.41
N GLY A 238 -22.17 -4.63 -24.70
CA GLY A 238 -23.22 -5.20 -23.87
C GLY A 238 -24.61 -4.86 -24.39
N THR A 239 -24.64 -4.01 -25.41
CA THR A 239 -25.88 -3.59 -26.05
C THR A 239 -25.68 -3.75 -27.54
N TYR A 240 -26.47 -4.64 -28.16
CA TYR A 240 -26.33 -4.91 -29.58
C TYR A 240 -27.55 -4.62 -30.45
N THR A 241 -28.29 -3.57 -30.10
CA THR A 241 -29.46 -3.17 -30.87
C THR A 241 -29.01 -3.01 -32.31
N GLY A 242 -29.91 -3.19 -33.25
CA GLY A 242 -29.53 -3.04 -34.64
C GLY A 242 -28.67 -4.18 -35.17
N GLY A 243 -28.64 -5.29 -34.43
CA GLY A 243 -27.87 -6.44 -34.85
C GLY A 243 -28.20 -7.61 -33.95
N ARG A 244 -27.37 -8.65 -33.99
CA ARG A 244 -27.60 -9.82 -33.15
C ARG A 244 -26.59 -9.99 -32.04
N ASP A 245 -27.09 -10.25 -30.84
CA ASP A 245 -26.23 -10.46 -29.68
C ASP A 245 -25.10 -11.40 -30.12
N PRO A 246 -23.85 -11.00 -29.86
CA PRO A 246 -22.72 -11.85 -30.26
C PRO A 246 -22.85 -13.32 -29.81
N ARG A 247 -23.52 -13.56 -28.68
CA ARG A 247 -23.67 -14.91 -28.17
C ARG A 247 -24.80 -15.76 -28.76
N SER A 248 -25.57 -15.19 -29.70
CA SER A 248 -26.68 -15.94 -30.29
C SER A 248 -26.32 -16.80 -31.50
N TRP A 249 -25.23 -16.47 -32.19
CA TRP A 249 -24.81 -17.26 -33.37
C TRP A 249 -24.45 -18.69 -32.98
N ASP A 250 -24.63 -19.62 -33.91
CA ASP A 250 -24.31 -21.01 -33.66
C ASP A 250 -23.31 -21.54 -34.69
N GLY A 251 -23.06 -20.75 -35.73
CA GLY A 251 -22.13 -21.17 -36.76
C GLY A 251 -21.63 -20.07 -37.68
N SER A 252 -20.86 -20.44 -38.70
CA SER A 252 -20.28 -19.49 -39.66
C SER A 252 -21.08 -19.41 -40.95
N VAL A 253 -22.01 -20.34 -41.13
CA VAL A 253 -22.80 -20.39 -42.35
C VAL A 253 -23.77 -19.23 -42.54
N GLU A 254 -24.48 -18.84 -41.50
CA GLU A 254 -25.40 -17.73 -41.70
C GLU A 254 -24.68 -16.39 -41.64
N ILE A 255 -23.49 -16.39 -41.04
CA ILE A 255 -22.70 -15.16 -40.94
C ILE A 255 -22.08 -14.79 -42.28
N LEU A 256 -21.56 -15.79 -42.99
CA LEU A 256 -20.94 -15.61 -44.29
C LEU A 256 -21.95 -15.39 -45.42
N LYS A 257 -23.10 -16.05 -45.36
CA LYS A 257 -24.12 -15.88 -46.39
C LYS A 257 -24.82 -14.53 -46.24
N ASN A 258 -25.03 -14.11 -45.00
CA ASN A 258 -25.65 -12.81 -44.75
C ASN A 258 -24.69 -11.75 -45.29
N TRP A 259 -23.40 -12.01 -45.11
CA TRP A 259 -22.39 -11.08 -45.58
C TRP A 259 -22.53 -10.89 -47.09
N LYS A 260 -22.47 -12.00 -47.85
CA LYS A 260 -22.61 -11.94 -49.31
C LYS A 260 -23.96 -11.41 -49.74
N LYS A 261 -24.98 -11.79 -48.98
CA LYS A 261 -26.35 -11.38 -49.26
C LYS A 261 -26.60 -9.88 -49.15
N SER A 262 -26.02 -9.25 -48.14
CA SER A 262 -26.21 -7.81 -47.91
C SER A 262 -25.22 -6.96 -48.69
N GLY A 263 -24.71 -7.52 -49.78
CA GLY A 263 -23.76 -6.78 -50.59
C GLY A 263 -22.47 -6.48 -49.83
N LEU A 264 -21.93 -7.51 -49.18
CA LEU A 264 -20.70 -7.37 -48.41
C LEU A 264 -20.77 -6.27 -47.38
N SER A 265 -21.88 -6.22 -46.65
CA SER A 265 -22.06 -5.21 -45.62
C SER A 265 -21.75 -5.88 -44.28
N PRO A 266 -21.23 -5.11 -43.32
CA PRO A 266 -20.90 -5.68 -42.00
C PRO A 266 -22.00 -6.51 -41.33
N VAL A 267 -21.63 -7.71 -40.89
CA VAL A 267 -22.57 -8.57 -40.20
C VAL A 267 -22.48 -8.16 -38.74
N ARG A 268 -23.57 -7.67 -38.18
CA ARG A 268 -23.58 -7.23 -36.79
C ARG A 268 -24.33 -8.23 -35.91
N TYR A 269 -23.73 -8.67 -34.81
CA TYR A 269 -22.39 -8.27 -34.36
C TYR A 269 -21.65 -9.52 -33.90
N GLY A 270 -20.33 -9.42 -33.78
CA GLY A 270 -19.57 -10.57 -33.35
C GLY A 270 -18.54 -10.28 -32.27
N GLN A 271 -17.98 -11.36 -31.71
CA GLN A 271 -16.95 -11.29 -30.68
C GLN A 271 -15.86 -12.33 -31.00
N CYS A 272 -14.75 -12.32 -30.26
CA CYS A 272 -13.64 -13.21 -30.57
C CYS A 272 -13.96 -14.64 -31.07
N TRP A 273 -14.82 -15.37 -30.37
CA TRP A 273 -15.13 -16.73 -30.79
C TRP A 273 -15.91 -16.79 -32.11
N VAL A 274 -16.69 -15.75 -32.40
CA VAL A 274 -17.44 -15.71 -33.65
C VAL A 274 -16.42 -15.47 -34.78
N PHE A 275 -15.50 -14.55 -34.57
CA PHE A 275 -14.46 -14.26 -35.56
C PHE A 275 -13.68 -15.54 -35.83
N ALA A 276 -13.24 -16.17 -34.74
CA ALA A 276 -12.46 -17.40 -34.82
C ALA A 276 -13.20 -18.52 -35.53
N GLY A 277 -14.51 -18.61 -35.30
CA GLY A 277 -15.29 -19.63 -35.95
C GLY A 277 -15.37 -19.42 -37.45
N THR A 278 -15.59 -18.18 -37.86
CA THR A 278 -15.70 -17.87 -39.28
C THR A 278 -14.34 -18.03 -39.94
N LEU A 279 -13.32 -17.49 -39.28
CA LEU A 279 -11.95 -17.56 -39.78
C LEU A 279 -11.54 -19.02 -39.93
N ASN A 280 -12.01 -19.84 -39.01
CA ASN A 280 -11.68 -21.24 -39.03
C ASN A 280 -12.45 -21.96 -40.14
N THR A 281 -13.59 -21.40 -40.56
CA THR A 281 -14.37 -22.00 -41.64
C THR A 281 -13.70 -21.68 -42.97
N ALA A 282 -13.22 -20.45 -43.06
CA ALA A 282 -12.54 -19.99 -44.26
C ALA A 282 -11.29 -20.82 -44.53
N LEU A 283 -10.59 -21.20 -43.46
CA LEU A 283 -9.35 -21.96 -43.59
C LEU A 283 -9.55 -23.42 -43.95
N ARG A 284 -10.39 -24.12 -43.19
CA ARG A 284 -10.61 -25.53 -43.45
C ARG A 284 -11.21 -25.73 -44.84
N SER A 285 -11.95 -24.75 -45.30
CA SER A 285 -12.57 -24.82 -46.62
C SER A 285 -11.55 -24.66 -47.74
N LEU A 286 -10.57 -23.77 -47.55
CA LEU A 286 -9.55 -23.54 -48.57
C LEU A 286 -8.49 -24.63 -48.55
N GLY A 287 -8.53 -25.47 -47.51
CA GLY A 287 -7.58 -26.55 -47.42
C GLY A 287 -6.44 -26.33 -46.44
N ILE A 288 -6.53 -25.28 -45.61
CA ILE A 288 -5.49 -25.02 -44.61
C ILE A 288 -5.91 -25.65 -43.28
N PRO A 289 -5.15 -26.64 -42.78
CA PRO A 289 -5.50 -27.28 -41.51
C PRO A 289 -5.63 -26.23 -40.42
N SER A 290 -6.67 -26.33 -39.61
CA SER A 290 -6.87 -25.35 -38.54
C SER A 290 -7.78 -25.79 -37.40
N ARG A 291 -7.58 -25.17 -36.25
CA ARG A 291 -8.36 -25.47 -35.08
C ARG A 291 -8.52 -24.18 -34.29
N VAL A 292 -9.48 -24.15 -33.37
CA VAL A 292 -9.73 -22.96 -32.58
C VAL A 292 -9.07 -23.05 -31.21
N ILE A 293 -8.49 -21.93 -30.79
CA ILE A 293 -7.79 -21.87 -29.51
C ILE A 293 -8.44 -20.90 -28.53
N THR A 294 -8.55 -21.33 -27.27
CA THR A 294 -9.09 -20.46 -26.23
C THR A 294 -8.03 -20.31 -25.15
N ASN A 295 -7.66 -19.06 -24.92
CA ASN A 295 -6.66 -18.68 -23.96
C ASN A 295 -7.44 -17.96 -22.85
N PHE A 296 -7.37 -18.46 -21.61
CA PHE A 296 -8.09 -17.81 -20.52
C PHE A 296 -7.19 -16.79 -19.82
N ASN A 297 -7.77 -15.64 -19.46
CA ASN A 297 -7.01 -14.56 -18.84
C ASN A 297 -6.07 -14.08 -19.94
N SER A 298 -6.65 -13.67 -21.06
CA SER A 298 -5.87 -13.18 -22.21
C SER A 298 -5.59 -11.70 -22.04
N ALA A 299 -4.32 -11.31 -22.15
CA ALA A 299 -3.91 -9.91 -21.96
C ALA A 299 -3.75 -9.13 -23.24
N HIS A 300 -4.07 -7.84 -23.17
CA HIS A 300 -3.95 -6.97 -24.33
C HIS A 300 -2.95 -5.84 -24.09
N ASP A 301 -1.68 -6.12 -24.34
CA ASP A 301 -0.62 -5.14 -24.14
C ASP A 301 -0.62 -4.13 -25.28
N THR A 302 -0.69 -2.85 -24.95
CA THR A 302 -0.72 -1.82 -25.98
C THR A 302 0.62 -1.11 -26.18
N ASP A 303 1.40 -1.00 -25.11
CA ASP A 303 2.69 -0.33 -25.18
C ASP A 303 3.87 -1.29 -25.29
N ARG A 304 3.63 -2.43 -25.92
CA ARG A 304 4.67 -3.44 -26.12
C ARG A 304 5.72 -3.54 -25.00
N ASN A 305 5.28 -3.75 -23.77
CA ASN A 305 6.22 -3.88 -22.66
C ASN A 305 6.01 -5.16 -21.86
N LEU A 306 5.22 -6.08 -22.40
CA LEU A 306 4.93 -7.36 -21.76
C LEU A 306 4.33 -7.24 -20.38
N SER A 307 3.55 -6.18 -20.19
CA SER A 307 2.89 -5.91 -18.91
C SER A 307 1.50 -5.28 -19.15
N VAL A 308 0.52 -5.70 -18.38
CA VAL A 308 -0.82 -5.12 -18.51
C VAL A 308 -1.26 -4.53 -17.19
N ASP A 309 -1.92 -3.39 -17.23
CA ASP A 309 -2.38 -2.73 -16.01
C ASP A 309 -3.87 -2.82 -15.77
N VAL A 310 -4.24 -3.06 -14.52
CA VAL A 310 -5.63 -3.14 -14.13
C VAL A 310 -5.76 -2.28 -12.89
N TYR A 311 -6.71 -1.34 -12.91
CA TYR A 311 -6.92 -0.43 -11.79
C TYR A 311 -8.18 -0.66 -10.98
N TYR A 312 -8.16 -0.15 -9.76
CA TYR A 312 -9.26 -0.19 -8.81
C TYR A 312 -9.18 1.10 -8.00
N ASP A 313 -10.25 1.46 -7.30
CA ASP A 313 -10.19 2.65 -6.45
C ASP A 313 -10.31 2.20 -5.00
N PRO A 314 -10.10 3.11 -4.04
CA PRO A 314 -10.19 2.77 -2.61
C PRO A 314 -11.55 2.21 -2.18
N MET A 315 -12.59 2.46 -2.97
CA MET A 315 -13.91 1.96 -2.63
C MET A 315 -14.14 0.52 -3.10
N GLY A 316 -13.18 -0.02 -3.84
CA GLY A 316 -13.30 -1.38 -4.31
C GLY A 316 -13.99 -1.52 -5.65
N ASN A 317 -13.94 -0.47 -6.46
CA ASN A 317 -14.56 -0.49 -7.78
C ASN A 317 -13.58 -0.82 -8.89
N PRO A 318 -14.02 -1.63 -9.86
CA PRO A 318 -13.06 -1.91 -10.92
C PRO A 318 -12.99 -0.60 -11.71
N LEU A 319 -11.89 -0.34 -12.38
CA LEU A 319 -11.79 0.89 -13.15
C LEU A 319 -11.32 0.61 -14.56
N ASP A 320 -11.88 1.34 -15.52
CA ASP A 320 -11.48 1.19 -16.92
C ASP A 320 -10.60 2.40 -17.19
N LYS A 321 -9.40 2.40 -16.60
CA LYS A 321 -8.47 3.51 -16.75
C LYS A 321 -7.27 3.21 -17.64
N GLY A 322 -6.97 1.94 -17.88
CA GLY A 322 -5.84 1.60 -18.72
C GLY A 322 -6.16 1.20 -20.14
N SER A 323 -5.29 1.59 -21.07
CA SER A 323 -5.48 1.25 -22.48
C SER A 323 -5.28 -0.27 -22.66
N ASP A 324 -4.63 -0.90 -21.68
CA ASP A 324 -4.40 -2.35 -21.71
C ASP A 324 -5.63 -3.00 -21.10
N SER A 325 -5.72 -4.33 -21.15
CA SER A 325 -6.87 -5.00 -20.56
C SER A 325 -6.68 -6.51 -20.46
N VAL A 326 -7.36 -7.13 -19.50
CA VAL A 326 -7.30 -8.57 -19.30
C VAL A 326 -8.68 -9.20 -19.47
N TRP A 327 -8.83 -9.95 -20.57
CA TRP A 327 -10.07 -10.64 -20.90
C TRP A 327 -10.14 -11.95 -20.11
N ASN A 328 -11.34 -12.39 -19.75
CA ASN A 328 -11.50 -13.64 -19.02
C ASN A 328 -11.07 -14.76 -19.95
N PHE A 329 -11.20 -14.52 -21.25
CA PHE A 329 -10.79 -15.49 -22.23
C PHE A 329 -10.81 -14.84 -23.61
N HIS A 330 -9.96 -15.32 -24.50
CA HIS A 330 -9.90 -14.80 -25.84
C HIS A 330 -9.73 -16.00 -26.75
N VAL A 331 -10.47 -16.01 -27.85
CA VAL A 331 -10.44 -17.10 -28.79
C VAL A 331 -9.85 -16.64 -30.12
N TRP A 332 -8.99 -17.48 -30.70
CA TRP A 332 -8.37 -17.18 -31.98
C TRP A 332 -8.07 -18.49 -32.70
N ASN A 333 -7.32 -18.42 -33.80
CA ASN A 333 -7.03 -19.62 -34.57
C ASN A 333 -5.55 -20.00 -34.67
N GLU A 334 -5.33 -21.20 -35.19
CA GLU A 334 -4.00 -21.78 -35.41
C GLU A 334 -4.04 -22.52 -36.73
N GLY A 335 -3.33 -22.03 -37.73
CA GLY A 335 -3.29 -22.69 -39.03
C GLY A 335 -2.08 -23.60 -39.05
N TRP A 336 -2.10 -24.63 -39.88
CA TRP A 336 -0.96 -25.54 -39.95
C TRP A 336 -0.23 -25.44 -41.28
N PHE A 337 1.04 -25.07 -41.22
CA PHE A 337 1.87 -24.94 -42.41
C PHE A 337 3.32 -24.56 -42.11
N VAL A 338 4.22 -24.97 -43.00
CA VAL A 338 5.65 -24.69 -42.87
C VAL A 338 6.01 -23.24 -43.15
N ARG A 339 6.77 -22.65 -42.24
CA ARG A 339 7.19 -21.26 -42.37
C ARG A 339 8.56 -21.20 -43.05
N SER A 340 8.54 -21.12 -44.37
CA SER A 340 9.75 -21.06 -45.19
C SER A 340 10.42 -19.70 -45.05
N ASP A 341 9.76 -18.80 -44.34
CA ASP A 341 10.31 -17.47 -44.15
C ASP A 341 11.02 -17.39 -42.81
N LEU A 342 10.64 -18.27 -41.89
CA LEU A 342 11.23 -18.26 -40.57
C LEU A 342 12.33 -19.30 -40.35
N GLY A 343 12.20 -20.45 -41.00
CA GLY A 343 13.17 -21.52 -40.85
C GLY A 343 12.50 -22.83 -40.49
N PRO A 344 13.15 -23.97 -40.77
CA PRO A 344 12.63 -25.30 -40.48
C PRO A 344 12.13 -25.55 -39.06
N SER A 345 12.72 -24.90 -38.08
CA SER A 345 12.29 -25.13 -36.70
C SER A 345 11.04 -24.38 -36.28
N TYR A 346 10.55 -23.50 -37.13
CA TYR A 346 9.35 -22.72 -36.80
C TYR A 346 8.11 -23.09 -37.60
N GLY A 347 8.12 -24.25 -38.24
CA GLY A 347 6.94 -24.67 -38.98
C GLY A 347 5.97 -25.26 -37.98
N GLY A 348 4.84 -25.77 -38.47
CA GLY A 348 3.85 -26.35 -37.58
C GLY A 348 2.68 -25.44 -37.31
N TRP A 349 2.11 -25.51 -36.11
CA TRP A 349 0.99 -24.65 -35.77
C TRP A 349 1.36 -23.17 -35.77
N GLN A 350 0.59 -22.38 -36.51
CA GLN A 350 0.82 -20.94 -36.62
C GLN A 350 -0.39 -20.22 -36.05
N VAL A 351 -0.19 -19.04 -35.46
CA VAL A 351 -1.31 -18.31 -34.88
C VAL A 351 -1.96 -17.27 -35.83
N LEU A 352 -3.28 -17.33 -35.95
CA LEU A 352 -4.06 -16.41 -36.77
C LEU A 352 -5.22 -15.88 -35.92
N ASP A 353 -5.32 -14.56 -35.77
CA ASP A 353 -6.34 -13.92 -34.94
C ASP A 353 -7.10 -12.84 -35.70
N ALA A 354 -8.39 -13.08 -35.96
CA ALA A 354 -9.18 -12.11 -36.71
C ALA A 354 -9.89 -11.06 -35.84
N THR A 355 -9.81 -11.22 -34.52
CA THR A 355 -10.43 -10.27 -33.61
C THR A 355 -9.71 -8.92 -33.74
N PRO A 356 -10.46 -7.86 -34.03
CA PRO A 356 -9.80 -6.55 -34.16
C PRO A 356 -9.35 -5.92 -32.85
N GLN A 357 -8.18 -6.36 -32.37
CA GLN A 357 -7.62 -5.83 -31.14
C GLN A 357 -6.46 -4.87 -31.42
N GLU A 358 -5.46 -5.36 -32.14
CA GLU A 358 -4.29 -4.54 -32.43
C GLU A 358 -4.05 -4.44 -33.92
N ARG A 359 -3.67 -3.26 -34.36
CA ARG A 359 -3.38 -3.05 -35.76
C ARG A 359 -1.96 -3.54 -36.03
N SER A 360 -1.76 -4.04 -37.23
CA SER A 360 -0.46 -4.54 -37.65
C SER A 360 -0.30 -3.93 -39.02
N GLN A 361 0.68 -3.06 -39.19
CA GLN A 361 0.91 -2.40 -40.45
C GLN A 361 -0.27 -1.49 -40.74
N GLY A 362 -0.83 -0.93 -39.68
CA GLY A 362 -1.97 -0.04 -39.86
C GLY A 362 -3.33 -0.70 -39.87
N VAL A 363 -3.46 -1.91 -40.43
CA VAL A 363 -4.77 -2.57 -40.46
C VAL A 363 -4.92 -3.67 -39.40
N PHE A 364 -6.17 -4.01 -39.08
CA PHE A 364 -6.44 -5.04 -38.10
C PHE A 364 -6.27 -6.42 -38.69
N GLN A 365 -5.03 -6.89 -38.64
CA GLN A 365 -4.66 -8.22 -39.12
C GLN A 365 -3.80 -8.80 -38.01
N CYS A 366 -3.56 -10.11 -38.04
CA CYS A 366 -2.76 -10.73 -37.02
C CYS A 366 -2.35 -12.15 -37.39
N GLY A 367 -1.05 -12.40 -37.44
CA GLY A 367 -0.57 -13.73 -37.80
C GLY A 367 -0.06 -13.78 -39.23
N PRO A 368 0.67 -14.85 -39.60
CA PRO A 368 1.01 -15.99 -38.73
C PRO A 368 2.21 -15.81 -37.78
N ALA A 369 2.04 -16.30 -36.57
CA ALA A 369 3.09 -16.26 -35.56
C ALA A 369 3.25 -17.70 -35.09
N SER A 370 4.39 -18.31 -35.42
CA SER A 370 4.68 -19.69 -35.03
C SER A 370 4.48 -19.86 -33.54
N VAL A 371 3.72 -20.88 -33.14
CA VAL A 371 3.49 -21.13 -31.74
C VAL A 371 4.80 -21.55 -31.10
N ILE A 372 5.64 -22.23 -31.88
CA ILE A 372 6.96 -22.66 -31.39
C ILE A 372 7.77 -21.39 -31.18
N GLY A 373 7.62 -20.46 -32.11
CA GLY A 373 8.34 -19.19 -32.00
C GLY A 373 7.92 -18.40 -30.79
N VAL A 374 6.72 -18.66 -30.27
CA VAL A 374 6.21 -17.93 -29.12
C VAL A 374 6.77 -18.45 -27.79
N ARG A 375 6.81 -19.76 -27.63
CA ARG A 375 7.28 -20.36 -26.40
C ARG A 375 8.73 -20.02 -26.06
N GLU A 376 9.56 -19.85 -27.07
CA GLU A 376 10.98 -19.56 -26.84
C GLU A 376 11.26 -18.07 -26.74
N GLY A 377 10.22 -17.26 -26.92
CA GLY A 377 10.39 -15.83 -26.82
C GLY A 377 11.19 -15.23 -27.96
N ASP A 378 10.90 -15.66 -29.17
CA ASP A 378 11.59 -15.14 -30.35
C ASP A 378 10.64 -14.13 -30.98
N VAL A 379 10.31 -13.09 -30.22
CA VAL A 379 9.36 -12.08 -30.67
C VAL A 379 9.86 -11.13 -31.75
N GLN A 380 11.02 -11.44 -32.33
CA GLN A 380 11.55 -10.62 -33.40
C GLN A 380 11.08 -11.14 -34.76
N LEU A 381 10.38 -12.27 -34.76
CA LEU A 381 9.86 -12.86 -36.00
C LEU A 381 8.47 -12.37 -36.32
N ASN A 382 8.08 -12.49 -37.58
CA ASN A 382 6.74 -12.11 -38.02
C ASN A 382 5.78 -13.28 -37.85
N PHE A 383 4.52 -12.99 -37.59
CA PHE A 383 4.04 -11.62 -37.45
C PHE A 383 3.41 -11.38 -36.09
N ASP A 384 3.37 -10.11 -35.70
CA ASP A 384 2.75 -9.70 -34.44
C ASP A 384 3.09 -10.56 -33.22
N MET A 385 4.34 -10.97 -33.09
CA MET A 385 4.71 -11.80 -31.97
C MET A 385 4.74 -11.06 -30.63
N PRO A 386 5.29 -9.85 -30.59
CA PRO A 386 5.28 -9.19 -29.28
C PRO A 386 3.85 -9.18 -28.71
N PHE A 387 2.88 -8.82 -29.54
CA PHE A 387 1.48 -8.79 -29.12
C PHE A 387 0.94 -10.15 -28.66
N ILE A 388 1.18 -11.19 -29.46
CA ILE A 388 0.70 -12.52 -29.12
C ILE A 388 1.36 -13.06 -27.86
N PHE A 389 2.67 -12.84 -27.72
CA PHE A 389 3.37 -13.32 -26.55
C PHE A 389 2.72 -12.68 -25.31
N ALA A 390 2.30 -11.42 -25.45
CA ALA A 390 1.67 -10.69 -24.38
C ALA A 390 0.30 -11.25 -23.99
N GLU A 391 -0.41 -11.85 -24.94
CA GLU A 391 -1.72 -12.41 -24.63
C GLU A 391 -1.57 -13.64 -23.75
N VAL A 392 -0.50 -14.38 -23.99
CA VAL A 392 -0.26 -15.61 -23.26
C VAL A 392 0.68 -15.53 -22.06
N ASN A 393 1.53 -14.51 -21.98
CA ASN A 393 2.44 -14.44 -20.84
C ASN A 393 2.87 -13.07 -20.32
N ALA A 394 2.08 -12.03 -20.54
CA ALA A 394 2.46 -10.71 -20.04
C ALA A 394 2.26 -10.68 -18.53
N ASP A 395 2.93 -9.77 -17.85
CA ASP A 395 2.77 -9.67 -16.40
C ASP A 395 1.64 -8.70 -16.04
N ARG A 396 0.84 -9.09 -15.05
CA ARG A 396 -0.30 -8.29 -14.60
C ARG A 396 0.01 -7.45 -13.38
N ILE A 397 0.06 -6.14 -13.57
CA ILE A 397 0.31 -5.22 -12.49
C ILE A 397 -1.07 -4.72 -12.05
N THR A 398 -1.31 -4.69 -10.75
CA THR A 398 -2.59 -4.18 -10.25
C THR A 398 -2.37 -2.83 -9.57
N TRP A 399 -3.00 -1.79 -10.11
CA TRP A 399 -2.86 -0.44 -9.57
C TRP A 399 -4.04 0.05 -8.73
N LEU A 400 -3.73 0.91 -7.77
CA LEU A 400 -4.73 1.53 -6.92
C LEU A 400 -4.72 2.98 -7.40
N TYR A 401 -5.90 3.55 -7.58
CA TYR A 401 -5.97 4.91 -8.07
C TYR A 401 -7.18 5.67 -7.53
N ASP A 402 -6.91 6.71 -6.75
CA ASP A 402 -7.97 7.53 -6.20
C ASP A 402 -8.02 8.80 -7.03
N ASN A 403 -9.10 8.93 -7.79
CA ASN A 403 -9.28 10.06 -8.67
C ASN A 403 -9.39 11.39 -7.94
N THR A 404 -9.90 11.36 -6.72
CA THR A 404 -10.06 12.59 -5.93
C THR A 404 -8.71 13.27 -5.70
N THR A 405 -7.63 12.50 -5.86
CA THR A 405 -6.29 13.05 -5.65
C THR A 405 -5.37 12.92 -6.87
N GLY A 406 -5.79 12.16 -7.87
CA GLY A 406 -4.99 11.98 -9.06
C GLY A 406 -3.80 11.06 -8.79
N LYS A 407 -3.70 10.60 -7.55
CA LYS A 407 -2.62 9.71 -7.13
C LYS A 407 -2.86 8.29 -7.63
N GLN A 408 -1.78 7.55 -7.82
CA GLN A 408 -1.85 6.18 -8.30
C GLN A 408 -0.70 5.38 -7.70
N TRP A 409 -0.98 4.18 -7.19
CA TRP A 409 0.09 3.39 -6.61
C TRP A 409 0.00 1.88 -6.83
N LYS A 410 1.10 1.30 -7.30
CA LYS A 410 1.19 -0.13 -7.56
C LYS A 410 0.67 -0.89 -6.33
N ASN A 411 -0.01 -2.00 -6.56
CA ASN A 411 -0.55 -2.84 -5.48
C ASN A 411 0.14 -4.19 -5.47
N SER A 412 0.39 -4.74 -6.64
CA SER A 412 1.03 -6.03 -6.78
C SER A 412 1.43 -6.35 -8.23
N VAL A 413 2.07 -7.49 -8.42
CA VAL A 413 2.52 -7.93 -9.74
C VAL A 413 2.38 -9.44 -9.86
N ASN A 414 1.61 -9.90 -10.85
CA ASN A 414 1.40 -11.33 -11.05
C ASN A 414 2.03 -11.82 -12.35
N SER A 415 2.95 -12.78 -12.23
CA SER A 415 3.64 -13.31 -13.40
C SER A 415 3.21 -14.72 -13.71
N HIS A 416 2.00 -15.08 -13.31
CA HIS A 416 1.53 -16.43 -13.56
C HIS A 416 0.05 -16.52 -13.86
N THR A 417 -0.68 -15.46 -13.53
CA THR A 417 -2.13 -15.44 -13.74
C THR A 417 -2.56 -15.39 -15.21
N ILE A 418 -1.77 -14.71 -16.05
CA ILE A 418 -2.09 -14.59 -17.46
C ILE A 418 -1.68 -15.79 -18.30
N GLY A 419 -2.56 -16.18 -19.23
CA GLY A 419 -2.26 -17.32 -20.10
C GLY A 419 -2.43 -18.65 -19.41
N ARG A 420 -3.67 -19.04 -19.15
CA ARG A 420 -3.91 -20.30 -18.48
C ARG A 420 -4.90 -21.15 -19.25
N TYR A 421 -4.88 -22.45 -18.95
CA TYR A 421 -5.78 -23.42 -19.56
C TYR A 421 -6.04 -23.22 -21.06
N ILE A 422 -5.00 -22.84 -21.80
CA ILE A 422 -5.16 -22.64 -23.23
C ILE A 422 -5.73 -23.94 -23.82
N SER A 423 -6.99 -23.90 -24.23
CA SER A 423 -7.64 -25.10 -24.73
C SER A 423 -8.04 -25.09 -26.20
N THR A 424 -8.24 -26.30 -26.74
CA THR A 424 -8.63 -26.51 -28.11
C THR A 424 -9.37 -27.85 -28.11
N LYS A 425 -10.28 -28.03 -29.05
CA LYS A 425 -11.05 -29.28 -29.11
C LYS A 425 -10.20 -30.48 -29.47
N ALA A 426 -10.32 -31.54 -28.68
CA ALA A 426 -9.57 -32.77 -28.89
C ALA A 426 -9.87 -33.34 -30.26
N VAL A 427 -8.96 -34.17 -30.76
CA VAL A 427 -9.14 -34.78 -32.06
C VAL A 427 -10.10 -35.96 -32.01
N GLY A 428 -11.23 -35.82 -32.69
CA GLY A 428 -12.18 -36.92 -32.73
C GLY A 428 -13.10 -37.09 -31.53
N SER A 429 -13.18 -36.08 -30.68
CA SER A 429 -14.04 -36.13 -29.50
C SER A 429 -14.21 -34.71 -28.98
N ASN A 430 -15.11 -34.55 -28.00
CA ASN A 430 -15.38 -33.23 -27.43
C ASN A 430 -14.49 -32.91 -26.22
N ALA A 431 -13.56 -33.80 -25.91
CA ALA A 431 -12.66 -33.58 -24.79
C ALA A 431 -11.84 -32.29 -24.96
N ARG A 432 -11.53 -31.64 -23.84
CA ARG A 432 -10.75 -30.41 -23.86
C ARG A 432 -9.27 -30.74 -23.87
N MET A 433 -8.58 -30.36 -24.93
CA MET A 433 -7.15 -30.60 -24.99
C MET A 433 -6.47 -29.30 -24.57
N ASP A 434 -5.63 -29.39 -23.55
CA ASP A 434 -4.91 -28.23 -23.04
C ASP A 434 -3.57 -28.14 -23.75
N VAL A 435 -3.35 -27.06 -24.47
CA VAL A 435 -2.11 -26.88 -25.21
C VAL A 435 -1.21 -25.77 -24.65
N THR A 436 -1.42 -25.43 -23.39
CA THR A 436 -0.65 -24.39 -22.71
C THR A 436 0.85 -24.69 -22.74
N ASP A 437 1.21 -25.96 -22.51
CA ASP A 437 2.61 -26.33 -22.52
C ASP A 437 3.24 -26.11 -23.90
N LYS A 438 2.41 -25.73 -24.86
CA LYS A 438 2.87 -25.45 -26.22
C LYS A 438 3.18 -23.97 -26.41
N TYR A 439 2.48 -23.10 -25.70
CA TYR A 439 2.70 -21.67 -25.83
C TYR A 439 3.77 -21.13 -24.89
N LYS A 440 4.12 -21.93 -23.87
CA LYS A 440 5.11 -21.49 -22.91
C LYS A 440 5.65 -22.58 -22.00
N TYR A 441 6.78 -22.29 -21.36
CA TYR A 441 7.37 -23.22 -20.41
C TYR A 441 6.47 -23.05 -19.19
N PRO A 442 6.52 -23.98 -18.23
CA PRO A 442 5.70 -23.93 -17.02
C PRO A 442 5.79 -22.68 -16.14
N GLU A 443 4.65 -22.07 -15.86
CA GLU A 443 4.62 -20.90 -14.99
C GLU A 443 5.20 -21.41 -13.68
N GLY A 444 6.09 -20.63 -13.08
CA GLY A 444 6.68 -21.05 -11.83
C GLY A 444 7.98 -21.78 -12.06
N SER A 445 8.48 -21.72 -13.29
CA SER A 445 9.76 -22.36 -13.62
C SER A 445 10.72 -21.29 -14.12
N ASP A 446 12.00 -21.47 -13.84
CA ASP A 446 13.02 -20.50 -14.24
C ASP A 446 13.01 -20.20 -15.74
N GLN A 447 12.69 -21.21 -16.54
CA GLN A 447 12.65 -21.08 -17.98
C GLN A 447 11.60 -20.09 -18.43
N GLU A 448 10.42 -20.15 -17.82
CA GLU A 448 9.34 -19.23 -18.18
C GLU A 448 9.83 -17.82 -17.90
N ARG A 449 10.54 -17.67 -16.78
CA ARG A 449 11.06 -16.37 -16.39
C ARG A 449 12.22 -15.95 -17.30
N GLN A 450 13.04 -16.93 -17.70
CA GLN A 450 14.18 -16.68 -18.57
C GLN A 450 13.78 -16.22 -19.96
N VAL A 451 12.70 -16.80 -20.47
CA VAL A 451 12.22 -16.45 -21.80
C VAL A 451 11.52 -15.09 -21.80
N PHE A 452 10.79 -14.79 -20.73
CA PHE A 452 10.09 -13.53 -20.62
C PHE A 452 11.06 -12.39 -20.81
N GLN A 453 12.13 -12.42 -20.01
CA GLN A 453 13.16 -11.40 -20.05
C GLN A 453 13.86 -11.39 -21.40
N LYS A 454 14.00 -12.57 -22.00
CA LYS A 454 14.62 -12.65 -23.31
C LYS A 454 13.77 -11.83 -24.28
N ALA A 455 12.45 -12.04 -24.23
CA ALA A 455 11.51 -11.34 -25.10
C ALA A 455 11.43 -9.85 -24.79
N LEU A 456 11.37 -9.52 -23.51
CA LEU A 456 11.32 -8.13 -23.09
C LEU A 456 12.54 -7.45 -23.68
N GLY A 457 13.66 -8.17 -23.61
CA GLY A 457 14.92 -7.68 -24.13
C GLY A 457 14.87 -7.28 -25.59
N LYS A 458 14.17 -8.05 -26.40
CA LYS A 458 14.06 -7.72 -27.82
C LYS A 458 13.22 -6.48 -28.04
N LEU A 459 12.33 -6.18 -27.11
CA LEU A 459 11.45 -5.02 -27.20
C LEU A 459 12.05 -3.81 -26.51
N LYS A 460 13.26 -3.98 -25.97
CA LYS A 460 13.95 -2.93 -25.26
C LYS A 460 15.41 -2.85 -25.67
N PRO A 480 1.37 -6.39 4.41
CA PRO A 480 0.25 -7.24 4.01
C PRO A 480 -0.20 -8.11 5.19
N SER A 481 -0.89 -7.51 6.15
CA SER A 481 -1.36 -8.24 7.32
C SER A 481 -2.50 -9.21 7.01
N ILE A 482 -3.50 -8.72 6.29
CA ILE A 482 -4.67 -9.54 5.97
C ILE A 482 -4.63 -10.27 4.63
N ILE A 483 -5.19 -11.47 4.60
CA ILE A 483 -5.27 -12.25 3.36
C ILE A 483 -6.75 -12.53 3.14
N GLY A 484 -7.17 -12.53 1.88
CA GLY A 484 -8.57 -12.76 1.60
C GLY A 484 -8.87 -13.53 0.32
N LYS A 485 -10.01 -14.21 0.33
CA LYS A 485 -10.45 -14.98 -0.81
C LYS A 485 -11.98 -14.93 -0.84
N LEU A 486 -12.54 -14.79 -2.03
CA LEU A 486 -13.97 -14.75 -2.18
C LEU A 486 -14.45 -16.16 -2.51
N LYS A 487 -15.43 -16.67 -1.78
CA LYS A 487 -15.93 -18.01 -2.02
C LYS A 487 -17.37 -17.99 -2.49
N VAL A 488 -17.64 -18.69 -3.58
CA VAL A 488 -18.98 -18.79 -4.11
C VAL A 488 -19.73 -19.80 -3.22
N ALA A 489 -20.97 -19.49 -2.88
CA ALA A 489 -21.79 -20.37 -2.06
C ALA A 489 -23.02 -20.77 -2.84
N GLY A 490 -23.21 -22.06 -3.05
CA GLY A 490 -24.37 -22.53 -3.79
C GLY A 490 -24.23 -22.22 -5.26
N MET A 491 -25.15 -22.77 -6.06
CA MET A 491 -25.12 -22.57 -7.50
C MET A 491 -25.42 -21.13 -7.90
N LEU A 492 -24.89 -20.76 -9.07
CA LEU A 492 -25.08 -19.45 -9.65
C LEU A 492 -25.85 -19.63 -10.94
N ALA A 493 -27.04 -19.07 -11.01
CA ALA A 493 -27.87 -19.18 -12.19
C ALA A 493 -28.76 -17.96 -12.32
N VAL A 494 -28.89 -17.48 -13.56
CA VAL A 494 -29.73 -16.32 -13.86
C VAL A 494 -31.14 -16.58 -13.36
N GLY A 495 -31.56 -15.81 -12.35
CA GLY A 495 -32.89 -16.00 -11.79
C GLY A 495 -32.83 -16.26 -10.29
N LYS A 496 -31.72 -16.84 -9.84
CA LYS A 496 -31.51 -17.11 -8.42
C LYS A 496 -30.70 -15.97 -7.86
N GLU A 497 -30.57 -15.94 -6.54
CA GLU A 497 -29.80 -14.89 -5.90
C GLU A 497 -28.36 -15.38 -5.84
N VAL A 498 -27.42 -14.44 -5.88
CA VAL A 498 -26.01 -14.77 -5.81
C VAL A 498 -25.50 -14.67 -4.38
N ASN A 499 -24.81 -15.72 -3.93
CA ASN A 499 -24.27 -15.75 -2.57
C ASN A 499 -22.77 -16.03 -2.56
N LEU A 500 -22.02 -15.08 -1.99
CA LEU A 500 -20.57 -15.19 -1.90
C LEU A 500 -20.09 -15.01 -0.46
N VAL A 501 -18.81 -15.27 -0.23
CA VAL A 501 -18.25 -15.12 1.10
C VAL A 501 -16.81 -14.64 1.10
N LEU A 502 -16.61 -13.41 1.57
CA LEU A 502 -15.29 -12.85 1.66
C LEU A 502 -14.63 -13.49 2.87
N LEU A 503 -13.51 -14.16 2.66
CA LEU A 503 -12.81 -14.82 3.76
C LEU A 503 -11.54 -14.04 4.06
N LEU A 504 -11.42 -13.56 5.29
CA LEU A 504 -10.25 -12.80 5.68
C LEU A 504 -9.54 -13.45 6.85
N LYS A 505 -8.25 -13.20 6.94
CA LYS A 505 -7.46 -13.76 8.02
C LYS A 505 -6.31 -12.83 8.31
N ASN A 506 -6.04 -12.67 9.59
CA ASN A 506 -4.96 -11.81 10.06
C ASN A 506 -3.73 -12.67 10.33
N LEU A 507 -2.75 -12.58 9.46
CA LEU A 507 -1.52 -13.36 9.60
C LEU A 507 -0.41 -12.67 10.40
N SER A 508 -0.73 -11.53 11.01
CA SER A 508 0.26 -10.82 11.79
C SER A 508 0.11 -11.08 13.28
N ARG A 509 1.21 -10.92 14.02
CA ARG A 509 1.25 -11.12 15.47
C ARG A 509 0.53 -9.99 16.20
N ASP A 510 0.00 -9.06 15.41
CA ASP A 510 -0.71 -7.89 15.94
C ASP A 510 -2.20 -7.93 15.66
N THR A 511 -2.96 -7.29 16.52
CA THR A 511 -4.40 -7.20 16.34
C THR A 511 -4.55 -5.95 15.46
N LYS A 512 -5.22 -6.10 14.33
CA LYS A 512 -5.38 -4.97 13.43
C LYS A 512 -6.84 -4.63 13.18
N THR A 513 -7.05 -3.43 12.66
CA THR A 513 -8.37 -2.93 12.33
C THR A 513 -8.41 -2.78 10.83
N VAL A 514 -9.29 -3.54 10.20
CA VAL A 514 -9.38 -3.49 8.75
C VAL A 514 -10.72 -3.01 8.20
N THR A 515 -10.65 -2.14 7.19
CA THR A 515 -11.82 -1.58 6.53
C THR A 515 -11.97 -2.29 5.18
N VAL A 516 -13.15 -2.82 4.91
CA VAL A 516 -13.39 -3.55 3.65
C VAL A 516 -14.47 -2.96 2.75
N ASN A 517 -14.05 -2.48 1.59
CA ASN A 517 -14.94 -1.90 0.60
C ASN A 517 -15.19 -2.92 -0.52
N MET A 518 -16.46 -3.26 -0.72
CA MET A 518 -16.81 -4.25 -1.72
C MET A 518 -17.80 -3.72 -2.73
N THR A 519 -17.69 -4.23 -3.95
CA THR A 519 -18.56 -3.83 -5.06
C THR A 519 -18.79 -5.02 -5.97
N ALA A 520 -19.86 -4.94 -6.76
CA ALA A 520 -20.21 -5.99 -7.70
C ALA A 520 -20.65 -5.29 -8.98
N TRP A 521 -19.93 -5.54 -10.08
CA TRP A 521 -20.25 -4.92 -11.36
C TRP A 521 -20.49 -5.97 -12.42
N THR A 522 -21.53 -5.79 -13.23
CA THR A 522 -21.78 -6.74 -14.30
C THR A 522 -20.76 -6.39 -15.37
N ILE A 523 -20.25 -7.41 -16.06
CA ILE A 523 -19.24 -7.19 -17.09
C ILE A 523 -19.44 -7.99 -18.38
N ILE A 524 -18.68 -7.60 -19.40
CA ILE A 524 -18.66 -8.32 -20.65
C ILE A 524 -17.39 -9.13 -20.41
N TYR A 525 -17.32 -10.36 -20.92
CA TYR A 525 -16.14 -11.21 -20.67
C TYR A 525 -14.78 -10.56 -20.92
N ASN A 526 -14.73 -9.57 -21.81
CA ASN A 526 -13.49 -8.86 -22.16
C ASN A 526 -13.03 -7.91 -21.06
N GLY A 527 -13.87 -7.72 -20.04
CA GLY A 527 -13.52 -6.85 -18.94
C GLY A 527 -14.32 -5.56 -18.92
N THR A 528 -14.93 -5.21 -20.06
CA THR A 528 -15.74 -4.00 -20.13
C THR A 528 -16.71 -3.95 -18.95
N LEU A 529 -16.54 -2.96 -18.07
CA LEU A 529 -17.42 -2.82 -16.92
C LEU A 529 -18.75 -2.27 -17.41
N VAL A 530 -19.85 -2.84 -16.93
CA VAL A 530 -21.17 -2.37 -17.35
C VAL A 530 -21.89 -1.51 -16.32
N HIS A 531 -22.18 -2.07 -15.16
CA HIS A 531 -22.88 -1.30 -14.14
C HIS A 531 -22.78 -1.94 -12.75
N GLU A 532 -22.80 -1.11 -11.72
CA GLU A 532 -22.72 -1.57 -10.33
C GLU A 532 -24.07 -2.12 -9.88
N VAL A 533 -24.06 -3.32 -9.30
CA VAL A 533 -25.30 -3.96 -8.83
C VAL A 533 -25.32 -4.24 -7.33
N TRP A 534 -24.22 -3.93 -6.65
CA TRP A 534 -24.15 -4.14 -5.23
C TRP A 534 -22.92 -3.49 -4.64
N LYS A 535 -23.01 -3.09 -3.38
CA LYS A 535 -21.90 -2.48 -2.68
C LYS A 535 -22.18 -2.50 -1.18
N ASP A 536 -21.12 -2.58 -0.39
CA ASP A 536 -21.26 -2.59 1.05
C ASP A 536 -19.89 -2.28 1.62
N SER A 537 -19.87 -1.90 2.88
CA SER A 537 -18.63 -1.58 3.56
C SER A 537 -18.61 -2.34 4.86
N ALA A 538 -17.45 -2.41 5.49
CA ALA A 538 -17.36 -3.12 6.75
C ALA A 538 -16.00 -2.94 7.43
N THR A 539 -16.02 -2.39 8.63
CA THR A 539 -14.81 -2.18 9.41
C THR A 539 -14.84 -3.20 10.54
N MET A 540 -13.69 -3.81 10.82
CA MET A 540 -13.63 -4.81 11.88
C MET A 540 -12.22 -5.02 12.42
N SER A 541 -12.15 -5.58 13.62
CA SER A 541 -10.89 -5.85 14.26
C SER A 541 -10.64 -7.35 14.31
N LEU A 542 -9.49 -7.76 13.77
CA LEU A 542 -9.13 -9.16 13.75
C LEU A 542 -7.87 -9.33 14.58
N ASP A 543 -7.85 -10.38 15.39
CA ASP A 543 -6.70 -10.67 16.24
C ASP A 543 -5.68 -11.49 15.45
N PRO A 544 -4.45 -11.60 15.97
CA PRO A 544 -3.40 -12.36 15.29
C PRO A 544 -3.83 -13.79 14.99
N GLU A 545 -3.94 -14.11 13.71
CA GLU A 545 -4.33 -15.45 13.28
C GLU A 545 -5.85 -15.64 13.26
N GLU A 546 -6.59 -14.62 13.69
CA GLU A 546 -8.05 -14.74 13.69
C GLU A 546 -8.60 -14.70 12.27
N GLU A 547 -9.54 -15.60 12.00
CA GLU A 547 -10.17 -15.69 10.70
C GLU A 547 -11.59 -15.13 10.81
N ALA A 548 -12.04 -14.45 9.76
CA ALA A 548 -13.39 -13.87 9.76
C ALA A 548 -13.99 -13.88 8.35
N GLU A 549 -15.28 -14.14 8.24
CA GLU A 549 -15.97 -14.14 6.95
C GLU A 549 -17.18 -13.22 6.87
N HIS A 550 -17.26 -12.48 5.77
CA HIS A 550 -18.34 -11.52 5.52
C HIS A 550 -19.23 -12.04 4.39
N PRO A 551 -20.54 -12.15 4.63
CA PRO A 551 -21.44 -12.65 3.60
C PRO A 551 -21.88 -11.61 2.59
N ILE A 552 -21.74 -11.95 1.31
CA ILE A 552 -22.15 -11.08 0.23
C ILE A 552 -23.39 -11.72 -0.38
N LYS A 553 -24.46 -10.92 -0.49
CA LYS A 553 -25.70 -11.41 -1.06
C LYS A 553 -26.27 -10.40 -2.05
N ILE A 554 -26.49 -10.86 -3.27
CA ILE A 554 -27.05 -10.03 -4.34
C ILE A 554 -28.28 -10.72 -4.93
N SER A 555 -29.43 -10.06 -4.81
CA SER A 555 -30.66 -10.63 -5.34
C SER A 555 -30.73 -10.50 -6.84
N TYR A 556 -31.66 -11.24 -7.43
CA TYR A 556 -31.88 -11.24 -8.86
C TYR A 556 -32.29 -9.83 -9.23
N ALA A 557 -33.31 -9.31 -8.55
CA ALA A 557 -33.85 -7.97 -8.79
C ALA A 557 -32.76 -6.92 -9.02
N GLN A 558 -31.70 -6.98 -8.23
CA GLN A 558 -30.60 -6.03 -8.35
C GLN A 558 -29.77 -6.21 -9.62
N TYR A 559 -29.21 -7.41 -9.80
CA TYR A 559 -28.36 -7.66 -10.95
C TYR A 559 -29.06 -7.92 -12.28
N GLU A 560 -30.27 -8.47 -12.25
CA GLU A 560 -30.95 -8.76 -13.51
C GLU A 560 -31.10 -7.52 -14.36
N ARG A 561 -31.27 -6.39 -13.71
CA ARG A 561 -31.43 -5.13 -14.42
C ARG A 561 -30.23 -4.79 -15.32
N TYR A 562 -29.02 -5.14 -14.91
CA TYR A 562 -27.84 -4.81 -15.69
C TYR A 562 -26.97 -6.00 -16.13
N LEU A 563 -27.48 -7.21 -15.97
CA LEU A 563 -26.75 -8.42 -16.36
C LEU A 563 -26.85 -8.58 -17.87
N LYS A 564 -25.70 -8.78 -18.53
CA LYS A 564 -25.69 -8.97 -19.96
C LYS A 564 -25.60 -10.44 -20.31
N SER A 565 -25.81 -10.76 -21.58
CA SER A 565 -25.77 -12.14 -22.04
C SER A 565 -24.50 -12.86 -21.63
N ASP A 566 -23.60 -12.15 -20.97
CA ASP A 566 -22.36 -12.76 -20.50
C ASP A 566 -22.63 -13.47 -19.18
N ASN A 567 -23.72 -13.09 -18.53
CA ASN A 567 -24.05 -13.67 -17.22
C ASN A 567 -22.84 -13.64 -16.26
N MET A 568 -22.08 -12.55 -16.28
CA MET A 568 -20.90 -12.37 -15.43
C MET A 568 -20.94 -11.16 -14.52
N ILE A 569 -20.42 -11.31 -13.31
CA ILE A 569 -20.36 -10.20 -12.36
C ILE A 569 -18.94 -10.19 -11.80
N ARG A 570 -18.36 -9.00 -11.66
CA ARG A 570 -17.02 -8.82 -11.12
C ARG A 570 -17.10 -8.47 -9.64
N ILE A 571 -16.75 -9.41 -8.76
CA ILE A 571 -16.80 -9.10 -7.34
C ILE A 571 -15.44 -8.59 -6.90
N THR A 572 -15.46 -7.51 -6.13
CA THR A 572 -14.23 -6.90 -5.70
C THR A 572 -14.29 -6.46 -4.25
N ALA A 573 -13.25 -6.80 -3.51
CA ALA A 573 -13.15 -6.40 -2.12
C ALA A 573 -11.78 -5.78 -1.97
N VAL A 574 -11.73 -4.54 -1.46
CA VAL A 574 -10.46 -3.87 -1.23
C VAL A 574 -10.35 -3.65 0.27
N CYS A 575 -9.47 -4.40 0.89
CA CYS A 575 -9.27 -4.34 2.34
C CYS A 575 -8.04 -3.53 2.72
N LYS A 576 -8.25 -2.50 3.53
CA LYS A 576 -7.16 -1.64 3.95
C LYS A 576 -7.00 -1.64 5.46
N VAL A 577 -5.77 -1.85 5.91
CA VAL A 577 -5.44 -1.83 7.32
C VAL A 577 -4.61 -0.57 7.49
N PRO A 578 -4.74 0.12 8.64
CA PRO A 578 -4.00 1.34 8.92
C PRO A 578 -2.49 1.27 8.66
N ASP A 579 -2.01 2.22 7.83
CA ASP A 579 -0.59 2.34 7.47
C ASP A 579 -0.06 1.24 6.56
N GLU A 580 -0.81 0.14 6.45
CA GLU A 580 -0.41 -0.96 5.58
C GLU A 580 -0.95 -0.74 4.18
N SER A 581 -0.33 -1.39 3.19
CA SER A 581 -0.80 -1.26 1.82
C SER A 581 -2.16 -1.93 1.72
N GLU A 582 -2.93 -1.57 0.69
CA GLU A 582 -4.26 -2.18 0.51
C GLU A 582 -4.13 -3.63 0.06
N VAL A 583 -5.23 -4.35 0.14
CA VAL A 583 -5.27 -5.74 -0.28
C VAL A 583 -6.49 -5.94 -1.17
N VAL A 584 -6.27 -6.27 -2.43
CA VAL A 584 -7.36 -6.47 -3.39
C VAL A 584 -7.76 -7.93 -3.55
N VAL A 585 -8.99 -8.26 -3.15
CA VAL A 585 -9.52 -9.62 -3.28
C VAL A 585 -10.51 -9.52 -4.45
N GLU A 586 -10.25 -10.30 -5.50
CA GLU A 586 -11.10 -10.25 -6.68
C GLU A 586 -11.60 -11.61 -7.15
N ARG A 587 -12.75 -11.63 -7.81
CA ARG A 587 -13.34 -12.86 -8.31
C ARG A 587 -14.51 -12.60 -9.25
N ASP A 588 -14.39 -13.07 -10.49
CA ASP A 588 -15.47 -12.92 -11.46
C ASP A 588 -16.33 -14.18 -11.38
N ILE A 589 -17.65 -14.01 -11.42
CA ILE A 589 -18.52 -15.18 -11.34
C ILE A 589 -19.35 -15.36 -12.60
N ILE A 590 -19.67 -16.61 -12.89
CA ILE A 590 -20.47 -16.92 -14.05
C ILE A 590 -21.80 -17.51 -13.59
N LEU A 591 -22.89 -16.91 -14.04
CA LEU A 591 -24.22 -17.40 -13.67
C LEU A 591 -24.78 -18.20 -14.84
N ASP A 592 -25.17 -19.44 -14.55
CA ASP A 592 -25.74 -20.34 -15.56
C ASP A 592 -27.11 -19.93 -16.06
N ASN A 593 -27.46 -20.41 -17.24
CA ASN A 593 -28.77 -20.14 -17.83
C ASN A 593 -29.68 -21.28 -17.44
N PRO A 594 -30.98 -21.01 -17.31
CA PRO A 594 -31.84 -22.14 -16.98
C PRO A 594 -31.66 -23.09 -18.16
N THR A 595 -31.38 -24.35 -17.89
CA THR A 595 -31.13 -25.30 -18.96
C THR A 595 -32.14 -25.29 -20.11
N LEU A 596 -31.65 -25.57 -21.31
CA LEU A 596 -32.44 -25.64 -22.54
C LEU A 596 -32.09 -27.00 -23.13
N THR A 597 -33.07 -27.87 -23.31
CA THR A 597 -32.75 -29.20 -23.82
C THR A 597 -33.19 -29.55 -25.23
N LEU A 598 -32.42 -30.43 -25.86
CA LEU A 598 -32.69 -30.92 -27.20
C LEU A 598 -32.84 -32.42 -27.12
N GLU A 599 -33.76 -32.97 -27.88
CA GLU A 599 -34.02 -34.41 -27.87
C GLU A 599 -34.53 -34.92 -29.22
N VAL A 600 -34.15 -36.14 -29.61
CA VAL A 600 -34.64 -36.72 -30.85
C VAL A 600 -35.76 -37.68 -30.47
N LEU A 601 -36.81 -37.73 -31.28
CA LEU A 601 -37.95 -38.59 -30.99
C LEU A 601 -37.99 -39.89 -31.79
N ASN A 602 -36.85 -40.24 -32.39
CA ASN A 602 -36.75 -41.48 -33.16
C ASN A 602 -35.33 -41.69 -33.63
N GLU A 603 -35.06 -42.87 -34.18
CA GLU A 603 -33.73 -43.20 -34.67
C GLU A 603 -33.48 -42.42 -35.98
N ALA A 604 -32.31 -41.79 -36.10
CA ALA A 604 -31.99 -40.99 -37.27
C ALA A 604 -31.28 -41.73 -38.41
N ARG A 605 -31.78 -41.51 -39.62
CA ARG A 605 -31.22 -42.14 -40.82
C ARG A 605 -31.16 -41.11 -41.94
N VAL A 606 -30.17 -41.27 -42.81
CA VAL A 606 -29.98 -40.35 -43.92
C VAL A 606 -31.21 -40.28 -44.84
N ARG A 607 -31.54 -39.06 -45.27
CA ARG A 607 -32.69 -38.83 -46.15
C ARG A 607 -34.05 -39.20 -45.56
N LYS A 608 -34.08 -39.43 -44.26
CA LYS A 608 -35.32 -39.78 -43.60
C LYS A 608 -35.60 -38.79 -42.47
N PRO A 609 -36.83 -38.28 -42.39
CA PRO A 609 -37.21 -37.32 -41.36
C PRO A 609 -36.89 -37.80 -39.95
N VAL A 610 -36.53 -36.84 -39.11
CA VAL A 610 -36.20 -37.15 -37.73
C VAL A 610 -36.90 -36.09 -36.90
N ASN A 611 -37.83 -36.53 -36.06
CA ASN A 611 -38.59 -35.64 -35.21
C ASN A 611 -37.76 -35.19 -34.01
N VAL A 612 -37.88 -33.91 -33.65
CA VAL A 612 -37.14 -33.35 -32.53
C VAL A 612 -38.04 -32.38 -31.74
N GLN A 613 -37.55 -31.97 -30.57
CA GLN A 613 -38.29 -31.02 -29.74
C GLN A 613 -37.35 -30.23 -28.85
N MET A 614 -37.68 -28.97 -28.63
CA MET A 614 -36.91 -28.10 -27.77
C MET A 614 -37.72 -28.06 -26.48
N LEU A 615 -37.02 -28.04 -25.35
CA LEU A 615 -37.66 -27.99 -24.04
C LEU A 615 -37.04 -26.86 -23.23
N PHE A 616 -37.89 -26.05 -22.61
CA PHE A 616 -37.43 -24.96 -21.78
C PHE A 616 -38.40 -24.66 -20.66
N SER A 617 -37.86 -24.52 -19.46
CA SER A 617 -38.67 -24.20 -18.30
C SER A 617 -38.26 -22.80 -17.84
N ASN A 618 -39.24 -21.91 -17.66
CA ASN A 618 -38.95 -20.56 -17.21
C ASN A 618 -39.06 -20.50 -15.70
N PRO A 619 -37.92 -20.39 -15.01
CA PRO A 619 -37.81 -20.32 -13.54
C PRO A 619 -38.22 -19.00 -12.87
N LEU A 620 -38.38 -17.95 -13.67
CA LEU A 620 -38.74 -16.64 -13.11
C LEU A 620 -40.19 -16.56 -12.67
N ASP A 621 -40.50 -15.59 -11.82
CA ASP A 621 -41.86 -15.38 -11.36
C ASP A 621 -42.60 -14.49 -12.36
N GLU A 622 -41.91 -14.11 -13.43
CA GLU A 622 -42.48 -13.30 -14.49
C GLU A 622 -42.40 -14.13 -15.75
N PRO A 623 -43.31 -13.89 -16.71
CA PRO A 623 -43.22 -14.69 -17.93
C PRO A 623 -42.06 -14.23 -18.79
N VAL A 624 -41.74 -15.01 -19.82
CA VAL A 624 -40.67 -14.66 -20.74
C VAL A 624 -41.30 -14.49 -22.13
N ARG A 625 -41.14 -13.30 -22.70
CA ARG A 625 -41.72 -12.97 -24.01
C ARG A 625 -40.71 -12.84 -25.15
N ASP A 626 -41.20 -12.59 -26.36
CA ASP A 626 -40.35 -12.46 -27.53
C ASP A 626 -39.44 -13.67 -27.67
N CYS A 627 -40.04 -14.85 -27.58
CA CYS A 627 -39.27 -16.07 -27.67
C CYS A 627 -39.05 -16.51 -29.11
N VAL A 628 -37.79 -16.81 -29.42
CA VAL A 628 -37.39 -17.26 -30.75
C VAL A 628 -36.39 -18.41 -30.62
N LEU A 629 -36.59 -19.46 -31.41
CA LEU A 629 -35.70 -20.60 -31.38
C LEU A 629 -34.90 -20.67 -32.66
N MET A 630 -33.61 -20.95 -32.54
CA MET A 630 -32.75 -21.05 -33.71
C MET A 630 -32.04 -22.41 -33.72
N VAL A 631 -32.21 -23.16 -34.81
CA VAL A 631 -31.58 -24.46 -34.92
C VAL A 631 -30.81 -24.60 -36.23
N GLU A 632 -29.70 -25.34 -36.18
CA GLU A 632 -28.88 -25.59 -37.35
C GLU A 632 -27.93 -26.73 -37.07
N GLY A 633 -27.32 -27.25 -38.14
CA GLY A 633 -26.38 -28.34 -38.01
C GLY A 633 -26.05 -28.90 -39.38
N SER A 634 -24.78 -28.82 -39.75
CA SER A 634 -24.33 -29.33 -41.05
C SER A 634 -24.67 -30.80 -41.19
N GLY A 635 -25.37 -31.14 -42.26
CA GLY A 635 -25.71 -32.53 -42.46
C GLY A 635 -27.02 -32.92 -41.81
N LEU A 636 -27.61 -32.03 -41.04
CA LEU A 636 -28.89 -32.31 -40.40
C LEU A 636 -30.00 -31.43 -40.99
N LEU A 637 -29.69 -30.14 -41.13
CA LEU A 637 -30.63 -29.17 -41.70
C LEU A 637 -29.90 -28.37 -42.74
N LEU A 638 -30.66 -27.70 -43.59
CA LEU A 638 -30.06 -26.85 -44.60
C LEU A 638 -30.26 -25.46 -44.03
N GLY A 639 -29.20 -24.88 -43.50
CA GLY A 639 -29.33 -23.54 -42.95
C GLY A 639 -29.81 -23.51 -41.52
N ASN A 640 -30.34 -22.36 -41.11
CA ASN A 640 -30.82 -22.15 -39.75
C ASN A 640 -32.34 -22.06 -39.65
N LEU A 641 -32.93 -22.96 -38.87
CA LEU A 641 -34.37 -22.98 -38.67
C LEU A 641 -34.77 -21.94 -37.63
N LYS A 642 -35.65 -21.02 -37.99
CA LYS A 642 -36.10 -20.00 -37.04
C LYS A 642 -37.54 -20.29 -36.62
N ILE A 643 -37.82 -20.19 -35.33
CA ILE A 643 -39.16 -20.47 -34.83
C ILE A 643 -39.66 -19.49 -33.77
N ASP A 644 -40.70 -18.74 -34.07
CA ASP A 644 -41.27 -17.82 -33.08
C ASP A 644 -41.92 -18.67 -32.01
N VAL A 645 -41.53 -18.47 -30.75
CA VAL A 645 -42.10 -19.25 -29.66
C VAL A 645 -43.10 -18.43 -28.88
N PRO A 646 -44.28 -19.00 -28.60
CA PRO A 646 -45.30 -18.27 -27.85
C PRO A 646 -44.84 -17.98 -26.42
N THR A 647 -45.07 -16.75 -25.96
CA THR A 647 -44.69 -16.31 -24.62
C THR A 647 -44.93 -17.40 -23.58
N LEU A 648 -43.99 -17.57 -22.66
CA LEU A 648 -44.09 -18.60 -21.64
C LEU A 648 -44.28 -18.04 -20.23
N GLY A 649 -45.35 -18.48 -19.58
CA GLY A 649 -45.66 -18.02 -18.24
C GLY A 649 -44.65 -18.41 -17.18
N PRO A 650 -44.73 -17.78 -16.01
CA PRO A 650 -43.80 -18.11 -14.93
C PRO A 650 -43.94 -19.57 -14.49
N LYS A 651 -42.81 -20.25 -14.36
CA LYS A 651 -42.77 -21.66 -13.95
C LYS A 651 -43.35 -22.59 -15.01
N GLU A 652 -43.65 -22.04 -16.18
CA GLU A 652 -44.21 -22.84 -17.27
C GLU A 652 -43.12 -23.53 -18.10
N ARG A 653 -43.53 -24.48 -18.93
CA ARG A 653 -42.62 -25.23 -19.77
C ARG A 653 -42.97 -25.07 -21.24
N SER A 654 -41.96 -24.91 -22.08
CA SER A 654 -42.17 -24.75 -23.52
C SER A 654 -41.70 -26.02 -24.22
N ARG A 655 -42.48 -26.48 -25.19
CA ARG A 655 -42.12 -27.69 -25.93
C ARG A 655 -42.34 -27.46 -27.42
N VAL A 656 -41.29 -27.03 -28.11
CA VAL A 656 -41.40 -26.76 -29.54
C VAL A 656 -40.99 -27.96 -30.37
N ARG A 657 -41.90 -28.48 -31.17
CA ARG A 657 -41.57 -29.62 -32.01
C ARG A 657 -41.16 -29.16 -33.40
N PHE A 658 -40.31 -29.95 -34.05
CA PHE A 658 -39.87 -29.64 -35.40
C PHE A 658 -39.12 -30.84 -35.98
N ASP A 659 -38.95 -30.85 -37.29
CA ASP A 659 -38.27 -31.96 -37.93
C ASP A 659 -37.01 -31.51 -38.67
N ILE A 660 -36.15 -32.47 -38.97
CA ILE A 660 -34.94 -32.21 -39.70
C ILE A 660 -34.80 -33.40 -40.65
N LEU A 661 -33.93 -33.28 -41.64
CA LEU A 661 -33.78 -34.36 -42.59
C LEU A 661 -32.32 -34.63 -42.86
N PRO A 662 -31.71 -35.53 -42.08
CA PRO A 662 -30.29 -35.89 -42.25
C PRO A 662 -29.89 -36.10 -43.72
N SER A 663 -28.88 -35.36 -44.18
CA SER A 663 -28.40 -35.48 -45.56
C SER A 663 -27.08 -36.22 -45.69
N ARG A 664 -26.34 -36.38 -44.59
CA ARG A 664 -25.08 -37.14 -44.59
C ARG A 664 -24.99 -37.95 -43.29
N SER A 665 -24.46 -39.17 -43.37
CA SER A 665 -24.35 -40.04 -42.21
C SER A 665 -23.18 -39.73 -41.30
N GLY A 666 -23.24 -40.28 -40.08
CA GLY A 666 -22.18 -40.06 -39.11
C GLY A 666 -22.60 -39.27 -37.88
N THR A 667 -21.63 -38.96 -37.03
CA THR A 667 -21.90 -38.19 -35.80
C THR A 667 -22.07 -36.72 -36.20
N LYS A 668 -23.30 -36.24 -36.10
CA LYS A 668 -23.65 -34.88 -36.47
C LYS A 668 -24.03 -34.04 -35.26
N GLN A 669 -23.84 -32.73 -35.39
CA GLN A 669 -24.11 -31.81 -34.29
C GLN A 669 -25.33 -30.92 -34.46
N LEU A 670 -26.29 -31.06 -33.55
CA LEU A 670 -27.48 -30.22 -33.61
C LEU A 670 -27.31 -29.11 -32.58
N LEU A 671 -27.34 -27.87 -33.05
CA LEU A 671 -27.19 -26.72 -32.15
C LEU A 671 -28.45 -25.87 -32.18
N ALA A 672 -28.79 -25.31 -31.03
CA ALA A 672 -29.96 -24.46 -30.93
C ALA A 672 -29.69 -23.22 -30.09
N ASP A 673 -30.50 -22.20 -30.28
CA ASP A 673 -30.37 -20.97 -29.51
C ASP A 673 -31.74 -20.53 -29.06
N PHE A 674 -31.91 -20.34 -27.76
CA PHE A 674 -33.19 -19.87 -27.27
C PHE A 674 -33.03 -18.49 -26.67
N SER A 675 -33.79 -17.54 -27.20
CA SER A 675 -33.74 -16.16 -26.74
C SER A 675 -35.13 -15.59 -26.44
N CYS A 676 -35.21 -14.89 -25.31
CA CYS A 676 -36.43 -14.23 -24.88
C CYS A 676 -35.99 -12.94 -24.21
N ASN A 677 -36.94 -12.14 -23.73
CA ASN A 677 -36.64 -10.86 -23.10
C ASN A 677 -35.80 -10.92 -21.81
N LYS A 678 -36.01 -11.96 -20.99
CA LYS A 678 -35.27 -12.09 -19.73
C LYS A 678 -34.10 -13.06 -19.84
N PHE A 679 -33.94 -13.66 -21.02
CA PHE A 679 -32.86 -14.61 -21.24
C PHE A 679 -32.28 -14.57 -22.64
N PRO A 680 -31.26 -13.74 -22.86
CA PRO A 680 -30.70 -13.74 -24.22
C PRO A 680 -29.73 -14.88 -24.40
N ALA A 681 -29.74 -15.45 -25.61
CA ALA A 681 -28.84 -16.52 -26.00
C ALA A 681 -28.61 -17.70 -25.05
N ILE A 682 -29.64 -18.51 -24.85
CA ILE A 682 -29.48 -19.70 -24.03
C ILE A 682 -29.06 -20.69 -25.10
N LYS A 683 -28.10 -21.56 -24.81
CA LYS A 683 -27.65 -22.50 -25.82
C LYS A 683 -28.04 -23.92 -25.49
N ALA A 684 -28.00 -24.77 -26.51
CA ALA A 684 -28.33 -26.18 -26.38
C ALA A 684 -27.60 -26.92 -27.49
N MET A 685 -27.11 -28.11 -27.19
CA MET A 685 -26.36 -28.91 -28.15
C MET A 685 -26.64 -30.41 -27.99
N LEU A 686 -26.83 -31.10 -29.10
CA LEU A 686 -27.10 -32.53 -29.09
C LEU A 686 -26.37 -33.24 -30.23
N SER A 687 -25.59 -34.26 -29.89
CA SER A 687 -24.84 -35.02 -30.89
C SER A 687 -25.70 -36.15 -31.41
N ILE A 688 -26.01 -36.10 -32.70
CA ILE A 688 -26.85 -37.10 -33.31
C ILE A 688 -26.08 -38.09 -34.19
N ASP A 689 -26.44 -39.36 -34.08
CA ASP A 689 -25.80 -40.43 -34.86
C ASP A 689 -26.72 -40.75 -36.05
N VAL A 690 -26.30 -40.37 -37.26
CA VAL A 690 -27.09 -40.63 -38.46
C VAL A 690 -26.59 -41.84 -39.25
N ALA A 691 -27.48 -42.81 -39.46
CA ALA A 691 -27.14 -44.04 -40.16
C ALA A 691 -27.23 -43.99 -41.69
N GLU A 692 -26.81 -45.11 -42.30
CA GLU A 692 -26.79 -45.34 -43.75
C GLU A 692 -25.47 -44.93 -44.42
N ALA B 1 11.90 6.37 -21.52
CA ALA B 1 12.96 7.28 -22.06
C ALA B 1 14.23 7.09 -21.23
N ALA B 2 14.71 8.19 -20.66
CA ALA B 2 15.89 8.14 -19.82
C ALA B 2 15.45 7.43 -18.53
N LEU B 3 16.41 6.89 -17.79
CA LEU B 3 16.09 6.22 -16.54
C LEU B 3 15.22 7.16 -15.71
N GLY B 4 14.38 6.61 -14.85
CA GLY B 4 13.51 7.44 -14.04
C GLY B 4 12.86 6.71 -12.89
N VAL B 5 12.62 7.43 -11.80
CA VAL B 5 11.98 6.88 -10.61
C VAL B 5 10.48 6.86 -10.80
N GLN B 6 9.86 5.70 -10.65
CA GLN B 6 8.42 5.60 -10.78
C GLN B 6 7.85 5.77 -9.39
N SER B 7 8.41 5.03 -8.45
CA SER B 7 7.98 5.11 -7.06
C SER B 7 9.15 4.77 -6.15
N ILE B 8 8.97 5.01 -4.88
CA ILE B 8 9.97 4.73 -3.87
C ILE B 8 9.34 4.31 -2.56
N ASN B 9 9.76 3.17 -2.04
CA ASN B 9 9.20 2.64 -0.80
C ASN B 9 10.16 2.92 0.38
N TRP B 10 9.78 3.82 1.26
CA TRP B 10 10.64 4.16 2.40
C TRP B 10 10.69 3.05 3.44
N GLN B 11 9.87 2.02 3.24
CA GLN B 11 9.80 0.89 4.17
C GLN B 11 9.76 1.40 5.61
N THR B 12 9.00 2.49 5.79
CA THR B 12 8.79 3.12 7.08
C THR B 12 8.07 2.09 7.92
N ALA B 13 8.74 1.59 8.96
CA ALA B 13 8.17 0.57 9.84
C ALA B 13 9.32 -0.34 10.13
N PHE B 14 9.83 -0.95 9.07
CA PHE B 14 10.98 -1.83 9.22
C PHE B 14 12.11 -0.92 9.69
N ASN B 15 12.36 0.16 8.94
CA ASN B 15 13.41 1.08 9.31
C ASN B 15 13.11 1.75 10.64
N ARG B 16 11.86 2.09 10.87
CA ARG B 16 11.51 2.73 12.14
C ARG B 16 11.74 1.79 13.32
N GLN B 17 11.42 0.52 13.14
CA GLN B 17 11.62 -0.45 14.21
C GLN B 17 13.12 -0.70 14.40
N ALA B 18 13.87 -0.71 13.30
CA ALA B 18 15.32 -0.92 13.40
C ALA B 18 16.00 0.29 14.04
N HIS B 19 15.40 1.46 13.87
CA HIS B 19 15.93 2.68 14.42
C HIS B 19 15.30 3.04 15.76
N HIS B 20 14.50 2.14 16.32
CA HIS B 20 13.88 2.38 17.61
C HIS B 20 13.16 3.71 17.65
N THR B 21 12.44 4.03 16.59
CA THR B 21 11.71 5.29 16.55
C THR B 21 10.24 5.02 16.24
N ASP B 22 9.84 3.76 16.37
CA ASP B 22 8.47 3.34 16.08
C ASP B 22 7.42 3.78 17.10
N LYS B 23 7.83 4.11 18.32
CA LYS B 23 6.84 4.54 19.30
C LYS B 23 6.17 5.87 18.97
N PHE B 24 6.85 6.73 18.19
CA PHE B 24 6.28 8.04 17.84
C PHE B 24 4.99 7.92 17.05
N SER B 25 4.01 8.72 17.45
CA SER B 25 2.69 8.72 16.83
C SER B 25 2.61 9.41 15.47
N SER B 26 3.75 9.62 14.83
CA SER B 26 3.78 10.24 13.52
C SER B 26 3.82 9.13 12.47
N GLN B 27 3.66 9.51 11.21
CA GLN B 27 3.73 8.55 10.14
C GLN B 27 4.84 8.97 9.20
N GLU B 28 5.57 10.00 9.62
CA GLU B 28 6.71 10.52 8.88
C GLU B 28 7.81 9.46 8.95
N LEU B 29 8.88 9.66 8.19
CA LEU B 29 9.99 8.72 8.23
C LEU B 29 10.98 9.27 9.27
N ILE B 30 11.03 8.61 10.42
CA ILE B 30 11.91 9.03 11.51
C ILE B 30 13.07 8.05 11.67
N LEU B 31 14.30 8.55 11.57
CA LEU B 31 15.49 7.72 11.68
C LEU B 31 16.54 8.32 12.61
N ARG B 32 17.57 7.54 12.95
CA ARG B 32 18.66 7.99 13.80
C ARG B 32 19.98 7.98 13.04
N ARG B 33 20.79 9.00 13.28
CA ARG B 33 22.07 9.17 12.59
C ARG B 33 23.11 8.11 12.91
N GLY B 34 23.98 7.86 11.94
CA GLY B 34 25.05 6.90 12.13
C GLY B 34 24.57 5.49 11.92
N GLN B 35 23.28 5.36 11.64
CA GLN B 35 22.67 4.06 11.40
C GLN B 35 22.02 4.21 10.05
N ASN B 36 22.06 3.14 9.27
CA ASN B 36 21.49 3.20 7.94
C ASN B 36 20.12 2.55 7.83
N PHE B 37 19.42 2.90 6.76
CA PHE B 37 18.08 2.38 6.49
C PHE B 37 18.07 1.83 5.07
N GLN B 38 17.03 1.06 4.75
CA GLN B 38 16.95 0.46 3.42
C GLN B 38 15.70 0.92 2.69
N VAL B 39 15.87 1.32 1.43
CA VAL B 39 14.73 1.75 0.62
C VAL B 39 14.65 0.99 -0.70
N LEU B 40 13.46 0.94 -1.27
CA LEU B 40 13.22 0.25 -2.53
C LEU B 40 12.87 1.31 -3.55
N MET B 41 13.57 1.32 -4.67
CA MET B 41 13.32 2.31 -5.70
C MET B 41 12.96 1.68 -7.04
N ILE B 42 11.68 1.74 -7.39
CA ILE B 42 11.22 1.19 -8.65
C ILE B 42 11.43 2.18 -9.77
N MET B 43 12.39 1.88 -10.65
CA MET B 43 12.70 2.74 -11.77
C MET B 43 11.83 2.32 -12.96
N ASN B 44 11.86 3.11 -14.03
CA ASN B 44 11.06 2.78 -15.23
C ASN B 44 11.86 1.93 -16.21
N LYS B 45 13.03 1.45 -15.78
CA LYS B 45 13.89 0.59 -16.60
C LYS B 45 15.05 0.06 -15.79
N GLY B 46 15.93 -0.70 -16.44
CA GLY B 46 17.08 -1.26 -15.74
C GLY B 46 18.30 -0.36 -15.81
N LEU B 47 19.13 -0.42 -14.77
CA LEU B 47 20.34 0.39 -14.68
C LEU B 47 21.35 0.04 -15.76
N GLY B 48 21.85 1.05 -16.46
CA GLY B 48 22.82 0.83 -17.52
C GLY B 48 24.23 1.22 -17.12
N SER B 49 25.22 0.56 -17.70
CA SER B 49 26.63 0.85 -17.39
C SER B 49 26.91 2.35 -17.47
N ASN B 50 26.34 3.01 -18.47
CA ASN B 50 26.57 4.44 -18.66
C ASN B 50 25.58 5.33 -17.91
N GLU B 51 25.25 4.95 -16.67
CA GLU B 51 24.32 5.73 -15.86
C GLU B 51 24.81 5.88 -14.42
N ARG B 52 24.30 6.91 -13.74
CA ARG B 52 24.72 7.19 -12.37
C ARG B 52 23.61 7.88 -11.57
N LEU B 53 23.47 7.52 -10.30
CA LEU B 53 22.47 8.09 -9.41
C LEU B 53 23.13 8.76 -8.20
N GLU B 54 22.96 10.07 -8.06
CA GLU B 54 23.52 10.77 -6.92
C GLU B 54 22.39 11.16 -5.99
N PHE B 55 22.53 10.82 -4.71
CA PHE B 55 21.52 11.18 -3.70
C PHE B 55 21.87 12.56 -3.18
N ILE B 56 20.86 13.33 -2.81
CA ILE B 56 21.07 14.67 -2.29
C ILE B 56 20.20 14.88 -1.06
N VAL B 57 20.82 14.91 0.12
CA VAL B 57 20.07 15.15 1.35
C VAL B 57 20.39 16.57 1.81
N SER B 58 19.40 17.24 2.41
CA SER B 58 19.60 18.62 2.87
C SER B 58 18.74 18.98 4.06
N THR B 59 19.24 19.86 4.92
CA THR B 59 18.48 20.27 6.07
C THR B 59 18.72 21.74 6.42
N GLY B 60 17.72 22.36 7.03
CA GLY B 60 17.85 23.76 7.38
C GLY B 60 17.60 24.63 6.16
N PRO B 61 17.56 25.96 6.33
CA PRO B 61 17.32 26.94 5.26
C PRO B 61 18.49 27.26 4.32
N TYR B 62 19.66 26.68 4.57
CA TYR B 62 20.81 26.95 3.71
C TYR B 62 21.72 25.74 3.58
N PRO B 63 21.17 24.62 3.09
CA PRO B 63 21.99 23.41 2.94
C PRO B 63 23.36 23.77 2.41
N SER B 64 24.40 23.18 2.99
CA SER B 64 25.77 23.47 2.57
C SER B 64 26.67 22.26 2.77
N GLU B 65 27.23 21.74 1.68
CA GLU B 65 28.12 20.58 1.76
C GLU B 65 29.18 20.77 2.84
N SER B 66 29.77 21.96 2.91
CA SER B 66 30.82 22.24 3.88
C SER B 66 30.34 22.38 5.33
N ALA B 67 29.08 22.73 5.51
CA ALA B 67 28.52 22.87 6.86
C ALA B 67 27.95 21.52 7.27
N MET B 68 27.90 20.61 6.30
CA MET B 68 27.37 19.27 6.49
C MET B 68 25.84 19.30 6.56
N THR B 69 25.26 20.41 6.16
CA THR B 69 23.81 20.53 6.17
C THR B 69 23.25 20.18 4.80
N LYS B 70 24.16 19.67 3.95
CA LYS B 70 23.86 19.20 2.59
C LYS B 70 24.94 18.18 2.18
N ALA B 71 24.50 17.10 1.55
CA ALA B 71 25.43 16.06 1.13
C ALA B 71 24.97 15.39 -0.15
N VAL B 72 25.95 15.14 -1.02
CA VAL B 72 25.68 14.49 -2.29
C VAL B 72 26.53 13.25 -2.32
N PHE B 73 25.91 12.10 -2.53
CA PHE B 73 26.65 10.85 -2.57
C PHE B 73 26.08 9.92 -3.63
N PRO B 74 26.97 9.36 -4.45
CA PRO B 74 26.60 8.44 -5.53
C PRO B 74 26.20 7.06 -5.05
N LEU B 75 25.32 6.43 -5.81
CA LEU B 75 24.90 5.08 -5.48
C LEU B 75 26.05 4.20 -5.97
N SER B 76 26.92 3.82 -5.04
CA SER B 76 28.07 2.98 -5.37
C SER B 76 27.91 1.64 -4.68
N ASN B 77 28.95 1.24 -3.96
CA ASN B 77 28.94 -0.02 -3.21
C ASN B 77 29.92 0.07 -2.04
N GLY B 78 29.40 -0.11 -0.83
CA GLY B 78 30.24 -0.03 0.35
C GLY B 78 30.32 1.38 0.88
N SER B 79 29.80 1.61 2.08
CA SER B 79 29.82 2.94 2.66
C SER B 79 31.20 3.57 2.50
N SER B 80 31.21 4.89 2.45
CA SER B 80 32.44 5.66 2.28
C SER B 80 32.45 6.75 3.35
N GLY B 81 31.99 6.40 4.53
CA GLY B 81 31.94 7.37 5.62
C GLY B 81 30.88 8.39 5.28
N GLY B 82 30.67 9.36 6.17
CA GLY B 82 29.67 10.38 5.91
C GLY B 82 28.40 9.71 5.40
N TRP B 83 27.87 10.22 4.29
CA TRP B 83 26.67 9.63 3.71
C TRP B 83 27.05 8.68 2.60
N SER B 84 26.18 7.70 2.36
CA SER B 84 26.43 6.73 1.30
C SER B 84 25.20 5.91 0.96
N ALA B 85 25.13 5.48 -0.30
CA ALA B 85 24.02 4.67 -0.79
C ALA B 85 24.58 3.44 -1.47
N VAL B 86 24.24 2.26 -0.95
CA VAL B 86 24.72 1.01 -1.51
C VAL B 86 23.64 0.19 -2.22
N LEU B 87 23.94 -0.24 -3.44
CA LEU B 87 23.01 -1.05 -4.21
C LEU B 87 23.22 -2.50 -3.79
N GLN B 88 22.29 -3.00 -2.97
CA GLN B 88 22.39 -4.36 -2.49
C GLN B 88 21.77 -5.37 -3.44
N ALA B 89 20.78 -4.93 -4.23
CA ALA B 89 20.12 -5.82 -5.18
C ALA B 89 19.31 -5.12 -6.27
N SER B 90 19.26 -5.75 -7.45
CA SER B 90 18.51 -5.23 -8.60
C SER B 90 17.58 -6.30 -9.13
N ASN B 91 16.28 -6.10 -8.96
CA ASN B 91 15.32 -7.08 -9.46
C ASN B 91 14.34 -6.37 -10.37
N GLY B 92 14.53 -6.57 -11.67
CA GLY B 92 13.69 -5.90 -12.64
C GLY B 92 14.10 -4.44 -12.64
N ASN B 93 13.14 -3.57 -12.36
CA ASN B 93 13.42 -2.14 -12.32
C ASN B 93 13.43 -1.67 -10.88
N THR B 94 13.44 -2.63 -9.97
CA THR B 94 13.44 -2.31 -8.56
C THR B 94 14.82 -2.41 -7.92
N LEU B 95 15.30 -1.28 -7.43
CA LEU B 95 16.60 -1.19 -6.78
C LEU B 95 16.47 -1.23 -5.25
N THR B 96 17.16 -2.17 -4.62
CA THR B 96 17.15 -2.24 -3.17
C THR B 96 18.38 -1.46 -2.75
N ILE B 97 18.18 -0.38 -1.99
CA ILE B 97 19.29 0.45 -1.56
C ILE B 97 19.40 0.63 -0.05
N SER B 98 20.64 0.71 0.41
CA SER B 98 20.95 0.88 1.81
C SER B 98 21.69 2.20 1.95
N ILE B 99 21.03 3.18 2.55
CA ILE B 99 21.63 4.49 2.74
C ILE B 99 22.11 4.61 4.18
N SER B 100 23.26 5.25 4.36
CA SER B 100 23.81 5.45 5.70
C SER B 100 24.13 6.91 5.95
N SER B 101 23.87 7.36 7.17
CA SER B 101 24.13 8.73 7.55
C SER B 101 25.34 8.74 8.47
N PRO B 102 26.10 9.84 8.49
CA PRO B 102 27.29 9.92 9.35
C PRO B 102 26.85 10.12 10.81
N ALA B 103 27.56 9.46 11.73
CA ALA B 103 27.22 9.54 13.14
C ALA B 103 27.25 10.96 13.71
N SER B 104 27.84 11.88 12.96
CA SER B 104 27.96 13.28 13.37
C SER B 104 27.04 14.22 12.60
N ALA B 105 26.09 13.68 11.87
CA ALA B 105 25.18 14.50 11.08
C ALA B 105 24.26 15.31 11.98
N PRO B 106 23.86 16.51 11.52
CA PRO B 106 22.97 17.38 12.30
C PRO B 106 21.57 16.79 12.34
N ILE B 107 20.95 16.81 13.51
CA ILE B 107 19.59 16.28 13.66
C ILE B 107 18.61 17.28 13.08
N GLY B 108 17.40 16.80 12.76
CA GLY B 108 16.38 17.67 12.21
C GLY B 108 15.66 17.16 10.97
N ARG B 109 14.82 18.01 10.40
CA ARG B 109 14.06 17.68 9.19
C ARG B 109 14.93 17.77 7.93
N TYR B 110 14.99 16.69 7.19
CA TYR B 110 15.80 16.63 5.96
C TYR B 110 14.96 16.40 4.70
N THR B 111 15.50 16.82 3.56
CA THR B 111 14.84 16.59 2.28
C THR B 111 15.80 15.73 1.47
N MET B 112 15.25 14.71 0.79
CA MET B 112 16.08 13.83 -0.03
C MET B 112 15.67 13.86 -1.49
N ALA B 113 16.61 14.21 -2.36
CA ALA B 113 16.33 14.26 -3.78
C ALA B 113 17.23 13.28 -4.52
N LEU B 114 16.98 13.09 -5.80
CA LEU B 114 17.78 12.18 -6.60
C LEU B 114 18.20 12.87 -7.89
N GLN B 115 19.44 12.65 -8.32
CA GLN B 115 19.93 13.24 -9.55
C GLN B 115 20.25 12.07 -10.46
N ILE B 116 19.76 12.11 -11.69
CA ILE B 116 20.00 11.00 -12.60
C ILE B 116 20.79 11.33 -13.86
N PHE B 117 21.80 10.50 -14.12
CA PHE B 117 22.64 10.62 -15.30
C PHE B 117 22.24 9.46 -16.20
N SER B 118 21.48 9.76 -17.25
CA SER B 118 21.00 8.72 -18.18
C SER B 118 20.99 9.23 -19.62
N GLN B 119 21.56 8.45 -20.52
CA GLN B 119 21.64 8.79 -21.95
C GLN B 119 22.13 10.20 -22.25
N GLY B 120 23.29 10.57 -21.69
CA GLY B 120 23.86 11.88 -21.94
C GLY B 120 23.11 13.06 -21.37
N GLY B 121 22.10 12.80 -20.54
CA GLY B 121 21.35 13.88 -19.93
C GLY B 121 21.37 13.83 -18.41
N ILE B 122 20.82 14.86 -17.77
CA ILE B 122 20.76 14.91 -16.32
C ILE B 122 19.37 15.38 -15.91
N SER B 123 18.69 14.56 -15.12
CA SER B 123 17.36 14.93 -14.61
C SER B 123 17.47 14.89 -13.11
N SER B 124 16.51 15.52 -12.42
CA SER B 124 16.55 15.54 -10.97
C SER B 124 15.14 15.53 -10.40
N VAL B 125 14.97 14.94 -9.22
CA VAL B 125 13.65 14.86 -8.59
C VAL B 125 13.72 14.75 -7.07
N LYS B 126 12.70 15.26 -6.40
CA LYS B 126 12.65 15.16 -4.93
C LYS B 126 12.05 13.81 -4.60
N LEU B 127 12.57 13.15 -3.58
CA LEU B 127 12.07 11.84 -3.20
C LEU B 127 11.10 11.93 -2.04
N GLY B 128 11.53 12.57 -0.96
CA GLY B 128 10.69 12.70 0.20
C GLY B 128 11.36 13.50 1.28
N THR B 129 10.94 13.26 2.51
CA THR B 129 11.51 13.95 3.66
C THR B 129 11.53 13.01 4.86
N PHE B 130 12.51 13.20 5.74
CA PHE B 130 12.62 12.37 6.92
C PHE B 130 13.24 13.16 8.05
N ILE B 131 13.02 12.70 9.27
CA ILE B 131 13.57 13.36 10.44
C ILE B 131 14.74 12.50 10.91
N LEU B 132 15.86 13.13 11.21
CA LEU B 132 17.04 12.41 11.67
C LEU B 132 17.31 12.83 13.12
N LEU B 133 17.37 11.86 14.02
CA LEU B 133 17.59 12.16 15.43
C LEU B 133 18.91 11.57 15.97
N PHE B 134 19.21 11.86 17.23
CA PHE B 134 20.42 11.35 17.86
C PHE B 134 20.26 9.84 18.04
N ASN B 135 21.39 9.12 18.10
CA ASN B 135 21.31 7.67 18.24
C ASN B 135 21.97 7.07 19.48
N PRO B 136 21.25 7.06 20.62
CA PRO B 136 21.78 6.50 21.88
C PRO B 136 22.18 5.02 21.75
N TRP B 137 21.86 4.41 20.61
CA TRP B 137 22.18 3.01 20.36
C TRP B 137 23.49 2.86 19.61
N LEU B 138 23.97 3.94 18.99
CA LEU B 138 25.22 3.91 18.23
C LEU B 138 26.44 4.26 19.09
N ASN B 139 27.31 3.28 19.27
CA ASN B 139 28.52 3.44 20.07
C ASN B 139 29.40 4.65 19.73
N VAL B 140 29.28 5.19 18.53
CA VAL B 140 30.10 6.32 18.12
C VAL B 140 29.38 7.65 18.22
N ASP B 141 28.06 7.62 18.38
CA ASP B 141 27.32 8.86 18.51
C ASP B 141 27.62 9.38 19.92
N SER B 142 27.80 10.70 20.04
CA SER B 142 28.10 11.29 21.34
C SER B 142 27.09 11.00 22.46
N VAL B 143 25.80 10.93 22.14
CA VAL B 143 24.78 10.65 23.16
C VAL B 143 24.67 9.16 23.52
N PHE B 144 25.64 8.38 23.06
CA PHE B 144 25.65 6.94 23.30
C PHE B 144 25.50 6.50 24.76
N MET B 145 24.58 5.56 24.99
CA MET B 145 24.32 5.00 26.31
C MET B 145 24.25 3.48 26.11
N GLY B 146 25.16 2.78 26.77
CA GLY B 146 25.26 1.33 26.61
C GLY B 146 24.27 0.38 27.25
N ASN B 147 23.89 0.60 28.50
CA ASN B 147 22.96 -0.32 29.17
C ASN B 147 21.51 -0.23 28.70
N HIS B 148 20.95 -1.36 28.26
CA HIS B 148 19.58 -1.45 27.75
C HIS B 148 18.50 -0.85 28.64
N ALA B 149 18.48 -1.24 29.90
CA ALA B 149 17.48 -0.75 30.83
C ALA B 149 17.57 0.77 31.04
N GLU B 150 18.78 1.31 31.02
CA GLU B 150 18.96 2.74 31.23
C GLU B 150 18.46 3.54 30.04
N ARG B 151 18.99 3.24 28.85
CA ARG B 151 18.58 3.91 27.64
C ARG B 151 17.07 3.81 27.41
N GLU B 152 16.48 2.72 27.86
CA GLU B 152 15.04 2.56 27.72
C GLU B 152 14.34 3.56 28.65
N GLU B 153 14.81 3.64 29.89
CA GLU B 153 14.24 4.54 30.89
C GLU B 153 14.55 6.02 30.65
N TYR B 154 15.73 6.34 30.13
CA TYR B 154 16.08 7.74 29.89
C TYR B 154 15.79 8.24 28.47
N VAL B 155 15.21 7.39 27.63
CA VAL B 155 14.89 7.78 26.27
C VAL B 155 13.51 7.30 25.83
N GLN B 156 13.22 6.02 26.05
CA GLN B 156 11.97 5.41 25.64
C GLN B 156 10.76 5.59 26.54
N GLU B 157 10.99 5.82 27.83
CA GLU B 157 9.89 5.98 28.78
C GLU B 157 9.19 7.33 28.69
N ASP B 158 7.87 7.32 28.52
CA ASP B 158 7.13 8.57 28.44
C ASP B 158 6.31 8.91 29.70
N ALA B 159 6.47 8.10 30.74
CA ALA B 159 5.78 8.36 32.01
C ALA B 159 6.85 8.80 32.99
N GLY B 160 6.52 9.73 33.88
CA GLY B 160 7.52 10.19 34.82
C GLY B 160 7.13 10.38 36.27
N ILE B 161 8.16 10.64 37.07
CA ILE B 161 8.02 10.85 38.51
C ILE B 161 9.02 11.91 38.98
N ILE B 162 8.51 13.06 39.41
CA ILE B 162 9.36 14.13 39.90
C ILE B 162 9.20 14.31 41.42
N PHE B 163 10.26 14.05 42.17
CA PHE B 163 10.19 14.17 43.62
C PHE B 163 10.17 15.62 44.07
N VAL B 164 9.32 15.90 45.05
CA VAL B 164 9.18 17.23 45.58
C VAL B 164 9.12 17.20 47.10
N GLY B 165 8.62 18.28 47.70
CA GLY B 165 8.52 18.36 49.14
C GLY B 165 9.65 19.18 49.73
N SER B 166 10.16 18.75 50.89
CA SER B 166 11.25 19.46 51.56
C SER B 166 12.10 18.44 52.28
N THR B 167 13.27 18.85 52.75
CA THR B 167 14.18 17.93 53.45
C THR B 167 13.54 17.28 54.68
N ASN B 168 12.30 17.67 55.00
CA ASN B 168 11.61 17.08 56.15
C ASN B 168 10.58 16.04 55.76
N ARG B 169 10.26 16.00 54.47
CA ARG B 169 9.32 15.03 53.92
C ARG B 169 9.26 15.16 52.41
N ILE B 170 9.91 14.21 51.74
CA ILE B 170 9.95 14.16 50.29
C ILE B 170 8.71 13.50 49.73
N GLY B 171 8.11 14.15 48.75
CA GLY B 171 6.92 13.59 48.12
C GLY B 171 7.22 13.41 46.64
N MET B 172 6.21 13.06 45.88
CA MET B 172 6.41 12.87 44.45
C MET B 172 5.16 13.26 43.68
N ILE B 173 5.34 13.59 42.41
CA ILE B 173 4.23 13.95 41.53
C ILE B 173 4.50 13.27 40.19
N GLY B 174 3.45 12.70 39.59
CA GLY B 174 3.62 12.03 38.31
C GLY B 174 3.58 13.06 37.20
N TRP B 175 4.41 12.88 36.18
CA TRP B 175 4.45 13.82 35.06
C TRP B 175 4.38 13.03 33.75
N ASN B 176 3.62 13.57 32.80
CA ASN B 176 3.47 12.92 31.52
C ASN B 176 4.30 13.65 30.49
N PHE B 177 5.44 13.05 30.14
CA PHE B 177 6.34 13.63 29.16
C PHE B 177 5.67 13.66 27.80
N GLY B 178 5.14 12.52 27.40
CA GLY B 178 4.45 12.43 26.13
C GLY B 178 5.29 12.81 24.93
N GLN B 179 6.52 12.31 24.87
CA GLN B 179 7.38 12.62 23.73
C GLN B 179 6.86 11.91 22.49
N PHE B 180 6.02 10.90 22.70
CA PHE B 180 5.49 10.13 21.60
C PHE B 180 4.10 10.54 21.16
N GLU B 181 3.54 11.57 21.81
CA GLU B 181 2.20 12.02 21.46
C GLU B 181 2.16 12.78 20.15
N GLU B 182 1.00 12.76 19.51
CA GLU B 182 0.81 13.42 18.23
C GLU B 182 1.39 14.84 18.23
N ASP B 183 2.20 15.12 17.22
CA ASP B 183 2.84 16.41 17.01
C ASP B 183 3.95 16.81 18.00
N ILE B 184 4.08 16.09 19.11
CA ILE B 184 5.10 16.44 20.11
C ILE B 184 6.53 16.49 19.54
N LEU B 185 6.91 15.50 18.74
CA LEU B 185 8.25 15.50 18.15
C LEU B 185 8.42 16.71 17.20
N SER B 186 7.40 16.94 16.39
CA SER B 186 7.37 18.03 15.41
C SER B 186 7.60 19.40 16.02
N ILE B 187 6.96 19.64 17.17
CA ILE B 187 7.07 20.90 17.89
C ILE B 187 8.45 21.06 18.55
N CYS B 188 8.97 19.97 19.09
CA CYS B 188 10.27 20.03 19.73
C CYS B 188 11.35 20.24 18.69
N LEU B 189 11.09 19.76 17.47
CA LEU B 189 12.04 19.98 16.40
C LEU B 189 11.95 21.47 16.02
N SER B 190 10.72 21.97 15.86
CA SER B 190 10.50 23.36 15.49
C SER B 190 11.06 24.36 16.50
N ILE B 191 11.10 23.97 17.78
CA ILE B 191 11.65 24.85 18.81
C ILE B 191 13.02 25.33 18.36
N LEU B 192 13.80 24.43 17.77
CA LEU B 192 15.14 24.76 17.30
C LEU B 192 15.13 25.81 16.18
N ASP B 193 14.03 25.89 15.45
CA ASP B 193 13.91 26.86 14.36
C ASP B 193 13.37 28.19 14.88
N ARG B 194 13.29 28.31 16.20
CA ARG B 194 12.76 29.51 16.83
C ARG B 194 13.70 30.14 17.84
N SER B 195 14.80 29.48 18.18
CA SER B 195 15.74 30.00 19.16
C SER B 195 16.38 31.31 18.73
N LEU B 196 17.04 31.99 19.67
CA LEU B 196 17.72 33.24 19.35
C LEU B 196 18.88 32.90 18.42
N ASN B 197 19.51 31.75 18.68
CA ASN B 197 20.63 31.29 17.87
C ASN B 197 20.29 31.16 16.38
N PHE B 198 19.09 30.67 16.09
CA PHE B 198 18.65 30.49 14.70
C PHE B 198 18.36 31.81 14.00
N ARG B 199 17.81 32.77 14.73
CA ARG B 199 17.48 34.07 14.14
C ARG B 199 18.75 34.90 13.91
N ARG B 200 19.74 34.64 14.75
CA ARG B 200 21.02 35.33 14.73
C ARG B 200 21.91 34.84 13.57
N ASP B 201 21.68 33.61 13.15
CA ASP B 201 22.45 32.99 12.07
C ASP B 201 21.89 31.60 11.81
N ALA B 202 20.81 31.53 11.03
CA ALA B 202 20.15 30.28 10.72
C ALA B 202 21.09 29.20 10.23
N ALA B 203 21.96 29.55 9.29
CA ALA B 203 22.91 28.61 8.75
C ALA B 203 23.75 27.92 9.83
N THR B 204 24.54 28.70 10.55
CA THR B 204 25.40 28.17 11.61
C THR B 204 24.65 27.39 12.70
N ASP B 205 23.41 27.78 12.96
CA ASP B 205 22.62 27.10 13.98
C ASP B 205 22.35 25.66 13.55
N VAL B 206 21.69 25.51 12.40
CA VAL B 206 21.39 24.18 11.87
C VAL B 206 22.66 23.34 11.84
N ALA B 207 23.74 23.94 11.35
CA ALA B 207 25.02 23.25 11.27
C ALA B 207 25.45 22.73 12.64
N SER B 208 25.17 23.51 13.69
CA SER B 208 25.53 23.14 15.05
C SER B 208 24.58 22.10 15.65
N ARG B 209 23.47 21.85 14.97
CA ARG B 209 22.48 20.89 15.43
C ARG B 209 23.00 19.44 15.43
N ASN B 210 24.31 19.28 15.28
CA ASN B 210 24.93 17.96 15.26
C ASN B 210 25.65 17.73 16.57
N ASP B 211 25.37 18.61 17.53
CA ASP B 211 26.00 18.54 18.85
C ASP B 211 25.01 18.59 20.03
N PRO B 212 25.01 17.54 20.88
CA PRO B 212 24.11 17.49 22.03
C PRO B 212 24.31 18.66 22.99
N LYS B 213 25.56 19.11 23.09
CA LYS B 213 25.90 20.24 23.95
C LYS B 213 25.17 21.48 23.46
N TYR B 214 25.22 21.72 22.14
CA TYR B 214 24.57 22.88 21.56
C TYR B 214 23.05 22.77 21.72
N VAL B 215 22.49 21.67 21.21
CA VAL B 215 21.06 21.46 21.30
C VAL B 215 20.57 21.59 22.74
N GLY B 216 21.29 20.95 23.65
CA GLY B 216 20.91 21.02 25.04
C GLY B 216 20.87 22.45 25.55
N ARG B 217 21.94 23.20 25.33
CA ARG B 217 22.01 24.57 25.80
C ARG B 217 20.96 25.46 25.16
N VAL B 218 20.68 25.22 23.89
CA VAL B 218 19.68 26.03 23.22
C VAL B 218 18.33 25.76 23.87
N LEU B 219 17.99 24.49 24.05
CA LEU B 219 16.72 24.12 24.66
C LEU B 219 16.56 24.74 26.06
N SER B 220 17.64 24.79 26.83
CA SER B 220 17.60 25.35 28.19
C SER B 220 17.25 26.84 28.20
N ALA B 221 17.10 27.42 27.02
CA ALA B 221 16.74 28.81 26.91
C ALA B 221 15.36 28.90 26.27
N MET B 222 15.13 28.07 25.27
CA MET B 222 13.86 28.07 24.57
C MET B 222 12.72 27.42 25.33
N ILE B 223 12.99 26.83 26.49
CA ILE B 223 11.92 26.21 27.26
C ILE B 223 11.27 27.26 28.16
N ASN B 224 11.96 28.36 28.40
CA ASN B 224 11.38 29.44 29.19
C ASN B 224 11.06 30.55 28.22
N SER B 225 9.99 31.32 28.51
CA SER B 225 9.55 32.42 27.64
C SER B 225 10.52 33.59 27.58
N ASN B 226 11.37 33.68 28.59
CA ASN B 226 12.37 34.75 28.68
C ASN B 226 13.25 34.91 27.45
N ASP B 227 13.58 36.17 27.16
CA ASP B 227 14.45 36.53 26.04
C ASP B 227 14.03 36.12 24.63
N ASP B 228 13.27 35.05 24.49
CA ASP B 228 12.95 34.57 23.15
C ASP B 228 11.55 34.10 22.79
N ASN B 229 10.55 34.40 23.63
CA ASN B 229 9.22 33.92 23.30
C ASN B 229 9.22 32.40 23.44
N GLY B 230 10.02 31.90 24.38
CA GLY B 230 10.10 30.47 24.62
C GLY B 230 8.77 29.89 25.05
N VAL B 231 8.79 28.63 25.48
CA VAL B 231 7.57 27.96 25.88
C VAL B 231 6.91 28.44 27.17
N LEU B 232 7.59 28.28 28.30
CA LEU B 232 7.02 28.64 29.60
C LEU B 232 7.35 29.95 30.27
N ALA B 233 6.30 30.56 30.84
CA ALA B 233 6.41 31.80 31.59
C ALA B 233 6.25 31.37 33.06
N GLY B 234 7.26 31.63 33.88
CA GLY B 234 7.20 31.24 35.28
C GLY B 234 6.43 32.17 36.19
N ASN B 235 6.32 31.77 37.46
CA ASN B 235 5.62 32.56 38.47
C ASN B 235 5.69 31.89 39.84
N TRP B 236 6.31 32.58 40.79
CA TRP B 236 6.46 32.08 42.15
C TRP B 236 5.79 33.08 43.09
N SER B 237 4.86 33.86 42.55
CA SER B 237 4.16 34.87 43.33
C SER B 237 2.98 34.35 44.13
N GLY B 238 2.49 33.17 43.80
CA GLY B 238 1.36 32.64 44.54
C GLY B 238 0.02 33.09 43.97
N THR B 239 0.08 33.99 42.98
CA THR B 239 -1.11 34.48 42.31
C THR B 239 -0.90 34.15 40.83
N TYR B 240 -1.78 33.33 40.27
CA TYR B 240 -1.64 32.90 38.89
C TYR B 240 -2.77 33.28 37.93
N THR B 241 -3.61 34.22 38.36
CA THR B 241 -4.71 34.66 37.51
C THR B 241 -4.14 35.02 36.16
N GLY B 242 -4.85 34.70 35.10
CA GLY B 242 -4.34 35.00 33.78
C GLY B 242 -3.75 33.74 33.20
N GLY B 243 -3.30 32.84 34.07
CA GLY B 243 -2.72 31.59 33.62
C GLY B 243 -3.17 30.39 34.45
N ARG B 244 -2.33 29.35 34.54
CA ARG B 244 -2.69 28.16 35.31
C ARG B 244 -1.73 27.92 36.45
N ASP B 245 -2.29 27.59 37.62
CA ASP B 245 -1.48 27.32 38.79
C ASP B 245 -0.41 26.32 38.40
N PRO B 246 0.87 26.73 38.47
CA PRO B 246 1.97 25.84 38.11
C PRO B 246 1.82 24.40 38.63
N ARG B 247 1.10 24.22 39.73
CA ARG B 247 0.93 22.88 40.26
C ARG B 247 -0.18 22.04 39.64
N SER B 248 -1.02 22.64 38.80
CA SER B 248 -2.13 21.90 38.20
C SER B 248 -1.76 21.08 36.97
N TRP B 249 -0.67 21.42 36.29
CA TRP B 249 -0.27 20.66 35.10
C TRP B 249 -0.01 19.20 35.47
N ASP B 250 0.02 18.33 34.46
CA ASP B 250 0.27 16.92 34.70
C ASP B 250 1.33 16.41 33.73
N GLY B 251 1.62 17.21 32.72
CA GLY B 251 2.62 16.80 31.74
C GLY B 251 2.95 17.93 30.80
N SER B 252 3.93 17.70 29.93
CA SER B 252 4.38 18.70 28.97
C SER B 252 3.72 18.61 27.60
N VAL B 253 2.72 17.73 27.45
CA VAL B 253 2.03 17.60 26.17
C VAL B 253 1.13 18.81 25.94
N GLU B 254 0.21 19.01 26.85
CA GLU B 254 -0.72 20.13 26.78
C GLU B 254 0.09 21.42 26.61
N ILE B 255 1.13 21.58 27.44
CA ILE B 255 1.98 22.77 27.43
C ILE B 255 2.62 23.08 26.08
N LEU B 256 3.29 22.09 25.48
CA LEU B 256 3.95 22.27 24.19
C LEU B 256 2.90 22.52 23.11
N LYS B 257 1.83 21.72 23.13
CA LYS B 257 0.74 21.88 22.17
C LYS B 257 0.10 23.25 22.35
N ASN B 258 -0.11 23.66 23.60
CA ASN B 258 -0.70 24.96 23.84
C ASN B 258 0.23 26.04 23.31
N TRP B 259 1.53 25.81 23.42
CA TRP B 259 2.49 26.79 22.95
C TRP B 259 2.38 26.99 21.44
N LYS B 260 2.36 25.89 20.69
CA LYS B 260 2.22 25.97 19.24
C LYS B 260 0.85 26.58 18.89
N LYS B 261 -0.21 26.08 19.54
CA LYS B 261 -1.57 26.55 19.31
C LYS B 261 -1.81 28.06 19.50
N SER B 262 -1.18 28.65 20.50
CA SER B 262 -1.33 30.08 20.76
C SER B 262 -0.36 30.86 19.90
N GLY B 263 0.10 30.26 18.81
CA GLY B 263 1.03 30.94 17.93
C GLY B 263 2.30 31.37 18.62
N LEU B 264 2.80 30.53 19.52
CA LEU B 264 4.03 30.78 20.25
C LEU B 264 3.95 31.83 21.37
N SER B 265 2.82 31.89 22.06
CA SER B 265 2.68 32.82 23.16
C SER B 265 3.11 32.12 24.45
N PRO B 266 3.78 32.82 25.36
CA PRO B 266 4.23 32.23 26.62
C PRO B 266 3.10 31.50 27.36
N VAL B 267 3.35 30.24 27.72
CA VAL B 267 2.35 29.46 28.44
C VAL B 267 2.42 29.84 29.91
N ARG B 268 1.29 30.26 30.45
CA ARG B 268 1.19 30.68 31.84
C ARG B 268 0.42 29.65 32.67
N TYR B 269 1.02 29.15 33.75
CA TYR B 269 2.36 29.53 34.19
C TYR B 269 3.09 28.26 34.63
N GLY B 270 4.39 28.38 34.88
CA GLY B 270 5.13 27.21 35.30
C GLY B 270 6.18 27.49 36.37
N GLN B 271 6.64 26.43 37.04
CA GLN B 271 7.66 26.53 38.06
C GLN B 271 8.75 25.49 37.71
N CYS B 272 9.78 25.35 38.56
CA CYS B 272 10.90 24.46 38.20
C CYS B 272 10.67 23.02 37.75
N TRP B 273 9.70 22.31 38.32
CA TRP B 273 9.47 20.95 37.88
C TRP B 273 8.79 20.96 36.51
N VAL B 274 8.06 22.04 36.23
CA VAL B 274 7.37 22.20 34.95
C VAL B 274 8.37 22.42 33.80
N PHE B 275 9.32 23.33 34.01
CA PHE B 275 10.35 23.58 33.01
C PHE B 275 11.12 22.29 32.76
N ALA B 276 11.44 21.61 33.86
CA ALA B 276 12.19 20.37 33.80
C ALA B 276 11.44 19.30 33.02
N GLY B 277 10.18 19.07 33.36
CA GLY B 277 9.40 18.06 32.66
C GLY B 277 9.26 18.36 31.17
N THR B 278 9.00 19.62 30.86
CA THR B 278 8.85 20.03 29.48
C THR B 278 10.17 19.88 28.74
N LEU B 279 11.27 20.20 29.40
CA LEU B 279 12.57 20.09 28.77
C LEU B 279 12.99 18.65 28.62
N ASN B 280 12.56 17.83 29.58
CA ASN B 280 12.89 16.42 29.58
C ASN B 280 12.27 15.79 28.36
N THR B 281 11.07 16.26 28.01
CA THR B 281 10.36 15.76 26.84
C THR B 281 11.10 16.19 25.59
N ALA B 282 11.60 17.42 25.61
CA ALA B 282 12.33 17.96 24.48
C ALA B 282 13.50 17.06 24.18
N LEU B 283 14.28 16.74 25.21
CA LEU B 283 15.45 15.89 25.02
C LEU B 283 15.15 14.46 24.60
N ARG B 284 14.32 13.75 25.36
CA ARG B 284 14.01 12.36 25.01
C ARG B 284 13.45 12.25 23.59
N SER B 285 12.63 13.21 23.21
CA SER B 285 12.05 13.20 21.88
C SER B 285 13.16 13.33 20.82
N LEU B 286 14.17 14.13 21.12
CA LEU B 286 15.26 14.33 20.16
C LEU B 286 16.30 13.22 20.22
N GLY B 287 16.20 12.36 21.22
CA GLY B 287 17.15 11.26 21.33
C GLY B 287 18.33 11.46 22.25
N ILE B 288 18.28 12.50 23.09
CA ILE B 288 19.35 12.76 24.05
C ILE B 288 18.86 12.21 25.38
N PRO B 289 19.50 11.13 25.87
CA PRO B 289 19.10 10.52 27.14
C PRO B 289 19.04 11.57 28.26
N SER B 290 17.96 11.53 29.02
CA SER B 290 17.83 12.51 30.10
C SER B 290 16.85 12.09 31.19
N ARG B 291 17.15 12.53 32.40
CA ARG B 291 16.29 12.24 33.54
C ARG B 291 16.12 13.54 34.32
N VAL B 292 15.05 13.62 35.11
CA VAL B 292 14.81 14.82 35.89
C VAL B 292 15.44 14.69 37.27
N ILE B 293 16.04 15.78 37.74
CA ILE B 293 16.71 15.81 39.04
C ILE B 293 16.01 16.78 39.99
N THR B 294 16.05 16.47 41.29
CA THR B 294 15.46 17.34 42.31
C THR B 294 16.46 17.49 43.45
N ASN B 295 16.80 18.75 43.73
CA ASN B 295 17.75 19.09 44.77
C ASN B 295 16.99 19.78 45.90
N PHE B 296 17.09 19.23 47.11
CA PHE B 296 16.40 19.83 48.26
C PHE B 296 17.29 20.84 48.97
N ASN B 297 16.71 21.99 49.32
CA ASN B 297 17.45 23.09 49.94
C ASN B 297 18.43 23.55 48.86
N SER B 298 17.86 23.99 47.74
CA SER B 298 18.60 24.47 46.57
C SER B 298 18.81 25.99 46.69
N ALA B 299 20.07 26.43 46.66
CA ALA B 299 20.41 27.83 46.83
C ALA B 299 20.72 28.64 45.57
N HIS B 300 20.31 29.90 45.58
CA HIS B 300 20.58 30.78 44.45
C HIS B 300 21.61 31.84 44.81
N ASP B 301 22.86 31.59 44.40
CA ASP B 301 23.99 32.48 44.66
C ASP B 301 24.18 33.51 43.55
N THR B 302 23.95 34.78 43.85
CA THR B 302 24.09 35.84 42.87
C THR B 302 25.45 36.52 43.03
N ASP B 303 26.00 36.37 44.23
CA ASP B 303 27.29 36.94 44.58
C ASP B 303 28.44 36.17 43.93
N ARG B 304 28.17 34.93 43.53
CA ARG B 304 29.20 34.10 42.92
C ARG B 304 30.32 33.91 43.96
N ASN B 305 29.92 33.69 45.21
CA ASN B 305 30.89 33.49 46.28
C ASN B 305 30.64 32.21 47.06
N LEU B 306 29.80 31.33 46.51
CA LEU B 306 29.47 30.05 47.11
C LEU B 306 28.87 30.14 48.51
N SER B 307 28.18 31.23 48.78
CA SER B 307 27.56 31.46 50.08
C SER B 307 26.26 32.26 49.97
N VAL B 308 25.23 31.83 50.70
CA VAL B 308 23.93 32.49 50.68
C VAL B 308 23.48 32.95 52.07
N ASP B 309 22.94 34.16 52.14
CA ASP B 309 22.47 34.72 53.41
C ASP B 309 20.95 34.69 53.60
N VAL B 310 20.52 34.19 54.75
CA VAL B 310 19.10 34.15 55.11
C VAL B 310 18.91 35.08 56.31
N TYR B 311 17.95 35.99 56.24
CA TYR B 311 17.73 36.92 57.35
C TYR B 311 16.40 36.78 58.08
N TYR B 312 16.43 37.07 59.38
CA TYR B 312 15.25 37.07 60.23
C TYR B 312 15.31 38.32 61.10
N ASP B 313 14.17 38.90 61.44
CA ASP B 313 14.20 40.06 62.32
C ASP B 313 14.05 39.56 63.75
N PRO B 314 14.29 40.43 64.73
CA PRO B 314 14.16 40.05 66.14
C PRO B 314 12.79 39.55 66.56
N MET B 315 11.73 40.01 65.89
CA MET B 315 10.39 39.56 66.23
C MET B 315 10.14 38.14 65.69
N GLY B 316 11.17 37.55 65.09
CA GLY B 316 11.07 36.22 64.55
C GLY B 316 10.44 36.10 63.19
N ASN B 317 10.49 37.19 62.42
CA ASN B 317 9.90 37.19 61.08
C ASN B 317 10.89 36.82 59.99
N PRO B 318 10.49 35.94 59.07
CA PRO B 318 11.47 35.64 58.03
C PRO B 318 11.57 36.93 57.23
N LEU B 319 12.76 37.26 56.76
CA LEU B 319 12.92 38.49 56.00
C LEU B 319 13.34 38.24 54.56
N ASP B 320 12.88 39.09 53.66
CA ASP B 320 13.27 38.99 52.26
C ASP B 320 14.31 40.07 52.02
N LYS B 321 15.54 39.77 52.40
CA LYS B 321 16.62 40.71 52.24
C LYS B 321 17.74 39.95 51.55
N GLY B 322 18.24 40.50 50.45
CA GLY B 322 19.31 39.85 49.72
C GLY B 322 18.88 39.26 48.38
N SER B 323 19.80 39.28 47.42
CA SER B 323 19.52 38.73 46.11
C SER B 323 19.46 37.21 46.19
N ASP B 324 20.20 36.66 47.15
CA ASP B 324 20.23 35.22 47.34
C ASP B 324 18.92 34.73 47.92
N SER B 325 18.73 33.41 47.89
CA SER B 325 17.52 32.77 48.41
C SER B 325 17.76 31.27 48.50
N VAL B 326 16.94 30.59 49.29
CA VAL B 326 17.07 29.15 49.42
C VAL B 326 15.72 28.46 49.22
N TRP B 327 15.59 27.76 48.11
CA TRP B 327 14.38 27.02 47.76
C TRP B 327 14.33 25.74 48.56
N ASN B 328 13.12 25.28 48.89
CA ASN B 328 12.98 24.02 49.64
C ASN B 328 13.47 22.91 48.73
N PHE B 329 13.32 23.15 47.43
CA PHE B 329 13.76 22.21 46.41
C PHE B 329 13.71 22.92 45.08
N HIS B 330 14.61 22.55 44.17
CA HIS B 330 14.64 23.10 42.83
C HIS B 330 14.85 21.93 41.90
N VAL B 331 14.08 21.88 40.83
CA VAL B 331 14.16 20.78 39.89
C VAL B 331 14.79 21.14 38.54
N TRP B 332 15.70 20.31 38.05
CA TRP B 332 16.36 20.53 36.77
C TRP B 332 16.59 19.21 36.03
N ASN B 333 17.28 19.26 34.91
CA ASN B 333 17.53 18.05 34.13
C ASN B 333 18.99 17.67 34.02
N GLU B 334 19.23 16.50 33.44
CA GLU B 334 20.57 15.97 33.22
C GLU B 334 20.56 15.40 31.81
N GLY B 335 21.56 15.77 31.01
CA GLY B 335 21.67 15.25 29.65
C GLY B 335 22.83 14.27 29.61
N TRP B 336 22.78 13.26 28.75
CA TRP B 336 23.86 12.28 28.69
C TRP B 336 24.61 12.26 27.37
N PHE B 337 25.86 12.72 27.42
CA PHE B 337 26.69 12.75 26.23
C PHE B 337 28.12 13.13 26.58
N VAL B 338 29.03 12.73 25.70
CA VAL B 338 30.44 13.00 25.89
C VAL B 338 30.74 14.49 25.79
N ARG B 339 31.69 14.95 26.57
CA ARG B 339 32.09 16.36 26.56
C ARG B 339 33.45 16.44 25.90
N SER B 340 33.47 16.53 24.58
CA SER B 340 34.74 16.58 23.86
C SER B 340 35.38 17.93 24.07
N ASP B 341 34.59 18.90 24.48
CA ASP B 341 35.10 20.24 24.73
C ASP B 341 35.79 20.27 26.09
N LEU B 342 35.52 19.27 26.93
CA LEU B 342 36.09 19.19 28.28
C LEU B 342 37.09 18.05 28.52
N GLY B 343 37.11 17.07 27.62
CA GLY B 343 38.00 15.94 27.79
C GLY B 343 37.26 14.67 28.16
N PRO B 344 37.93 13.52 28.08
CA PRO B 344 37.42 12.17 28.38
C PRO B 344 36.71 12.00 29.72
N SER B 345 37.38 12.42 30.78
CA SER B 345 36.85 12.29 32.13
C SER B 345 35.65 13.13 32.49
N TYR B 346 35.18 13.97 31.58
CA TYR B 346 34.03 14.79 31.92
C TYR B 346 32.69 14.43 31.25
N GLY B 347 32.69 13.35 30.46
CA GLY B 347 31.46 12.93 29.82
C GLY B 347 30.46 12.43 30.86
N GLY B 348 29.37 11.83 30.40
CA GLY B 348 28.37 11.32 31.33
C GLY B 348 27.18 12.24 31.47
N TRP B 349 26.70 12.40 32.69
CA TRP B 349 25.55 13.28 32.92
C TRP B 349 25.97 14.75 32.85
N GLN B 350 25.14 15.55 32.20
CA GLN B 350 25.39 16.96 32.03
C GLN B 350 24.16 17.69 32.53
N VAL B 351 24.35 18.72 33.35
CA VAL B 351 23.23 19.48 33.89
C VAL B 351 22.59 20.44 32.88
N LEU B 352 21.26 20.44 32.84
CA LEU B 352 20.50 21.29 31.93
C LEU B 352 19.36 21.88 32.76
N ASP B 353 19.33 23.22 32.85
CA ASP B 353 18.32 23.91 33.63
C ASP B 353 17.66 25.01 32.83
N ALA B 354 16.35 24.87 32.59
CA ALA B 354 15.59 25.86 31.84
C ALA B 354 14.84 26.82 32.77
N THR B 355 14.98 26.61 34.08
CA THR B 355 14.36 27.50 35.07
C THR B 355 15.19 28.79 34.99
N PRO B 356 14.54 29.92 34.69
CA PRO B 356 15.20 31.22 34.58
C PRO B 356 15.63 31.85 35.89
N GLN B 357 16.69 31.32 36.48
CA GLN B 357 17.20 31.83 37.74
C GLN B 357 18.35 32.82 37.53
N GLU B 358 19.45 32.30 36.97
CA GLU B 358 20.65 33.09 36.74
C GLU B 358 20.95 33.26 35.24
N ARG B 359 21.08 34.51 34.81
CA ARG B 359 21.38 34.78 33.42
C ARG B 359 22.76 34.24 33.10
N SER B 360 22.92 33.72 31.90
CA SER B 360 24.18 33.17 31.44
C SER B 360 24.45 33.82 30.08
N GLN B 361 25.52 34.61 30.00
CA GLN B 361 25.88 35.31 28.77
C GLN B 361 24.75 36.25 28.38
N GLY B 362 24.10 36.80 29.40
CA GLY B 362 23.00 37.72 29.19
C GLY B 362 21.66 37.02 29.04
N VAL B 363 21.70 35.81 28.48
CA VAL B 363 20.50 34.99 28.25
C VAL B 363 20.17 34.06 29.41
N PHE B 364 18.89 33.69 29.53
CA PHE B 364 18.47 32.77 30.57
C PHE B 364 18.62 31.33 30.16
N GLN B 365 19.86 30.85 30.19
CA GLN B 365 20.17 29.48 29.82
C GLN B 365 21.07 28.91 30.90
N CYS B 366 21.24 27.60 30.90
CA CYS B 366 22.06 26.96 31.92
C CYS B 366 22.54 25.57 31.49
N GLY B 367 23.85 25.43 31.34
CA GLY B 367 24.41 24.14 30.97
C GLY B 367 24.82 24.02 29.51
N PRO B 368 25.40 22.88 29.12
CA PRO B 368 25.66 21.72 29.98
C PRO B 368 26.83 21.86 30.96
N ALA B 369 26.61 21.34 32.17
CA ALA B 369 27.61 21.37 33.22
C ALA B 369 27.87 19.91 33.63
N SER B 370 29.11 19.45 33.47
CA SER B 370 29.47 18.08 33.84
C SER B 370 29.27 17.80 35.31
N VAL B 371 28.43 16.82 35.62
CA VAL B 371 28.17 16.48 37.01
C VAL B 371 29.50 16.04 37.61
N ILE B 372 30.22 15.19 36.90
CA ILE B 372 31.52 14.73 37.40
C ILE B 372 32.34 15.95 37.75
N GLY B 373 32.24 16.99 36.93
CA GLY B 373 32.98 18.20 37.17
C GLY B 373 32.53 18.95 38.42
N VAL B 374 31.22 19.00 38.62
CA VAL B 374 30.67 19.68 39.79
C VAL B 374 31.23 19.09 41.07
N ARG B 375 31.05 17.78 41.23
CA ARG B 375 31.52 17.07 42.42
C ARG B 375 32.95 17.42 42.79
N GLU B 376 33.85 17.41 41.80
CA GLU B 376 35.25 17.70 42.06
C GLU B 376 35.54 19.18 42.25
N GLY B 377 34.60 20.03 41.84
CA GLY B 377 34.78 21.46 42.00
C GLY B 377 35.62 22.13 40.94
N ASP B 378 35.53 21.67 39.70
CA ASP B 378 36.28 22.28 38.60
C ASP B 378 35.38 23.27 37.90
N VAL B 379 35.02 24.32 38.63
CA VAL B 379 34.11 25.35 38.14
C VAL B 379 34.59 26.27 37.02
N GLN B 380 35.84 26.15 36.62
CA GLN B 380 36.34 26.99 35.54
C GLN B 380 35.97 26.41 34.19
N LEU B 381 35.24 25.30 34.21
CA LEU B 381 34.80 24.66 32.98
C LEU B 381 33.38 25.05 32.65
N ASN B 382 33.08 25.10 31.35
CA ASN B 382 31.74 25.44 30.90
C ASN B 382 30.83 24.22 31.05
N PHE B 383 29.53 24.44 31.28
CA PHE B 383 28.96 25.78 31.37
C PHE B 383 28.22 26.05 32.67
N ASP B 384 28.13 27.33 33.01
CA ASP B 384 27.42 27.79 34.19
C ASP B 384 27.71 26.99 35.44
N MET B 385 28.95 26.56 35.60
CA MET B 385 29.28 25.77 36.78
C MET B 385 29.28 26.52 38.10
N PRO B 386 29.95 27.68 38.15
CA PRO B 386 29.93 28.41 39.43
C PRO B 386 28.51 28.42 40.01
N PHE B 387 27.56 28.88 39.20
CA PHE B 387 26.16 28.94 39.62
C PHE B 387 25.62 27.65 40.21
N ILE B 388 25.82 26.55 39.49
CA ILE B 388 25.33 25.24 39.93
C ILE B 388 26.01 24.70 41.19
N PHE B 389 27.33 24.83 41.29
CA PHE B 389 28.06 24.35 42.47
C PHE B 389 27.40 24.93 43.73
N ALA B 390 27.14 26.23 43.71
CA ALA B 390 26.51 26.88 44.84
C ALA B 390 25.13 26.30 45.04
N GLU B 391 24.48 25.95 43.94
CA GLU B 391 23.15 25.40 44.02
C GLU B 391 23.13 24.12 44.86
N VAL B 392 24.15 23.29 44.70
CA VAL B 392 24.17 22.05 45.46
C VAL B 392 25.10 22.00 46.66
N ASN B 393 25.94 23.03 46.84
CA ASN B 393 26.85 23.03 47.98
C ASN B 393 27.30 24.37 48.57
N ALA B 394 26.53 25.43 48.37
CA ALA B 394 26.91 26.73 48.94
C ALA B 394 26.79 26.66 50.47
N ASP B 395 27.44 27.59 51.16
CA ASP B 395 27.35 27.63 52.62
C ASP B 395 26.20 28.55 52.98
N ARG B 396 25.45 28.19 54.01
CA ARG B 396 24.32 29.01 54.43
C ARG B 396 24.65 29.87 55.64
N ILE B 397 24.35 31.16 55.55
CA ILE B 397 24.59 32.06 56.66
C ILE B 397 23.29 32.70 57.12
N THR B 398 22.98 32.55 58.40
CA THR B 398 21.76 33.10 58.98
C THR B 398 22.06 34.38 59.73
N TRP B 399 21.45 35.48 59.29
CA TRP B 399 21.65 36.78 59.92
C TRP B 399 20.41 37.28 60.65
N LEU B 400 20.63 38.16 61.62
CA LEU B 400 19.55 38.79 62.35
C LEU B 400 19.64 40.23 61.86
N TYR B 401 18.50 40.84 61.59
CA TYR B 401 18.49 42.21 61.09
C TYR B 401 17.36 43.01 61.70
N ASP B 402 17.68 44.23 62.10
CA ASP B 402 16.70 45.12 62.68
C ASP B 402 16.66 46.34 61.78
N ASN B 403 15.54 46.53 61.09
CA ASN B 403 15.41 47.67 60.19
C ASN B 403 15.48 48.98 60.98
N THR B 404 15.04 48.93 62.24
CA THR B 404 15.03 50.12 63.08
C THR B 404 16.40 50.58 63.54
N THR B 405 17.44 49.82 63.23
CA THR B 405 18.80 50.19 63.63
C THR B 405 19.85 49.99 62.54
N GLY B 406 19.42 49.51 61.38
CA GLY B 406 20.36 49.28 60.29
C GLY B 406 21.35 48.17 60.63
N LYS B 407 21.28 47.69 61.87
CA LYS B 407 22.16 46.63 62.35
C LYS B 407 21.87 45.29 61.68
N GLN B 408 22.86 44.41 61.74
CA GLN B 408 22.78 43.09 61.15
C GLN B 408 23.91 42.30 61.80
N TRP B 409 23.63 41.05 62.19
CA TRP B 409 24.67 40.26 62.83
C TRP B 409 24.54 38.76 62.63
N LYS B 410 25.65 38.12 62.29
CA LYS B 410 25.68 36.67 62.07
C LYS B 410 25.10 35.88 63.22
N ASN B 411 24.38 34.80 62.92
CA ASN B 411 23.82 33.95 63.94
C ASN B 411 24.57 32.61 63.86
N SER B 412 24.57 32.01 62.67
CA SER B 412 25.25 30.73 62.47
C SER B 412 25.63 30.48 61.01
N VAL B 413 26.69 29.72 60.81
CA VAL B 413 27.13 29.37 59.47
C VAL B 413 27.02 27.85 59.33
N ASN B 414 26.25 27.40 58.35
CA ASN B 414 26.06 25.97 58.11
C ASN B 414 26.53 25.58 56.73
N SER B 415 27.48 24.65 56.68
CA SER B 415 28.04 24.21 55.41
C SER B 415 27.57 22.83 54.98
N HIS B 416 26.56 22.29 55.68
CA HIS B 416 26.04 20.96 55.35
C HIS B 416 24.55 20.94 55.07
N THR B 417 23.88 22.08 55.18
CA THR B 417 22.45 22.12 54.96
C THR B 417 22.05 22.22 53.49
N ILE B 418 22.75 23.04 52.70
CA ILE B 418 22.43 23.19 51.27
C ILE B 418 22.78 21.92 50.50
N GLY B 419 21.87 21.49 49.62
CA GLY B 419 22.10 20.30 48.82
C GLY B 419 21.88 18.98 49.54
N ARG B 420 20.64 18.53 49.59
CA ARG B 420 20.31 17.27 50.27
C ARG B 420 19.31 16.43 49.49
N TYR B 421 19.36 15.12 49.75
CA TYR B 421 18.49 14.13 49.10
C TYR B 421 18.27 14.40 47.63
N ILE B 422 19.34 14.60 46.89
CA ILE B 422 19.22 14.85 45.47
C ILE B 422 18.60 13.59 44.88
N SER B 423 17.46 13.75 44.23
CA SER B 423 16.75 12.59 43.69
C SER B 423 16.39 12.58 42.21
N THR B 424 16.16 11.36 41.72
CA THR B 424 15.76 11.13 40.34
C THR B 424 15.01 9.79 40.39
N LYS B 425 14.07 9.61 39.47
CA LYS B 425 13.29 8.39 39.42
C LYS B 425 14.19 7.19 39.13
N ALA B 426 13.85 6.03 39.68
CA ALA B 426 14.64 4.83 39.48
C ALA B 426 14.35 4.21 38.11
N VAL B 427 15.33 3.50 37.57
CA VAL B 427 15.16 2.84 36.28
C VAL B 427 14.21 1.67 36.46
N GLY B 428 13.08 1.70 35.76
CA GLY B 428 12.14 0.59 35.85
C GLY B 428 11.03 0.69 36.88
N SER B 429 11.17 1.57 37.86
CA SER B 429 10.15 1.70 38.89
C SER B 429 10.11 3.14 39.39
N ASN B 430 9.23 3.42 40.33
CA ASN B 430 9.11 4.77 40.85
C ASN B 430 9.90 4.98 42.15
N ALA B 431 10.86 4.09 42.41
CA ALA B 431 11.68 4.19 43.60
C ALA B 431 12.54 5.45 43.47
N ARG B 432 12.87 6.07 44.60
CA ARG B 432 13.69 7.26 44.57
C ARG B 432 15.17 6.89 44.60
N MET B 433 15.88 7.22 43.54
CA MET B 433 17.31 6.94 43.51
C MET B 433 18.03 8.22 43.92
N ASP B 434 18.71 8.18 45.06
CA ASP B 434 19.44 9.33 45.58
C ASP B 434 20.78 9.45 44.86
N VAL B 435 21.05 10.61 44.28
CA VAL B 435 22.29 10.82 43.55
C VAL B 435 23.15 11.94 44.11
N THR B 436 22.96 12.24 45.39
CA THR B 436 23.70 13.30 46.07
C THR B 436 25.21 13.10 45.96
N ASP B 437 25.65 11.87 46.22
CA ASP B 437 27.07 11.55 46.18
C ASP B 437 27.68 11.68 44.78
N LYS B 438 26.87 12.14 43.82
CA LYS B 438 27.34 12.33 42.46
C LYS B 438 27.65 13.80 42.24
N TYR B 439 27.03 14.64 43.06
CA TYR B 439 27.21 16.09 42.99
C TYR B 439 28.21 16.60 44.00
N LYS B 440 28.48 15.81 45.04
CA LYS B 440 29.39 16.25 46.09
C LYS B 440 29.95 15.09 46.89
N TYR B 441 31.00 15.35 47.66
CA TYR B 441 31.56 14.34 48.53
C TYR B 441 30.65 14.37 49.76
N PRO B 442 30.81 13.43 50.69
CA PRO B 442 29.92 13.45 51.86
C PRO B 442 30.06 14.70 52.72
N GLU B 443 28.93 15.23 53.19
CA GLU B 443 28.99 16.40 54.04
C GLU B 443 29.78 15.98 55.28
N GLY B 444 30.70 16.84 55.72
CA GLY B 444 31.50 16.50 56.90
C GLY B 444 32.71 15.64 56.62
N SER B 445 33.31 15.83 55.45
CA SER B 445 34.49 15.08 55.06
C SER B 445 35.46 16.14 54.59
N ASP B 446 36.75 15.95 54.87
CA ASP B 446 37.72 16.93 54.43
C ASP B 446 37.54 17.22 52.94
N GLN B 447 37.05 16.22 52.20
CA GLN B 447 36.83 16.39 50.76
C GLN B 447 35.80 17.48 50.53
N GLU B 448 34.70 17.40 51.26
CA GLU B 448 33.64 18.39 51.17
C GLU B 448 34.23 19.80 51.13
N ARG B 449 34.80 20.21 52.25
CA ARG B 449 35.37 21.54 52.34
C ARG B 449 36.55 21.72 51.42
N GLN B 450 37.36 20.69 51.28
CA GLN B 450 38.53 20.76 50.42
C GLN B 450 38.13 21.20 49.02
N VAL B 451 37.04 20.62 48.51
CA VAL B 451 36.52 20.96 47.18
C VAL B 451 35.95 22.39 47.19
N PHE B 452 35.35 22.78 48.30
CA PHE B 452 34.77 24.11 48.43
C PHE B 452 35.88 25.15 48.30
N GLN B 453 36.99 24.91 48.99
CA GLN B 453 38.13 25.82 48.95
C GLN B 453 38.57 25.91 47.51
N LYS B 454 38.72 24.75 46.88
CA LYS B 454 39.11 24.66 45.48
C LYS B 454 38.18 25.52 44.63
N ALA B 455 36.88 25.22 44.73
CA ALA B 455 35.90 25.96 43.96
C ALA B 455 35.97 27.44 44.30
N LEU B 456 35.83 27.75 45.59
CA LEU B 456 35.86 29.12 46.05
C LEU B 456 37.11 29.86 45.56
N GLY B 457 38.25 29.16 45.60
CA GLY B 457 39.50 29.75 45.16
C GLY B 457 39.51 30.14 43.70
N LYS B 458 38.83 29.36 42.86
CA LYS B 458 38.77 29.64 41.43
C LYS B 458 37.89 30.85 41.17
N LEU B 459 37.02 31.15 42.13
CA LEU B 459 36.11 32.29 42.02
C LEU B 459 36.64 33.49 42.79
N LYS B 460 37.91 33.43 43.17
CA LYS B 460 38.55 34.50 43.92
C LYS B 460 40.00 34.70 43.46
N PRO B 480 25.52 31.25 74.67
CA PRO B 480 24.28 30.83 74.01
C PRO B 480 23.78 29.52 74.63
N SER B 481 23.22 29.59 75.84
CA SER B 481 22.78 28.39 76.56
C SER B 481 21.34 27.89 76.47
N ILE B 482 20.82 27.75 75.25
CA ILE B 482 19.47 27.24 75.07
C ILE B 482 19.31 26.48 73.77
N ILE B 483 18.85 25.24 73.87
CA ILE B 483 18.62 24.45 72.67
C ILE B 483 17.13 24.35 72.45
N GLY B 484 16.71 24.58 71.22
CA GLY B 484 15.30 24.50 70.88
C GLY B 484 15.08 23.92 69.50
N LYS B 485 13.95 23.24 69.36
CA LYS B 485 13.60 22.64 68.08
C LYS B 485 12.08 22.70 67.89
N LEU B 486 11.66 22.82 66.64
CA LEU B 486 10.26 22.88 66.33
C LEU B 486 9.84 21.50 65.91
N LYS B 487 8.71 21.04 66.44
CA LYS B 487 8.21 19.71 66.09
C LYS B 487 6.71 19.70 65.78
N VAL B 488 6.34 18.90 64.79
CA VAL B 488 4.94 18.78 64.37
C VAL B 488 4.16 17.88 65.30
N ALA B 489 2.90 18.20 65.53
CA ALA B 489 2.04 17.40 66.38
C ALA B 489 0.73 17.24 65.61
N GLY B 490 0.30 16.00 65.44
CA GLY B 490 -0.92 15.75 64.69
C GLY B 490 -0.57 15.73 63.22
N MET B 491 -1.52 15.37 62.37
CA MET B 491 -1.27 15.31 60.94
C MET B 491 -1.62 16.61 60.24
N LEU B 492 -0.66 17.12 59.47
CA LEU B 492 -0.86 18.35 58.71
C LEU B 492 -1.72 18.06 57.48
N ALA B 493 -2.78 18.84 57.33
CA ALA B 493 -3.69 18.69 56.21
C ALA B 493 -4.55 19.93 56.07
N VAL B 494 -4.73 20.41 54.85
CA VAL B 494 -5.56 21.57 54.60
C VAL B 494 -7.00 21.29 55.00
N GLY B 495 -7.44 21.96 56.06
CA GLY B 495 -8.78 21.75 56.57
C GLY B 495 -8.66 21.51 58.05
N LYS B 496 -7.55 20.88 58.45
CA LYS B 496 -7.28 20.60 59.86
C LYS B 496 -6.47 21.74 60.43
N GLU B 497 -6.38 21.81 61.76
CA GLU B 497 -5.61 22.87 62.36
C GLU B 497 -4.16 22.42 62.44
N VAL B 498 -3.26 23.39 62.39
CA VAL B 498 -1.84 23.08 62.46
C VAL B 498 -1.43 23.09 63.94
N ASN B 499 -0.69 22.05 64.33
CA ASN B 499 -0.24 21.94 65.71
C ASN B 499 1.23 21.58 65.81
N LEU B 500 2.00 22.53 66.33
CA LEU B 500 3.42 22.33 66.52
C LEU B 500 3.73 22.62 67.99
N VAL B 501 4.99 22.42 68.36
CA VAL B 501 5.44 22.66 69.72
C VAL B 501 6.90 23.06 69.69
N LEU B 502 7.21 24.20 70.28
CA LEU B 502 8.58 24.68 70.34
C LEU B 502 9.24 24.08 71.56
N LEU B 503 10.12 23.12 71.35
CA LEU B 503 10.82 22.48 72.46
C LEU B 503 12.07 23.28 72.84
N LEU B 504 12.20 23.59 74.12
CA LEU B 504 13.34 24.33 74.64
C LEU B 504 13.93 23.65 75.87
N LYS B 505 15.23 23.83 76.07
CA LYS B 505 15.89 23.24 77.22
C LYS B 505 17.04 24.13 77.66
N ASN B 506 17.32 24.10 78.97
CA ASN B 506 18.40 24.90 79.51
C ASN B 506 19.53 23.97 79.94
N LEU B 507 20.60 23.95 79.15
CA LEU B 507 21.76 23.11 79.44
C LEU B 507 22.74 23.78 80.40
N SER B 508 22.38 24.98 80.85
CA SER B 508 23.21 25.74 81.78
C SER B 508 22.88 25.37 83.22
N ARG B 509 23.89 25.35 84.08
CA ARG B 509 23.68 25.02 85.49
C ARG B 509 23.20 26.25 86.25
N ASP B 510 22.54 27.14 85.51
CA ASP B 510 22.01 28.38 86.06
C ASP B 510 20.62 28.72 85.47
N THR B 511 19.70 29.18 86.33
CA THR B 511 18.34 29.53 85.89
C THR B 511 18.43 30.64 84.85
N LYS B 512 17.60 30.55 83.80
CA LYS B 512 17.63 31.56 82.73
C LYS B 512 16.28 32.15 82.30
N THR B 513 16.31 33.43 81.94
CA THR B 513 15.13 34.14 81.47
C THR B 513 15.18 34.23 79.96
N VAL B 514 14.37 33.41 79.30
CA VAL B 514 14.34 33.40 77.85
C VAL B 514 13.04 33.99 77.30
N THR B 515 13.19 34.91 76.36
CA THR B 515 12.04 35.56 75.73
C THR B 515 11.94 35.02 74.30
N VAL B 516 10.80 34.42 73.97
CA VAL B 516 10.60 33.85 72.63
C VAL B 516 9.64 34.63 71.74
N ASN B 517 10.05 34.89 70.50
CA ASN B 517 9.22 35.60 69.52
C ASN B 517 8.99 34.67 68.34
N MET B 518 7.73 34.38 68.04
CA MET B 518 7.41 33.46 66.97
C MET B 518 6.46 34.00 65.92
N THR B 519 6.54 33.42 64.73
CA THR B 519 5.68 33.82 63.63
C THR B 519 5.49 32.62 62.71
N ALA B 520 4.44 32.70 61.91
CA ALA B 520 4.11 31.67 60.93
C ALA B 520 3.74 32.42 59.65
N TRP B 521 4.47 32.13 58.57
CA TRP B 521 4.24 32.76 57.26
C TRP B 521 3.93 31.73 56.18
N THR B 522 2.93 32.00 55.34
CA THR B 522 2.64 31.07 54.24
C THR B 522 3.69 31.40 53.19
N ILE B 523 4.17 30.39 52.47
CA ILE B 523 5.22 30.60 51.47
C ILE B 523 5.06 29.76 50.21
N ILE B 524 5.91 30.04 49.24
CA ILE B 524 5.93 29.26 48.01
C ILE B 524 7.20 28.43 48.24
N TYR B 525 7.33 27.28 47.58
CA TYR B 525 8.50 26.45 47.83
C TYR B 525 9.84 27.12 47.59
N ASN B 526 9.85 28.23 46.85
CA ASN B 526 11.11 28.90 46.56
C ASN B 526 11.61 29.80 47.70
N GLY B 527 10.73 30.09 48.65
CA GLY B 527 11.12 30.95 49.77
C GLY B 527 10.25 32.19 49.84
N THR B 528 9.72 32.61 48.69
CA THR B 528 8.85 33.79 48.63
C THR B 528 7.83 33.81 49.78
N LEU B 529 7.94 34.81 50.64
CA LEU B 529 7.03 34.96 51.76
C LEU B 529 5.74 35.63 51.27
N VAL B 530 4.60 35.00 51.53
CA VAL B 530 3.31 35.54 51.11
C VAL B 530 2.65 36.45 52.13
N HIS B 531 2.28 35.88 53.29
CA HIS B 531 1.63 36.64 54.35
C HIS B 531 1.81 35.94 55.70
N GLU B 532 1.62 36.68 56.80
CA GLU B 532 1.75 36.13 58.14
C GLU B 532 0.40 35.60 58.63
N VAL B 533 0.35 34.33 59.02
CA VAL B 533 -0.89 33.71 59.47
C VAL B 533 -0.92 33.49 60.99
N TRP B 534 0.25 33.51 61.62
CA TRP B 534 0.32 33.32 63.05
C TRP B 534 1.43 34.13 63.71
N LYS B 535 1.11 34.68 64.87
CA LYS B 535 2.06 35.48 65.63
C LYS B 535 1.86 35.17 67.11
N ASP B 536 2.94 35.28 67.88
CA ASP B 536 2.87 35.04 69.32
C ASP B 536 4.25 35.19 69.94
N SER B 537 4.28 35.68 71.18
CA SER B 537 5.53 35.87 71.90
C SER B 537 5.33 35.31 73.30
N ALA B 538 6.42 35.13 74.03
CA ALA B 538 6.34 34.58 75.39
C ALA B 538 7.68 34.53 76.11
N THR B 539 7.71 35.08 77.32
CA THR B 539 8.92 35.08 78.15
C THR B 539 8.74 34.04 79.25
N MET B 540 9.70 33.14 79.38
CA MET B 540 9.64 32.08 80.38
C MET B 540 10.93 31.92 81.15
N SER B 541 10.83 31.38 82.36
CA SER B 541 12.00 31.18 83.19
C SER B 541 12.34 29.72 83.37
N LEU B 542 13.30 29.26 82.59
CA LEU B 542 13.74 27.87 82.63
C LEU B 542 14.82 27.69 83.69
N ASP B 543 14.55 26.83 84.66
CA ASP B 543 15.53 26.53 85.71
C ASP B 543 16.57 25.63 85.04
N PRO B 544 17.74 25.46 85.67
CA PRO B 544 18.78 24.60 85.08
C PRO B 544 18.28 23.24 84.60
N GLU B 545 18.75 22.84 83.41
CA GLU B 545 18.40 21.56 82.80
C GLU B 545 16.93 21.45 82.45
N GLU B 546 16.11 22.33 83.01
CA GLU B 546 14.67 22.32 82.75
C GLU B 546 14.29 22.35 81.27
N GLU B 547 13.24 21.62 80.94
CA GLU B 547 12.72 21.55 79.59
C GLU B 547 11.35 22.20 79.55
N ALA B 548 11.05 22.86 78.44
CA ALA B 548 9.78 23.52 78.29
C ALA B 548 9.15 23.16 76.94
N GLU B 549 7.85 23.37 76.83
CA GLU B 549 7.13 23.07 75.58
C GLU B 549 6.07 24.13 75.26
N HIS B 550 6.45 25.12 74.48
CA HIS B 550 5.49 26.16 74.09
C HIS B 550 4.70 25.71 72.86
N PRO B 551 3.38 25.49 73.02
CA PRO B 551 2.51 25.06 71.93
C PRO B 551 2.24 26.12 70.89
N ILE B 552 2.17 25.68 69.64
CA ILE B 552 1.89 26.55 68.52
C ILE B 552 0.68 25.96 67.82
N LYS B 553 -0.44 26.68 67.88
CA LYS B 553 -1.68 26.22 67.26
C LYS B 553 -2.23 27.24 66.27
N ILE B 554 -2.41 26.80 65.02
CA ILE B 554 -2.96 27.64 63.96
C ILE B 554 -4.21 27.03 63.36
N SER B 555 -5.33 27.75 63.45
CA SER B 555 -6.60 27.29 62.90
C SER B 555 -6.66 27.41 61.37
N TYR B 556 -7.55 26.63 60.77
CA TYR B 556 -7.75 26.65 59.33
C TYR B 556 -8.11 28.07 58.90
N ALA B 557 -9.05 28.67 59.62
CA ALA B 557 -9.49 30.02 59.34
C ALA B 557 -8.32 30.99 59.28
N GLN B 558 -7.33 30.80 60.15
CA GLN B 558 -6.17 31.67 60.19
C GLN B 558 -5.31 31.63 58.93
N TYR B 559 -4.92 30.44 58.49
CA TYR B 559 -4.06 30.29 57.32
C TYR B 559 -4.74 30.08 55.97
N GLU B 560 -6.01 29.68 55.98
CA GLU B 560 -6.70 29.41 54.73
C GLU B 560 -6.63 30.56 53.72
N ARG B 561 -6.68 31.80 54.22
CA ARG B 561 -6.64 32.96 53.35
C ARG B 561 -5.35 33.14 52.58
N TYR B 562 -4.23 32.76 53.18
CA TYR B 562 -2.98 32.97 52.48
C TYR B 562 -2.17 31.72 52.14
N LEU B 563 -2.76 30.55 52.38
CA LEU B 563 -2.07 29.31 52.03
C LEU B 563 -2.21 29.21 50.51
N LYS B 564 -1.10 28.95 49.82
CA LYS B 564 -1.13 28.83 48.36
C LYS B 564 -1.04 27.36 47.97
N SER B 565 -1.14 27.09 46.66
CA SER B 565 -1.08 25.71 46.18
C SER B 565 0.05 24.92 46.80
N ASP B 566 1.11 25.59 47.21
CA ASP B 566 2.27 24.93 47.82
C ASP B 566 1.91 24.24 49.13
N ASN B 567 0.97 24.80 49.87
CA ASN B 567 0.55 24.25 51.15
C ASN B 567 1.70 24.22 52.17
N MET B 568 2.54 25.25 52.12
CA MET B 568 3.68 25.34 53.02
C MET B 568 3.59 26.54 53.95
N ILE B 569 4.06 26.36 55.19
CA ILE B 569 4.07 27.42 56.17
C ILE B 569 5.42 27.40 56.88
N ARG B 570 6.09 28.55 56.94
CA ARG B 570 7.40 28.68 57.57
C ARG B 570 7.23 29.07 59.04
N ILE B 571 7.55 28.15 59.95
CA ILE B 571 7.44 28.44 61.37
C ILE B 571 8.79 28.89 61.87
N THR B 572 8.85 30.04 62.52
CA THR B 572 10.13 30.52 63.04
C THR B 572 9.97 30.89 64.50
N ALA B 573 11.07 30.76 65.23
CA ALA B 573 11.09 31.11 66.65
C ALA B 573 12.48 31.60 67.03
N VAL B 574 12.61 32.88 67.32
CA VAL B 574 13.89 33.45 67.73
C VAL B 574 13.83 33.64 69.23
N CYS B 575 14.66 32.90 69.95
CA CYS B 575 14.70 32.96 71.41
C CYS B 575 15.92 33.74 71.90
N LYS B 576 15.75 34.55 72.93
CA LYS B 576 16.84 35.35 73.47
C LYS B 576 16.89 35.50 74.98
N VAL B 577 18.04 35.14 75.53
CA VAL B 577 18.26 35.28 76.96
C VAL B 577 19.27 36.43 77.05
N PRO B 578 19.08 37.33 78.04
CA PRO B 578 19.99 38.48 78.20
C PRO B 578 21.47 38.13 78.06
N ASP B 579 22.20 39.01 77.36
CA ASP B 579 23.63 38.86 77.14
C ASP B 579 24.05 37.65 76.32
N GLU B 580 23.09 36.81 75.95
CA GLU B 580 23.37 35.63 75.16
C GLU B 580 22.92 35.84 73.73
N SER B 581 23.63 35.20 72.81
CA SER B 581 23.29 35.30 71.41
C SER B 581 21.90 34.71 71.24
N GLU B 582 21.26 34.96 70.10
CA GLU B 582 19.93 34.43 69.83
C GLU B 582 19.95 32.99 69.33
N VAL B 583 18.86 32.28 69.61
CA VAL B 583 18.72 30.89 69.17
C VAL B 583 17.55 30.87 68.18
N VAL B 584 17.88 30.95 66.89
CA VAL B 584 16.89 30.97 65.82
C VAL B 584 16.46 29.57 65.44
N VAL B 585 15.26 29.15 65.88
CA VAL B 585 14.74 27.83 65.55
C VAL B 585 13.76 27.93 64.38
N GLU B 586 14.02 27.17 63.33
CA GLU B 586 13.22 27.19 62.11
C GLU B 586 12.73 25.83 61.63
N ARG B 587 11.54 25.82 61.03
CA ARG B 587 10.95 24.60 60.50
C ARG B 587 9.80 24.88 59.54
N ASP B 588 9.94 24.39 58.31
CA ASP B 588 8.90 24.55 57.31
C ASP B 588 8.00 23.32 57.34
N ILE B 589 6.69 23.52 57.30
CA ILE B 589 5.76 22.40 57.32
C ILE B 589 4.96 22.31 56.03
N ILE B 590 4.54 21.11 55.68
CA ILE B 590 3.75 20.87 54.47
C ILE B 590 2.43 20.23 54.83
N LEU B 591 1.33 20.86 54.44
CA LEU B 591 0.00 20.33 54.70
C LEU B 591 -0.49 19.57 53.48
N ASP B 592 -0.98 18.35 53.70
CA ASP B 592 -1.49 17.51 52.63
C ASP B 592 -2.88 17.91 52.16
N ASN B 593 -3.12 17.79 50.86
CA ASN B 593 -4.42 18.10 50.30
C ASN B 593 -5.27 16.90 50.64
N PRO B 594 -6.60 17.07 50.76
CA PRO B 594 -7.40 15.88 51.07
C PRO B 594 -7.18 14.88 49.92
N THR B 595 -7.45 13.61 50.16
CA THR B 595 -7.24 12.57 49.16
C THR B 595 -8.11 12.67 47.91
N LEU B 596 -7.53 12.32 46.76
CA LEU B 596 -8.23 12.32 45.47
C LEU B 596 -7.97 10.91 44.95
N THR B 597 -9.00 10.20 44.54
CA THR B 597 -8.77 8.84 44.08
C THR B 597 -9.19 8.47 42.66
N LEU B 598 -8.46 7.51 42.09
CA LEU B 598 -8.73 7.01 40.75
C LEU B 598 -8.91 5.49 40.82
N GLU B 599 -9.88 4.98 40.06
CA GLU B 599 -10.19 3.56 40.04
C GLU B 599 -10.63 3.05 38.66
N VAL B 600 -10.17 1.87 38.28
CA VAL B 600 -10.57 1.25 37.01
C VAL B 600 -11.66 0.24 37.37
N LEU B 601 -12.82 0.34 36.71
CA LEU B 601 -13.93 -0.55 37.02
C LEU B 601 -13.98 -1.87 36.24
N ASN B 602 -13.01 -2.09 35.36
CA ASN B 602 -12.97 -3.32 34.57
C ASN B 602 -11.53 -3.64 34.24
N GLU B 603 -11.33 -4.67 33.43
CA GLU B 603 -9.98 -5.02 33.06
C GLU B 603 -9.53 -4.19 31.87
N ALA B 604 -8.37 -3.54 32.01
CA ALA B 604 -7.82 -2.68 30.96
C ALA B 604 -7.07 -3.47 29.89
N ARG B 605 -7.48 -3.27 28.64
CA ARG B 605 -6.85 -3.96 27.51
C ARG B 605 -6.76 -3.00 26.33
N VAL B 606 -5.71 -3.18 25.53
CA VAL B 606 -5.46 -2.34 24.36
C VAL B 606 -6.64 -2.26 23.41
N ARG B 607 -6.96 -1.03 22.99
CA ARG B 607 -8.05 -0.77 22.05
C ARG B 607 -9.46 -1.02 22.57
N LYS B 608 -9.59 -1.36 23.84
CA LYS B 608 -10.92 -1.59 24.42
C LYS B 608 -11.22 -0.58 25.54
N PRO B 609 -12.48 -0.13 25.62
CA PRO B 609 -12.91 0.83 26.63
C PRO B 609 -12.79 0.32 28.07
N VAL B 610 -12.38 1.22 28.96
CA VAL B 610 -12.23 0.90 30.36
C VAL B 610 -12.77 2.08 31.16
N ASN B 611 -13.85 1.85 31.89
CA ASN B 611 -14.48 2.90 32.69
C ASN B 611 -13.69 3.19 33.94
N VAL B 612 -13.53 4.47 34.23
CA VAL B 612 -12.79 4.93 35.40
C VAL B 612 -13.63 5.94 36.18
N GLN B 613 -13.29 6.13 37.45
CA GLN B 613 -14.01 7.10 38.26
C GLN B 613 -13.08 7.82 39.24
N MET B 614 -13.23 9.14 39.28
CA MET B 614 -12.47 10.00 40.17
C MET B 614 -13.33 10.10 41.42
N LEU B 615 -12.71 10.08 42.58
CA LEU B 615 -13.45 10.21 43.82
C LEU B 615 -12.83 11.28 44.70
N PHE B 616 -13.67 12.16 45.23
CA PHE B 616 -13.20 13.22 46.13
C PHE B 616 -14.24 13.51 47.22
N SER B 617 -13.74 13.79 48.42
CA SER B 617 -14.59 14.09 49.56
C SER B 617 -14.20 15.41 50.20
N ASN B 618 -15.19 16.30 50.31
CA ASN B 618 -14.97 17.61 50.89
C ASN B 618 -15.00 17.55 52.41
N PRO B 619 -13.83 17.70 53.05
CA PRO B 619 -13.66 17.66 54.50
C PRO B 619 -13.99 18.98 55.21
N LEU B 620 -14.25 20.04 54.44
CA LEU B 620 -14.54 21.34 55.02
C LEU B 620 -15.99 21.44 55.47
N ASP B 621 -16.32 22.52 56.19
CA ASP B 621 -17.68 22.75 56.67
C ASP B 621 -18.42 23.54 55.60
N GLU B 622 -17.66 24.16 54.71
CA GLU B 622 -18.28 24.93 53.62
C GLU B 622 -18.06 24.11 52.35
N PRO B 623 -18.90 24.32 51.34
CA PRO B 623 -18.73 23.56 50.10
C PRO B 623 -17.62 24.11 49.22
N VAL B 624 -17.06 23.25 48.39
CA VAL B 624 -16.02 23.64 47.44
C VAL B 624 -16.72 23.87 46.10
N ARG B 625 -16.30 24.91 45.40
CA ARG B 625 -16.91 25.23 44.12
C ARG B 625 -15.88 25.52 43.04
N ASP B 626 -16.31 25.45 41.79
CA ASP B 626 -15.45 25.66 40.62
C ASP B 626 -14.52 24.46 40.51
N CYS B 627 -15.12 23.29 40.59
CA CYS B 627 -14.37 22.04 40.54
C CYS B 627 -14.09 21.57 39.12
N VAL B 628 -12.81 21.47 38.79
CA VAL B 628 -12.38 21.03 37.47
C VAL B 628 -11.52 19.79 37.59
N LEU B 629 -11.83 18.77 36.79
CA LEU B 629 -11.03 17.56 36.81
C LEU B 629 -10.25 17.58 35.50
N MET B 630 -8.96 17.35 35.58
CA MET B 630 -8.09 17.28 34.40
C MET B 630 -7.45 15.90 34.41
N VAL B 631 -7.72 15.11 33.38
CA VAL B 631 -7.19 13.75 33.28
C VAL B 631 -6.37 13.53 32.00
N GLU B 632 -5.23 12.87 32.12
CA GLU B 632 -4.37 12.58 30.97
C GLU B 632 -3.47 11.37 31.21
N GLY B 633 -2.63 11.05 30.24
CA GLY B 633 -1.76 9.90 30.39
C GLY B 633 -1.55 9.24 29.05
N SER B 634 -0.31 9.26 28.58
CA SER B 634 0.05 8.69 27.29
C SER B 634 -0.20 7.20 27.18
N GLY B 635 -0.97 6.83 26.15
CA GLY B 635 -1.29 5.44 25.94
C GLY B 635 -2.65 5.09 26.51
N LEU B 636 -3.18 5.96 27.35
CA LEU B 636 -4.49 5.73 27.96
C LEU B 636 -5.49 6.73 27.41
N LEU B 637 -4.99 7.88 27.02
CA LEU B 637 -5.85 8.93 26.47
C LEU B 637 -5.14 9.72 25.41
N LEU B 638 -5.92 10.42 24.62
CA LEU B 638 -5.36 11.28 23.60
C LEU B 638 -5.57 12.66 24.19
N GLY B 639 -4.49 13.33 24.53
CA GLY B 639 -4.61 14.66 25.08
C GLY B 639 -5.04 14.71 26.54
N ASN B 640 -5.65 15.84 26.90
CA ASN B 640 -6.11 16.10 28.24
C ASN B 640 -7.62 16.12 28.29
N LEU B 641 -8.20 15.44 29.28
CA LEU B 641 -9.65 15.40 29.44
C LEU B 641 -10.09 16.37 30.53
N LYS B 642 -10.97 17.30 30.19
CA LYS B 642 -11.44 18.31 31.15
C LYS B 642 -12.88 18.01 31.55
N ILE B 643 -13.15 17.98 32.85
CA ILE B 643 -14.49 17.70 33.34
C ILE B 643 -14.94 18.62 34.48
N ASP B 644 -16.03 19.35 34.23
CA ASP B 644 -16.57 20.26 35.25
C ASP B 644 -17.33 19.43 36.27
N VAL B 645 -17.10 19.73 37.55
CA VAL B 645 -17.79 19.02 38.60
C VAL B 645 -18.58 20.03 39.40
N PRO B 646 -19.89 19.79 39.58
CA PRO B 646 -20.73 20.73 40.34
C PRO B 646 -20.29 20.89 41.78
N THR B 647 -20.73 22.00 42.38
CA THR B 647 -20.43 22.34 43.76
C THR B 647 -20.63 21.15 44.69
N LEU B 648 -19.57 20.79 45.41
CA LEU B 648 -19.63 19.68 46.34
C LEU B 648 -19.78 20.26 47.74
N GLY B 649 -20.86 19.88 48.41
CA GLY B 649 -21.09 20.42 49.75
C GLY B 649 -20.17 19.84 50.79
N PRO B 650 -20.27 20.32 52.03
CA PRO B 650 -19.44 19.83 53.13
C PRO B 650 -19.68 18.36 53.45
N LYS B 651 -18.60 17.67 53.76
CA LYS B 651 -18.63 16.26 54.11
C LYS B 651 -19.23 15.39 53.02
N GLU B 652 -19.46 15.97 51.85
CA GLU B 652 -20.03 15.22 50.73
C GLU B 652 -18.98 14.66 49.75
N ARG B 653 -19.38 13.69 48.94
CA ARG B 653 -18.44 13.07 48.02
C ARG B 653 -18.82 13.20 46.55
N SER B 654 -17.83 13.58 45.75
CA SER B 654 -18.03 13.72 44.31
C SER B 654 -17.67 12.38 43.67
N ARG B 655 -18.47 11.97 42.69
CA ARG B 655 -18.23 10.72 41.99
C ARG B 655 -18.31 10.95 40.49
N VAL B 656 -17.15 10.93 39.82
CA VAL B 656 -17.13 11.16 38.38
C VAL B 656 -16.66 9.94 37.62
N ARG B 657 -17.48 9.51 36.68
CA ARG B 657 -17.14 8.37 35.85
C ARG B 657 -16.77 8.85 34.46
N PHE B 658 -15.84 8.17 33.81
CA PHE B 658 -15.44 8.50 32.45
C PHE B 658 -14.71 7.30 31.85
N ASP B 659 -14.69 7.24 30.53
CA ASP B 659 -14.04 6.12 29.88
C ASP B 659 -12.77 6.55 29.15
N ILE B 660 -11.83 5.64 29.05
CA ILE B 660 -10.59 5.91 28.35
C ILE B 660 -10.37 4.74 27.42
N LEU B 661 -9.59 4.95 26.37
CA LEU B 661 -9.35 3.89 25.42
C LEU B 661 -7.85 3.72 25.25
N PRO B 662 -7.28 2.74 25.94
CA PRO B 662 -5.84 2.45 25.84
C PRO B 662 -5.44 2.30 24.38
N SER B 663 -4.26 2.76 24.02
CA SER B 663 -3.80 2.66 22.65
C SER B 663 -2.45 1.96 22.59
N ARG B 664 -1.92 1.62 23.76
CA ARG B 664 -0.63 0.94 23.88
C ARG B 664 -0.67 0.07 25.13
N SER B 665 -0.11 -1.14 25.05
CA SER B 665 -0.11 -2.04 26.21
C SER B 665 1.14 -1.89 27.07
N GLY B 666 1.05 -2.33 28.33
CA GLY B 666 2.18 -2.22 29.24
C GLY B 666 1.78 -1.40 30.47
N THR B 667 2.76 -1.02 31.29
CA THR B 667 2.49 -0.25 32.50
C THR B 667 2.28 1.23 32.20
N LYS B 668 1.02 1.66 32.18
CA LYS B 668 0.71 3.05 31.88
C LYS B 668 0.40 3.86 33.14
N GLN B 669 0.55 5.17 33.03
CA GLN B 669 0.33 6.05 34.17
C GLN B 669 -0.76 7.08 33.95
N LEU B 670 -1.90 6.89 34.60
CA LEU B 670 -3.01 7.84 34.50
C LEU B 670 -2.85 8.91 35.56
N LEU B 671 -2.76 10.18 35.14
CA LEU B 671 -2.62 11.31 36.07
C LEU B 671 -3.90 12.14 36.10
N ALA B 672 -4.16 12.79 37.24
CA ALA B 672 -5.37 13.60 37.41
C ALA B 672 -5.22 14.83 38.33
N ASP B 673 -5.79 15.95 37.92
CA ASP B 673 -5.74 17.18 38.72
C ASP B 673 -7.14 17.66 39.10
N PHE B 674 -7.36 17.85 40.39
CA PHE B 674 -8.66 18.33 40.85
C PHE B 674 -8.45 19.67 41.55
N SER B 675 -8.89 20.73 40.90
CA SER B 675 -8.76 22.07 41.44
C SER B 675 -10.13 22.67 41.68
N CYS B 676 -10.29 23.28 42.85
CA CYS B 676 -11.53 23.95 43.23
C CYS B 676 -11.13 25.21 44.01
N ASN B 677 -12.09 26.07 44.32
CA ASN B 677 -11.77 27.31 45.04
C ASN B 677 -11.03 27.14 46.37
N LYS B 678 -11.30 26.07 47.09
CA LYS B 678 -10.63 25.86 48.36
C LYS B 678 -9.43 24.92 48.27
N PHE B 679 -9.33 24.16 47.19
CA PHE B 679 -8.20 23.23 47.04
C PHE B 679 -7.59 23.24 45.64
N PRO B 680 -6.70 24.21 45.36
CA PRO B 680 -6.09 24.25 44.04
C PRO B 680 -5.13 23.10 43.86
N ALA B 681 -5.18 22.46 42.69
CA ALA B 681 -4.31 21.35 42.31
C ALA B 681 -4.10 20.19 43.27
N ILE B 682 -5.12 19.36 43.44
CA ILE B 682 -5.01 18.17 44.27
C ILE B 682 -4.66 17.13 43.21
N LYS B 683 -3.62 16.34 43.45
CA LYS B 683 -3.19 15.36 42.45
C LYS B 683 -3.55 13.92 42.79
N ALA B 684 -3.80 13.12 41.76
CA ALA B 684 -4.12 11.70 41.93
C ALA B 684 -3.35 10.97 40.84
N MET B 685 -2.76 9.83 41.21
CA MET B 685 -2.00 9.03 40.25
C MET B 685 -2.43 7.57 40.30
N LEU B 686 -2.58 6.94 39.14
CA LEU B 686 -2.98 5.55 39.09
C LEU B 686 -2.20 4.76 38.03
N SER B 687 -1.44 3.77 38.49
CA SER B 687 -0.67 2.95 37.57
C SER B 687 -1.58 1.89 36.97
N ILE B 688 -1.67 1.86 35.64
CA ILE B 688 -2.53 0.91 34.97
C ILE B 688 -1.75 -0.01 34.02
N ASP B 689 -1.98 -1.31 34.15
CA ASP B 689 -1.32 -2.27 33.28
C ASP B 689 -2.29 -2.70 32.19
N VAL B 690 -2.08 -2.17 30.98
CA VAL B 690 -2.92 -2.45 29.83
C VAL B 690 -2.49 -3.72 29.11
N ALA B 691 -3.41 -4.67 29.00
CA ALA B 691 -3.11 -5.93 28.32
C ALA B 691 -3.24 -5.76 26.81
N GLU B 692 -2.50 -6.57 26.07
CA GLU B 692 -2.54 -6.50 24.62
C GLU B 692 -3.86 -7.09 24.12
CA CA C . -10.81 -6.02 -41.74
CA CA D . 4.05 -15.59 -16.79
CA CA E . 1.51 -2.60 -21.12
CL CL F . -19.66 -23.20 -53.11
CL CL G . -21.64 -32.36 -30.22
CL CL H . -3.16 -38.56 -51.91
CL CL I . -1.08 -29.51 -30.22
BR BR J . -17.93 -18.99 -11.33
BR BR K . -15.25 -20.79 -4.96
BR BR L . 11.32 -24.39 -44.01
BR BR M . 19.93 -1.25 5.53
CA CA N . 14.03 31.87 26.84
CA CA O . 28.09 21.22 52.11
CA CA P . 26.20 35.05 47.67
CL CL Q . 5.13 14.73 15.14
CL CL R . 3.02 5.18 37.52
CL CL S . 22.78 -0.91 15.98
CL CL T . 23.40 8.08 38.60
BR BR U . 6.31 18.72 57.15
BR BR V . 9.22 13.87 7.16
BR BR W . 7.68 35.38 40.31
BR BR X . 8.70 16.79 63.33
BR BR Y . -11.54 -9.83 -10.84
#